data_9KCZ
#
_entry.id   9KCZ
#
_cell.length_a   102.121
_cell.length_b   99.372
_cell.length_c   102.279
_cell.angle_alpha   90.00
_cell.angle_beta   119.72
_cell.angle_gamma   90.00
#
_symmetry.space_group_name_H-M   'P 1 21 1'
#
loop_
_entity.id
_entity.type
_entity.pdbx_description
1 polymer '4-deoxy-L-threo-5-hexosulose-uronate ketol-isomerase'
2 non-polymer GLYCEROL
3 water water
#
_entity_poly.entity_id   1
_entity_poly.type   'polypeptide(L)'
_entity_poly.pdbx_seq_one_letter_code
;MKTNYEIRYAAHPEDAKSYDTTRIRRDFLIEKIFVPNEVNMVYSMYDRMVVGGALPVGEVLTLEAIDPLKAPFFLTRREM
GIYNVGGPGIVKAGDAEFELDYKEALYLGSGDRVVTFESKDAAHPAKFYFNSLTAHRNYPDRKVTKADAVVAEMGSLEGS
NHRNINKMLVNQVLPTCQLQMGMTELAPGSVWNTMPAHVHSRRMEAYFYFEIPEDHAICHFMGEVGETRHVWMKGDQAVL
SPEWSIHSAAATHNYTFIWGMGGENLDYGDQDFSLITDLKLEHHHHHH
;
_entity_poly.pdbx_strand_id   A,B,C,D,E,F
#
# COMPACT_ATOMS: atom_id res chain seq x y z
N MET A 1 -5.71 25.68 -7.55
CA MET A 1 -4.44 25.53 -6.79
C MET A 1 -4.54 24.29 -5.90
N LYS A 2 -3.54 23.42 -6.01
CA LYS A 2 -3.44 22.25 -5.13
C LYS A 2 -1.98 21.84 -5.03
N THR A 3 -1.53 21.51 -3.81
CA THR A 3 -0.20 20.98 -3.59
C THR A 3 -0.31 19.50 -3.24
N ASN A 4 0.42 18.64 -3.97
CA ASN A 4 0.59 17.24 -3.58
C ASN A 4 2.07 16.98 -3.30
N TYR A 5 2.34 16.18 -2.27
CA TYR A 5 3.70 15.75 -2.01
C TYR A 5 3.68 14.33 -1.47
N GLU A 6 4.82 13.64 -1.61
CA GLU A 6 5.03 12.37 -0.95
C GLU A 6 6.49 12.29 -0.50
N ILE A 7 6.69 11.57 0.62
CA ILE A 7 8.00 11.31 1.17
C ILE A 7 8.49 9.94 0.67
N ARG A 8 9.72 9.89 0.17
CA ARG A 8 10.30 8.63 -0.28
C ARG A 8 11.57 8.35 0.51
N TYR A 9 11.67 7.12 1.02
CA TYR A 9 12.78 6.73 1.88
C TYR A 9 13.98 6.41 1.01
N ALA A 10 15.16 6.46 1.63
CA ALA A 10 16.40 6.07 0.98
C ALA A 10 16.52 4.55 1.09
N ALA A 11 17.52 4.00 0.39
CA ALA A 11 17.66 2.55 0.32
C ALA A 11 19.13 2.17 0.29
N HIS A 12 19.37 0.89 0.61
CA HIS A 12 20.68 0.29 0.65
C HIS A 12 20.91 -0.41 -0.69
N PRO A 13 22.11 -0.28 -1.31
CA PRO A 13 22.40 -0.99 -2.57
C PRO A 13 22.18 -2.50 -2.51
N GLU A 14 22.48 -3.10 -1.36
CA GLU A 14 22.35 -4.54 -1.18
C GLU A 14 20.89 -4.98 -1.24
N ASP A 15 19.97 -4.09 -0.83
CA ASP A 15 18.55 -4.43 -0.89
C ASP A 15 17.99 -4.14 -2.28
N ALA A 16 18.42 -3.02 -2.88
CA ALA A 16 17.89 -2.55 -4.15
C ALA A 16 18.15 -3.55 -5.30
N LYS A 17 19.18 -4.39 -5.19
CA LYS A 17 19.50 -5.32 -6.26
C LYS A 17 18.39 -6.36 -6.46
N SER A 18 17.48 -6.51 -5.49
CA SER A 18 16.43 -7.51 -5.60
C SER A 18 15.10 -6.85 -6.00
N TYR A 19 15.08 -5.55 -6.27
CA TYR A 19 13.83 -4.86 -6.60
C TYR A 19 13.35 -5.30 -7.98
N ASP A 20 12.03 -5.44 -8.12
CA ASP A 20 11.42 -5.74 -9.40
C ASP A 20 11.06 -4.43 -10.09
N THR A 21 10.55 -4.50 -11.32
CA THR A 21 10.31 -3.30 -12.10
C THR A 21 9.34 -2.37 -11.36
N THR A 22 8.28 -2.94 -10.77
CA THR A 22 7.24 -2.17 -10.08
C THR A 22 7.84 -1.39 -8.91
N ARG A 23 8.72 -2.06 -8.14
CA ARG A 23 9.36 -1.45 -7.00
C ARG A 23 10.29 -0.31 -7.43
N ILE A 24 11.10 -0.54 -8.48
CA ILE A 24 12.00 0.48 -9.03
C ILE A 24 11.21 1.71 -9.44
N ARG A 25 10.13 1.51 -10.20
CA ARG A 25 9.31 2.63 -10.66
C ARG A 25 8.70 3.39 -9.47
N ARG A 26 8.19 2.65 -8.49
CA ARG A 26 7.57 3.25 -7.31
C ARG A 26 8.56 4.15 -6.55
N ASP A 27 9.82 3.70 -6.41
CA ASP A 27 10.74 4.38 -5.50
C ASP A 27 11.60 5.43 -6.20
N PHE A 28 11.96 5.23 -7.47
CA PHE A 28 12.94 6.08 -8.13
C PHE A 28 12.32 6.99 -9.18
N LEU A 29 11.26 6.52 -9.85
CA LEU A 29 10.67 7.26 -10.96
C LEU A 29 9.67 8.29 -10.42
N ILE A 30 9.70 9.48 -11.00
CA ILE A 30 8.72 10.52 -10.68
C ILE A 30 7.94 10.84 -11.96
N GLU A 31 6.71 10.31 -12.05
CA GLU A 31 5.94 10.33 -13.26
C GLU A 31 5.00 11.55 -13.33
N LYS A 32 4.58 12.08 -12.18
CA LYS A 32 3.54 13.10 -12.14
C LYS A 32 4.16 14.43 -11.70
N ILE A 33 4.78 15.13 -12.65
CA ILE A 33 5.47 16.38 -12.34
C ILE A 33 4.57 17.56 -12.71
N PHE A 34 3.97 17.51 -13.90
CA PHE A 34 3.18 18.60 -14.44
C PHE A 34 1.72 18.17 -14.53
N VAL A 35 0.88 18.84 -13.73
CA VAL A 35 -0.57 18.69 -13.78
C VAL A 35 -1.17 20.09 -13.65
N PRO A 36 -2.11 20.52 -14.53
CA PRO A 36 -2.60 21.89 -14.53
C PRO A 36 -2.97 22.43 -13.15
N ASN A 37 -2.34 23.55 -12.75
CA ASN A 37 -2.61 24.27 -11.53
C ASN A 37 -2.29 23.43 -10.29
N GLU A 38 -1.38 22.46 -10.42
CA GLU A 38 -0.85 21.74 -9.27
C GLU A 38 0.62 22.06 -9.09
N VAL A 39 1.07 22.03 -7.84
CA VAL A 39 2.48 21.88 -7.53
C VAL A 39 2.67 20.48 -6.97
N ASN A 40 3.45 19.65 -7.68
CA ASN A 40 3.65 18.26 -7.32
C ASN A 40 5.09 18.05 -6.89
N MET A 41 5.29 17.45 -5.72
CA MET A 41 6.61 17.38 -5.12
C MET A 41 6.89 15.99 -4.56
N VAL A 42 8.16 15.56 -4.67
CA VAL A 42 8.66 14.40 -3.97
C VAL A 42 9.74 14.88 -3.00
N TYR A 43 9.59 14.50 -1.71
CA TYR A 43 10.59 14.77 -0.69
C TYR A 43 11.43 13.51 -0.53
N SER A 44 12.68 13.55 -0.98
CA SER A 44 13.54 12.38 -0.97
C SER A 44 14.45 12.40 0.25
N MET A 45 14.54 11.26 0.94
CA MET A 45 15.44 11.13 2.09
C MET A 45 16.89 10.99 1.63
N TYR A 46 17.14 10.93 0.31
CA TYR A 46 18.49 11.16 -0.20
C TYR A 46 18.77 12.67 -0.15
N ASP A 47 19.48 13.09 0.91
CA ASP A 47 19.90 14.47 1.10
C ASP A 47 18.73 15.45 1.23
N ARG A 48 17.53 14.94 1.52
CA ARG A 48 16.35 15.78 1.71
C ARG A 48 16.12 16.65 0.48
N MET A 49 16.37 16.11 -0.72
CA MET A 49 16.08 16.82 -1.93
C MET A 49 14.58 16.80 -2.19
N VAL A 50 14.02 17.98 -2.50
CA VAL A 50 12.66 18.10 -3.01
C VAL A 50 12.76 18.27 -4.51
N VAL A 51 12.08 17.37 -5.24
CA VAL A 51 11.94 17.45 -6.69
C VAL A 51 10.49 17.75 -7.00
N GLY A 52 10.23 18.76 -7.85
CA GLY A 52 8.85 19.14 -8.12
C GLY A 52 8.65 19.82 -9.46
N GLY A 53 7.36 20.00 -9.80
CA GLY A 53 6.94 20.71 -10.99
C GLY A 53 5.69 21.54 -10.69
N ALA A 54 5.57 22.69 -11.36
CA ALA A 54 4.40 23.55 -11.25
C ALA A 54 3.93 23.95 -12.65
N LEU A 55 2.62 23.85 -12.89
CA LEU A 55 2.06 24.05 -14.22
C LEU A 55 0.90 25.05 -14.14
N PRO A 56 1.18 26.37 -14.21
CA PRO A 56 0.11 27.36 -14.06
C PRO A 56 -0.69 27.54 -15.35
N VAL A 57 -2.02 27.37 -15.23
CA VAL A 57 -2.92 27.44 -16.37
C VAL A 57 -4.13 28.27 -15.97
N GLY A 58 -3.98 29.60 -16.05
CA GLY A 58 -5.05 30.52 -15.70
C GLY A 58 -5.09 30.82 -14.20
N GLU A 59 -4.03 30.46 -13.47
CA GLU A 59 -3.92 30.74 -12.04
C GLU A 59 -2.47 31.03 -11.70
N VAL A 60 -2.27 31.75 -10.60
CA VAL A 60 -0.98 31.91 -9.96
C VAL A 60 -0.85 30.82 -8.90
N LEU A 61 0.24 30.04 -8.95
CA LEU A 61 0.43 28.93 -8.03
C LEU A 61 1.41 29.34 -6.94
N THR A 62 1.09 28.96 -5.70
CA THR A 62 1.92 29.27 -4.53
C THR A 62 2.74 28.04 -4.17
N LEU A 63 4.02 28.26 -3.88
CA LEU A 63 4.89 27.22 -3.35
C LEU A 63 4.64 27.11 -1.85
N GLU A 64 3.95 26.04 -1.44
CA GLU A 64 3.49 25.89 -0.06
C GLU A 64 4.55 25.17 0.77
N ALA A 65 4.64 25.55 2.05
CA ALA A 65 5.56 24.94 2.99
C ALA A 65 4.99 23.62 3.48
N ILE A 66 5.27 22.53 2.76
CA ILE A 66 4.70 21.23 3.07
C ILE A 66 5.21 20.78 4.44
N ASP A 67 4.45 19.88 5.06
CA ASP A 67 4.61 19.52 6.46
C ASP A 67 6.07 19.14 6.79
N PRO A 68 6.73 18.24 6.02
CA PRO A 68 8.07 17.79 6.37
C PRO A 68 9.15 18.89 6.43
N LEU A 69 8.84 20.10 5.93
CA LEU A 69 9.78 21.21 6.01
C LEU A 69 9.74 21.84 7.40
N LYS A 70 8.63 21.67 8.12
CA LYS A 70 8.51 22.16 9.48
C LYS A 70 8.95 23.63 9.54
N ALA A 71 8.41 24.43 8.61
CA ALA A 71 8.80 25.83 8.47
C ALA A 71 7.60 26.64 7.97
N PRO A 72 7.53 27.95 8.29
CA PRO A 72 6.41 28.78 7.85
C PRO A 72 6.42 29.11 6.36
N PHE A 73 7.61 29.10 5.74
CA PHE A 73 7.75 29.32 4.31
C PHE A 73 8.65 28.23 3.73
N PHE A 74 8.41 27.89 2.47
CA PHE A 74 9.16 26.82 1.80
C PHE A 74 10.65 27.11 1.87
N LEU A 75 11.04 28.38 1.67
CA LEU A 75 12.44 28.74 1.60
C LEU A 75 12.98 29.30 2.92
N THR A 76 12.26 29.15 4.03
CA THR A 76 12.71 29.62 5.33
C THR A 76 14.19 29.25 5.53
N ARG A 77 14.52 27.97 5.33
CA ARG A 77 15.90 27.52 5.47
C ARG A 77 16.22 26.55 4.32
N ARG A 78 15.85 26.96 3.11
CA ARG A 78 16.06 26.18 1.91
C ARG A 78 16.47 27.10 0.78
N GLU A 79 17.12 26.50 -0.22
CA GLU A 79 17.40 27.12 -1.50
C GLU A 79 16.80 26.23 -2.59
N MET A 80 16.64 26.79 -3.79
CA MET A 80 16.04 26.04 -4.88
C MET A 80 16.51 26.60 -6.22
N GLY A 81 16.58 25.70 -7.20
CA GLY A 81 16.83 26.03 -8.58
C GLY A 81 15.63 25.63 -9.44
N ILE A 82 15.18 26.57 -10.28
CA ILE A 82 13.99 26.42 -11.09
C ILE A 82 14.38 26.52 -12.57
N TYR A 83 13.87 25.60 -13.39
CA TYR A 83 13.96 25.72 -14.85
C TYR A 83 12.56 25.79 -15.44
N ASN A 84 12.36 26.65 -16.45
CA ASN A 84 11.17 26.63 -17.27
C ASN A 84 11.40 25.74 -18.48
N VAL A 85 10.56 24.70 -18.64
CA VAL A 85 10.66 23.83 -19.80
C VAL A 85 9.37 23.89 -20.60
N GLY A 86 8.67 25.04 -20.52
CA GLY A 86 7.46 25.26 -21.30
C GLY A 86 7.42 26.67 -21.89
N GLY A 87 6.23 27.28 -21.90
CA GLY A 87 6.07 28.62 -22.43
C GLY A 87 6.53 29.70 -21.46
N PRO A 88 6.59 30.98 -21.90
CA PRO A 88 7.07 32.07 -21.07
C PRO A 88 6.28 32.22 -19.76
N GLY A 89 7.02 32.46 -18.66
CA GLY A 89 6.40 32.53 -17.34
C GLY A 89 7.12 33.53 -16.44
N ILE A 90 6.58 33.69 -15.22
CA ILE A 90 7.12 34.60 -14.23
C ILE A 90 7.18 33.89 -12.87
N VAL A 91 8.33 34.02 -12.19
CA VAL A 91 8.46 33.59 -10.81
C VAL A 91 8.59 34.83 -9.92
N LYS A 92 7.76 34.89 -8.86
CA LYS A 92 7.89 35.94 -7.86
C LYS A 92 8.36 35.33 -6.56
N ALA A 93 9.26 36.05 -5.86
CA ALA A 93 9.75 35.67 -4.54
C ALA A 93 9.85 36.92 -3.69
N GLY A 94 8.93 37.09 -2.74
CA GLY A 94 8.77 38.37 -2.09
C GLY A 94 8.45 39.45 -3.13
N ASP A 95 9.25 40.52 -3.15
CA ASP A 95 9.03 41.62 -4.07
C ASP A 95 9.88 41.45 -5.34
N ALA A 96 10.81 40.49 -5.31
CA ALA A 96 11.60 40.15 -6.50
C ALA A 96 10.72 39.41 -7.50
N GLU A 97 11.01 39.63 -8.79
CA GLU A 97 10.19 39.11 -9.87
C GLU A 97 11.11 38.79 -11.05
N PHE A 98 10.96 37.58 -11.60
CA PHE A 98 11.84 37.13 -12.66
C PHE A 98 11.02 36.57 -13.82
N GLU A 99 11.42 36.95 -15.05
CA GLU A 99 10.83 36.40 -16.26
C GLU A 99 11.71 35.25 -16.74
N LEU A 100 11.08 34.09 -16.93
CA LEU A 100 11.76 32.89 -17.42
C LEU A 100 11.06 32.42 -18.68
N ASP A 101 11.83 32.30 -19.77
CA ASP A 101 11.40 31.65 -20.98
C ASP A 101 11.98 30.24 -21.02
N TYR A 102 11.64 29.50 -22.08
CA TYR A 102 12.06 28.13 -22.29
C TYR A 102 13.56 28.01 -22.03
N LYS A 103 13.91 27.06 -21.15
CA LYS A 103 15.28 26.60 -20.94
C LYS A 103 16.09 27.61 -20.12
N GLU A 104 15.41 28.58 -19.50
CA GLU A 104 16.09 29.51 -18.60
C GLU A 104 15.87 29.04 -17.16
N ALA A 105 16.78 29.47 -16.27
CA ALA A 105 16.84 28.95 -14.91
C ALA A 105 16.97 30.09 -13.91
N LEU A 106 16.67 29.76 -12.65
CA LEU A 106 16.59 30.72 -11.56
C LEU A 106 16.99 30.04 -10.26
N TYR A 107 17.95 30.63 -9.54
CA TYR A 107 18.27 30.25 -8.18
C TYR A 107 17.57 31.22 -7.23
N LEU A 108 16.87 30.67 -6.21
CA LEU A 108 16.33 31.46 -5.12
C LEU A 108 16.96 31.02 -3.81
N GLY A 109 17.38 32.02 -3.00
CA GLY A 109 18.02 31.76 -1.72
C GLY A 109 17.00 31.80 -0.57
N SER A 110 17.49 31.43 0.63
CA SER A 110 16.64 31.28 1.79
C SER A 110 16.07 32.63 2.23
N GLY A 111 15.04 32.56 3.06
CA GLY A 111 14.31 33.74 3.50
C GLY A 111 12.82 33.47 3.58
N ASP A 112 12.15 34.20 4.48
CA ASP A 112 10.71 34.09 4.63
C ASP A 112 10.05 34.92 3.53
N ARG A 113 9.95 34.32 2.35
CA ARG A 113 9.36 34.97 1.18
C ARG A 113 8.33 34.04 0.55
N VAL A 114 7.22 34.64 0.10
CA VAL A 114 6.21 33.93 -0.67
C VAL A 114 6.76 33.72 -2.09
N VAL A 115 6.72 32.47 -2.56
CA VAL A 115 7.16 32.15 -3.92
C VAL A 115 5.92 31.76 -4.74
N THR A 116 5.75 32.37 -5.91
CA THR A 116 4.62 32.07 -6.78
C THR A 116 5.10 31.86 -8.21
N PHE A 117 4.37 31.00 -8.93
CA PHE A 117 4.63 30.66 -10.32
C PHE A 117 3.43 31.06 -11.19
N GLU A 118 3.69 31.61 -12.38
CA GLU A 118 2.61 31.98 -13.28
C GLU A 118 3.07 31.91 -14.74
N SER A 119 2.10 31.71 -15.64
CA SER A 119 2.33 31.72 -17.07
C SER A 119 1.83 33.05 -17.64
N LYS A 120 2.51 33.55 -18.67
CA LYS A 120 2.10 34.79 -19.34
C LYS A 120 0.87 34.52 -20.19
N ASP A 121 0.78 33.32 -20.76
CA ASP A 121 -0.33 32.92 -21.59
C ASP A 121 -0.75 31.50 -21.20
N ALA A 122 -2.02 31.33 -20.80
CA ALA A 122 -2.56 30.06 -20.37
C ALA A 122 -2.63 29.06 -21.53
N ALA A 123 -2.56 29.58 -22.77
CA ALA A 123 -2.56 28.74 -23.96
C ALA A 123 -1.19 28.11 -24.19
N HIS A 124 -0.12 28.75 -23.67
CA HIS A 124 1.23 28.24 -23.80
C HIS A 124 1.87 28.21 -22.41
N PRO A 125 1.41 27.32 -21.51
CA PRO A 125 1.75 27.45 -20.09
C PRO A 125 3.23 27.23 -19.80
N ALA A 126 3.73 27.93 -18.78
CA ALA A 126 5.06 27.68 -18.24
C ALA A 126 5.07 26.33 -17.55
N LYS A 127 6.20 25.61 -17.67
CA LYS A 127 6.42 24.35 -16.98
C LYS A 127 7.65 24.45 -16.09
N PHE A 128 7.43 24.75 -14.81
CA PHE A 128 8.52 25.01 -13.89
C PHE A 128 8.93 23.72 -13.18
N TYR A 129 10.13 23.22 -13.52
CA TYR A 129 10.75 22.09 -12.84
C TYR A 129 11.75 22.63 -11.83
N PHE A 130 11.77 22.06 -10.62
CA PHE A 130 12.67 22.58 -9.60
C PHE A 130 13.24 21.45 -8.74
N ASN A 131 14.46 21.71 -8.23
CA ASN A 131 15.07 20.95 -7.16
C ASN A 131 15.36 21.89 -5.99
N SER A 132 15.26 21.38 -4.76
CA SER A 132 15.53 22.18 -3.57
C SER A 132 16.26 21.36 -2.51
N LEU A 133 17.19 22.03 -1.83
CA LEU A 133 17.95 21.45 -0.72
C LEU A 133 17.98 22.44 0.44
N THR A 134 18.34 21.93 1.63
CA THR A 134 18.41 22.77 2.82
C THR A 134 19.51 23.82 2.61
N ALA A 135 19.35 24.95 3.32
CA ALA A 135 20.26 26.08 3.19
C ALA A 135 20.35 26.79 4.54
N HIS A 136 21.54 26.74 5.16
CA HIS A 136 21.75 27.26 6.49
C HIS A 136 22.07 28.76 6.44
N ARG A 137 22.28 29.30 5.24
CA ARG A 137 22.40 30.74 5.07
C ARG A 137 21.88 31.16 3.70
N ASN A 138 21.56 32.46 3.58
CA ASN A 138 21.11 33.04 2.33
C ASN A 138 22.28 33.28 1.38
N TYR A 139 22.03 33.08 0.08
CA TYR A 139 22.83 33.62 -1.00
C TYR A 139 21.89 34.33 -1.98
N PRO A 140 22.37 35.36 -2.73
CA PRO A 140 21.49 36.12 -3.60
C PRO A 140 20.82 35.31 -4.70
N ASP A 141 19.61 35.74 -5.09
CA ASP A 141 18.91 35.19 -6.23
C ASP A 141 19.72 35.49 -7.49
N ARG A 142 19.61 34.61 -8.50
CA ARG A 142 20.15 34.92 -9.81
C ARG A 142 19.41 34.14 -10.89
N LYS A 143 18.94 34.88 -11.90
CA LYS A 143 18.49 34.29 -13.14
C LYS A 143 19.72 33.92 -13.96
N VAL A 144 19.73 32.71 -14.52
CA VAL A 144 20.86 32.20 -15.27
C VAL A 144 20.34 31.53 -16.54
N THR A 145 20.85 31.98 -17.69
CA THR A 145 20.52 31.40 -18.98
C THR A 145 21.74 30.66 -19.51
N LYS A 146 21.59 30.00 -20.66
CA LYS A 146 22.69 29.32 -21.32
C LYS A 146 23.82 30.30 -21.60
N ALA A 147 23.49 31.58 -21.80
CA ALA A 147 24.48 32.61 -22.11
C ALA A 147 25.48 32.78 -20.97
N ASP A 148 25.04 32.50 -19.73
CA ASP A 148 25.88 32.70 -18.55
C ASP A 148 26.56 31.40 -18.12
N ALA A 149 26.41 30.33 -18.91
CA ALA A 149 26.78 28.99 -18.49
C ALA A 149 28.21 28.65 -18.89
N VAL A 150 28.83 27.76 -18.13
CA VAL A 150 30.06 27.09 -18.55
C VAL A 150 29.66 25.89 -19.41
N VAL A 151 29.97 25.97 -20.70
CA VAL A 151 29.56 24.97 -21.68
C VAL A 151 30.74 24.03 -21.94
N ALA A 152 30.43 22.72 -22.08
CA ALA A 152 31.43 21.72 -22.42
C ALA A 152 30.86 20.76 -23.45
N GLU A 153 31.55 20.65 -24.59
CA GLU A 153 31.15 19.76 -25.68
C GLU A 153 31.77 18.39 -25.45
N MET A 154 30.95 17.33 -25.59
CA MET A 154 31.39 15.97 -25.32
C MET A 154 30.86 15.01 -26.38
N GLY A 155 31.56 13.90 -26.56
CA GLY A 155 31.05 12.77 -27.32
C GLY A 155 31.17 13.01 -28.82
N SER A 156 30.53 12.13 -29.60
CA SER A 156 30.73 12.09 -31.04
C SER A 156 29.54 11.42 -31.72
N LEU A 157 29.51 11.56 -33.05
CA LEU A 157 28.53 10.90 -33.91
C LEU A 157 28.62 9.39 -33.76
N GLU A 158 29.85 8.85 -33.88
CA GLU A 158 30.12 7.43 -33.81
C GLU A 158 29.52 6.84 -32.53
N GLY A 159 29.77 7.49 -31.39
CA GLY A 159 29.34 6.99 -30.09
C GLY A 159 27.89 7.36 -29.74
N SER A 160 27.20 8.06 -30.68
CA SER A 160 25.83 8.50 -30.49
C SER A 160 25.65 9.19 -29.14
N ASN A 161 26.61 10.05 -28.77
CA ASN A 161 26.61 10.72 -27.48
C ASN A 161 27.08 12.18 -27.60
N HIS A 162 26.96 12.77 -28.79
CA HIS A 162 27.36 14.16 -28.98
C HIS A 162 26.38 15.06 -28.24
N ARG A 163 26.91 15.92 -27.36
CA ARG A 163 26.06 16.71 -26.47
C ARG A 163 26.80 17.92 -25.94
N ASN A 164 26.03 18.96 -25.57
CA ASN A 164 26.55 20.13 -24.88
C ASN A 164 26.06 20.16 -23.44
N ILE A 165 27.01 20.14 -22.50
CA ILE A 165 26.74 20.28 -21.08
C ILE A 165 26.78 21.75 -20.71
N ASN A 166 25.61 22.31 -20.33
CA ASN A 166 25.48 23.67 -19.85
C ASN A 166 25.45 23.69 -18.33
N LYS A 167 26.59 24.07 -17.73
CA LYS A 167 26.73 24.12 -16.28
C LYS A 167 26.27 25.49 -15.81
N MET A 168 25.10 25.56 -15.14
CA MET A 168 24.38 26.81 -15.01
C MET A 168 24.33 27.24 -13.55
N LEU A 169 23.56 26.52 -12.72
CA LEU A 169 23.51 26.83 -11.30
C LEU A 169 24.63 26.06 -10.61
N VAL A 170 25.87 26.47 -10.91
CA VAL A 170 27.07 25.80 -10.43
C VAL A 170 27.99 26.81 -9.75
N ASN A 171 29.00 26.28 -9.03
CA ASN A 171 29.85 27.06 -8.15
C ASN A 171 30.67 28.08 -8.93
N GLN A 172 31.02 27.74 -10.18
CA GLN A 172 31.79 28.62 -11.04
C GLN A 172 30.96 29.83 -11.48
N VAL A 173 29.64 29.73 -11.36
CA VAL A 173 28.74 30.76 -11.84
C VAL A 173 28.27 31.60 -10.67
N LEU A 174 27.72 30.94 -9.64
CA LEU A 174 27.13 31.66 -8.53
C LEU A 174 27.32 30.86 -7.23
N PRO A 175 27.35 31.55 -6.06
CA PRO A 175 27.38 30.87 -4.78
C PRO A 175 26.04 30.25 -4.39
N THR A 176 26.10 28.99 -3.92
CA THR A 176 24.96 28.33 -3.30
C THR A 176 25.47 27.55 -2.09
N CYS A 177 24.56 27.15 -1.20
CA CYS A 177 24.90 26.35 -0.05
C CYS A 177 25.38 24.96 -0.47
N GLN A 178 24.57 24.25 -1.27
CA GLN A 178 24.88 22.88 -1.68
C GLN A 178 24.27 22.51 -3.05
N LEU A 179 23.17 23.16 -3.46
CA LEU A 179 22.52 22.83 -4.72
C LEU A 179 23.37 23.22 -5.92
N GLN A 180 23.56 22.27 -6.84
CA GLN A 180 24.13 22.51 -8.16
C GLN A 180 23.16 21.95 -9.22
N MET A 181 22.95 22.70 -10.31
CA MET A 181 22.11 22.23 -11.40
C MET A 181 22.68 22.68 -12.74
N GLY A 182 22.34 21.89 -13.77
CA GLY A 182 22.73 22.18 -15.13
C GLY A 182 21.80 21.46 -16.10
N MET A 183 22.12 21.59 -17.40
CA MET A 183 21.26 21.15 -18.48
C MET A 183 22.13 20.67 -19.64
N THR A 184 21.88 19.44 -20.11
CA THR A 184 22.70 18.82 -21.15
C THR A 184 21.81 18.49 -22.35
N GLU A 185 22.27 18.89 -23.55
CA GLU A 185 21.49 18.80 -24.78
C GLU A 185 22.19 17.84 -25.75
N LEU A 186 21.53 16.72 -26.08
CA LEU A 186 22.02 15.76 -27.04
C LEU A 186 21.76 16.27 -28.46
N ALA A 187 22.75 16.10 -29.33
CA ALA A 187 22.65 16.47 -30.74
C ALA A 187 21.75 15.48 -31.48
N PRO A 188 21.12 15.87 -32.61
CA PRO A 188 20.29 14.96 -33.38
C PRO A 188 21.02 13.65 -33.68
N GLY A 189 20.36 12.52 -33.43
CA GLY A 189 20.92 11.20 -33.69
C GLY A 189 21.83 10.68 -32.58
N SER A 190 22.04 11.48 -31.52
CA SER A 190 22.73 11.03 -30.33
C SER A 190 21.70 10.73 -29.24
N VAL A 191 21.90 9.61 -28.52
CA VAL A 191 20.91 9.12 -27.57
C VAL A 191 21.54 8.78 -26.22
N TRP A 192 22.88 8.67 -26.17
CA TRP A 192 23.57 8.27 -24.95
C TRP A 192 23.98 9.49 -24.14
N ASN A 193 23.63 9.45 -22.86
CA ASN A 193 24.29 10.26 -21.85
C ASN A 193 25.29 9.37 -21.12
N THR A 194 26.57 9.52 -21.49
CA THR A 194 27.66 8.76 -20.91
C THR A 194 28.03 9.39 -19.58
N MET A 204 23.71 11.99 -4.27
CA MET A 204 22.46 11.70 -5.02
C MET A 204 22.28 12.76 -6.10
N GLU A 205 21.72 12.33 -7.24
CA GLU A 205 21.43 13.23 -8.35
C GLU A 205 20.00 12.95 -8.82
N ALA A 206 19.31 14.01 -9.24
CA ALA A 206 18.03 13.89 -9.90
C ALA A 206 18.19 14.23 -11.37
N TYR A 207 17.59 13.41 -12.25
CA TYR A 207 17.61 13.65 -13.68
C TYR A 207 16.18 13.85 -14.18
N PHE A 208 15.98 14.90 -14.95
CA PHE A 208 14.69 15.21 -15.57
C PHE A 208 14.89 15.32 -17.08
N TYR A 209 14.08 14.58 -17.85
CA TYR A 209 14.23 14.49 -19.29
C TYR A 209 13.08 15.22 -19.97
N PHE A 210 13.39 15.91 -21.08
CA PHE A 210 12.37 16.61 -21.86
C PHE A 210 12.89 16.87 -23.27
N GLU A 211 12.09 17.59 -24.06
CA GLU A 211 12.40 17.91 -25.44
C GLU A 211 12.65 16.61 -26.21
N ILE A 212 11.75 15.65 -26.01
CA ILE A 212 11.75 14.39 -26.73
C ILE A 212 10.31 14.12 -27.14
N PRO A 213 10.03 13.65 -28.37
CA PRO A 213 8.65 13.41 -28.79
C PRO A 213 7.95 12.36 -27.94
N GLU A 214 6.62 12.45 -27.89
CA GLU A 214 5.81 11.73 -26.92
C GLU A 214 5.80 10.23 -27.20
N ASP A 215 6.08 9.83 -28.45
CA ASP A 215 6.08 8.43 -28.83
C ASP A 215 7.43 7.77 -28.56
N HIS A 216 8.42 8.52 -28.10
CA HIS A 216 9.75 7.99 -27.83
C HIS A 216 9.96 7.77 -26.32
N ALA A 217 11.05 7.10 -25.96
CA ALA A 217 11.29 6.74 -24.57
C ALA A 217 12.76 6.86 -24.20
N ILE A 218 13.03 6.95 -22.89
CA ILE A 218 14.37 6.96 -22.34
C ILE A 218 14.56 5.73 -21.43
N CYS A 219 15.63 4.97 -21.67
CA CYS A 219 16.05 3.93 -20.77
C CYS A 219 17.10 4.51 -19.82
N HIS A 220 16.70 4.76 -18.57
CA HIS A 220 17.61 5.31 -17.58
C HIS A 220 18.16 4.17 -16.72
N PHE A 221 19.50 4.08 -16.66
CA PHE A 221 20.17 2.98 -15.98
C PHE A 221 20.43 3.38 -14.52
N MET A 222 20.48 2.36 -13.65
CA MET A 222 20.78 2.56 -12.25
C MET A 222 21.39 1.29 -11.69
N GLY A 223 21.68 1.28 -10.38
CA GLY A 223 22.23 0.12 -9.71
C GLY A 223 23.75 0.20 -9.66
N GLU A 224 24.36 -0.80 -9.02
CA GLU A 224 25.81 -0.87 -8.91
C GLU A 224 26.38 -1.46 -10.20
N VAL A 225 27.66 -1.17 -10.46
CA VAL A 225 28.37 -1.72 -11.60
C VAL A 225 28.41 -3.24 -11.45
N GLY A 226 28.07 -3.96 -12.53
CA GLY A 226 28.01 -5.41 -12.50
C GLY A 226 26.67 -5.95 -12.02
N GLU A 227 25.77 -5.06 -11.57
CA GLU A 227 24.43 -5.46 -11.18
C GLU A 227 23.45 -4.36 -11.59
N THR A 228 23.50 -3.98 -12.86
CA THR A 228 22.77 -2.82 -13.34
C THR A 228 21.32 -3.19 -13.61
N ARG A 229 20.44 -2.21 -13.42
CA ARG A 229 19.01 -2.30 -13.71
C ARG A 229 18.66 -1.08 -14.55
N HIS A 230 17.39 -0.97 -14.97
CA HIS A 230 17.00 0.21 -15.72
C HIS A 230 15.55 0.56 -15.42
N VAL A 231 15.14 1.75 -15.86
CA VAL A 231 13.75 2.19 -15.79
C VAL A 231 13.40 2.94 -17.08
N TRP A 232 12.26 2.58 -17.68
CA TRP A 232 11.80 3.22 -18.90
C TRP A 232 11.02 4.48 -18.57
N MET A 233 11.40 5.59 -19.21
CA MET A 233 10.87 6.91 -18.87
C MET A 233 10.34 7.60 -20.13
N LYS A 234 9.49 8.61 -19.88
CA LYS A 234 8.95 9.47 -20.92
C LYS A 234 9.47 10.88 -20.67
N GLY A 235 9.34 11.75 -21.68
CA GLY A 235 9.61 13.17 -21.48
C GLY A 235 8.74 13.73 -20.36
N ASP A 236 9.28 14.71 -19.64
CA ASP A 236 8.60 15.41 -18.56
C ASP A 236 8.50 14.51 -17.32
N GLN A 237 9.41 13.55 -17.20
CA GLN A 237 9.52 12.69 -16.03
C GLN A 237 10.93 12.81 -15.44
N ALA A 238 11.04 12.55 -14.13
CA ALA A 238 12.31 12.66 -13.44
C ALA A 238 12.62 11.34 -12.73
N VAL A 239 13.89 11.17 -12.35
CA VAL A 239 14.33 9.98 -11.66
C VAL A 239 15.37 10.36 -10.61
N LEU A 240 15.27 9.70 -9.44
CA LEU A 240 16.22 9.84 -8.36
C LEU A 240 17.34 8.82 -8.58
N SER A 241 18.59 9.30 -8.53
CA SER A 241 19.74 8.44 -8.72
C SER A 241 20.60 8.46 -7.45
N PRO A 242 20.56 7.38 -6.63
CA PRO A 242 21.34 7.32 -5.40
C PRO A 242 22.85 7.47 -5.59
N GLU A 243 23.52 7.95 -4.52
CA GLU A 243 24.96 8.06 -4.44
C GLU A 243 25.65 6.75 -4.86
N TRP A 244 25.06 5.60 -4.50
CA TRP A 244 25.63 4.30 -4.81
C TRP A 244 25.28 3.79 -6.22
N SER A 245 24.52 4.56 -7.01
CA SER A 245 24.01 4.10 -8.30
C SER A 245 24.72 4.76 -9.48
N ILE A 246 24.79 4.05 -10.61
CA ILE A 246 25.22 4.63 -11.89
C ILE A 246 24.05 5.45 -12.43
N HIS A 247 24.26 6.20 -13.52
CA HIS A 247 23.22 7.11 -14.00
C HIS A 247 23.28 7.37 -15.51
N SER A 248 23.66 6.36 -16.31
CA SER A 248 23.62 6.48 -17.76
C SER A 248 22.18 6.49 -18.27
N ALA A 249 21.99 6.94 -19.51
CA ALA A 249 20.70 6.84 -20.17
C ALA A 249 20.89 6.62 -21.67
N ALA A 250 19.99 5.81 -22.26
CA ALA A 250 19.86 5.68 -23.69
C ALA A 250 18.39 5.86 -24.08
N ALA A 251 18.13 6.84 -24.94
CA ALA A 251 16.78 7.10 -25.43
C ALA A 251 16.64 6.58 -26.87
N THR A 252 15.40 6.63 -27.39
CA THR A 252 15.11 6.19 -28.74
C THR A 252 15.12 7.37 -29.71
N HIS A 253 15.56 8.54 -29.21
CA HIS A 253 15.61 9.81 -29.93
C HIS A 253 16.45 10.76 -29.07
N ASN A 254 17.00 11.84 -29.64
CA ASN A 254 17.76 12.80 -28.84
C ASN A 254 16.80 13.53 -27.89
N TYR A 255 17.38 14.21 -26.89
CA TYR A 255 16.62 14.80 -25.81
C TYR A 255 17.50 15.84 -25.12
N THR A 256 16.91 16.57 -24.18
CA THR A 256 17.64 17.39 -23.22
C THR A 256 17.33 16.87 -21.83
N PHE A 257 18.26 17.05 -20.89
CA PHE A 257 17.93 16.73 -19.50
C PHE A 257 18.54 17.77 -18.57
N ILE A 258 17.84 17.94 -17.45
CA ILE A 258 18.29 18.76 -16.35
C ILE A 258 18.83 17.81 -15.29
N TRP A 259 19.96 18.20 -14.69
CA TRP A 259 20.53 17.45 -13.58
C TRP A 259 20.68 18.36 -12.37
N GLY A 260 20.52 17.76 -11.19
CA GLY A 260 20.63 18.45 -9.93
C GLY A 260 21.18 17.54 -8.85
N MET A 261 21.90 18.14 -7.89
CA MET A 261 22.64 17.38 -6.89
C MET A 261 22.93 18.24 -5.67
N GLY A 262 23.17 17.57 -4.54
CA GLY A 262 23.46 18.22 -3.27
C GLY A 262 24.50 17.44 -2.47
N GLY A 263 24.55 17.70 -1.16
CA GLY A 263 25.35 16.91 -0.24
C GLY A 263 26.83 17.27 -0.32
N GLU A 264 27.68 16.25 -0.10
CA GLU A 264 29.12 16.38 -0.21
C GLU A 264 29.58 15.50 -1.40
N MET B 1 -0.32 2.38 -20.57
CA MET B 1 -1.67 2.98 -20.79
C MET B 1 -1.68 3.75 -22.10
N LYS B 2 -2.82 3.65 -22.82
CA LYS B 2 -3.04 4.39 -24.05
C LYS B 2 -4.48 4.90 -24.08
N THR B 3 -4.67 6.13 -24.61
CA THR B 3 -6.00 6.67 -24.86
C THR B 3 -6.22 6.74 -26.37
N ASN B 4 -7.32 6.14 -26.85
CA ASN B 4 -7.77 6.32 -28.21
C ASN B 4 -9.13 7.03 -28.20
N TYR B 5 -9.31 8.00 -29.09
CA TYR B 5 -10.61 8.59 -29.30
C TYR B 5 -10.84 8.82 -30.79
N GLU B 6 -12.11 8.93 -31.16
CA GLU B 6 -12.50 9.38 -32.48
C GLU B 6 -13.72 10.28 -32.33
N ILE B 7 -13.82 11.26 -33.24
CA ILE B 7 -14.98 12.13 -33.34
C ILE B 7 -15.89 11.56 -34.41
N ARG B 8 -17.18 11.45 -34.08
CA ARG B 8 -18.20 11.04 -35.04
C ARG B 8 -19.22 12.15 -35.18
N TYR B 9 -19.54 12.49 -36.44
CA TYR B 9 -20.44 13.57 -36.74
C TYR B 9 -21.88 13.07 -36.64
N ALA B 10 -22.81 14.02 -36.50
CA ALA B 10 -24.22 13.72 -36.52
C ALA B 10 -24.69 13.51 -37.96
N ALA B 11 -25.93 13.06 -38.13
CA ALA B 11 -26.47 12.74 -39.43
C ALA B 11 -27.89 13.27 -39.57
N HIS B 12 -28.25 13.62 -40.81
CA HIS B 12 -29.60 13.99 -41.15
C HIS B 12 -30.34 12.71 -41.55
N PRO B 13 -31.58 12.47 -41.07
CA PRO B 13 -32.34 11.28 -41.43
C PRO B 13 -32.54 11.08 -42.94
N GLU B 14 -32.61 12.18 -43.69
CA GLU B 14 -32.77 12.13 -45.13
C GLU B 14 -31.55 11.48 -45.78
N ASP B 15 -30.37 11.71 -45.21
CA ASP B 15 -29.11 11.15 -45.72
C ASP B 15 -28.91 9.73 -45.22
N ALA B 16 -29.29 9.49 -43.96
CA ALA B 16 -29.09 8.20 -43.31
C ALA B 16 -29.87 7.09 -44.03
N LYS B 17 -30.98 7.43 -44.68
CA LYS B 17 -31.81 6.39 -45.29
C LYS B 17 -31.09 5.73 -46.47
N SER B 18 -29.99 6.32 -46.96
CA SER B 18 -29.22 5.77 -48.07
C SER B 18 -27.96 5.05 -47.58
N TYR B 19 -27.72 4.99 -46.26
CA TYR B 19 -26.54 4.32 -45.73
C TYR B 19 -26.69 2.80 -45.92
N ASP B 20 -25.59 2.15 -46.33
CA ASP B 20 -25.51 0.71 -46.42
C ASP B 20 -25.07 0.16 -45.06
N THR B 21 -24.97 -1.17 -44.94
CA THR B 21 -24.65 -1.82 -43.67
C THR B 21 -23.30 -1.33 -43.14
N THR B 22 -22.31 -1.22 -44.04
CA THR B 22 -20.95 -0.85 -43.65
C THR B 22 -20.96 0.55 -43.04
N ARG B 23 -21.72 1.47 -43.66
CA ARG B 23 -21.76 2.86 -43.23
C ARG B 23 -22.48 3.00 -41.89
N ILE B 24 -23.57 2.25 -41.70
CA ILE B 24 -24.30 2.22 -40.44
C ILE B 24 -23.40 1.74 -39.31
N ARG B 25 -22.66 0.65 -39.55
CA ARG B 25 -21.74 0.09 -38.57
C ARG B 25 -20.66 1.11 -38.20
N ARG B 26 -20.05 1.75 -39.23
CA ARG B 26 -18.98 2.71 -39.03
C ARG B 26 -19.44 3.86 -38.13
N ASP B 27 -20.64 4.39 -38.38
CA ASP B 27 -21.07 5.63 -37.76
C ASP B 27 -21.75 5.41 -36.40
N PHE B 28 -22.52 4.32 -36.25
CA PHE B 28 -23.44 4.20 -35.12
C PHE B 28 -22.98 3.15 -34.10
N LEU B 29 -22.19 2.16 -34.55
CA LEU B 29 -21.79 1.07 -33.67
C LEU B 29 -20.44 1.42 -33.05
N ILE B 30 -20.29 1.13 -31.74
CA ILE B 30 -19.03 1.28 -31.05
C ILE B 30 -18.55 -0.11 -30.63
N GLU B 31 -17.61 -0.65 -31.41
CA GLU B 31 -17.28 -2.06 -31.36
C GLU B 31 -16.22 -2.33 -30.31
N LYS B 32 -15.29 -1.39 -30.15
CA LYS B 32 -14.11 -1.61 -29.32
C LYS B 32 -14.18 -0.70 -28.10
N ILE B 33 -14.69 -1.24 -26.99
CA ILE B 33 -14.87 -0.48 -25.77
C ILE B 33 -13.80 -0.88 -24.75
N PHE B 34 -13.57 -2.19 -24.61
CA PHE B 34 -12.69 -2.74 -23.60
C PHE B 34 -11.46 -3.37 -24.26
N VAL B 35 -10.29 -2.75 -24.04
CA VAL B 35 -9.01 -3.29 -24.46
C VAL B 35 -8.03 -3.12 -23.29
N PRO B 36 -7.21 -4.14 -22.95
CA PRO B 36 -6.34 -4.06 -21.78
C PRO B 36 -5.49 -2.81 -21.73
N ASN B 37 -5.64 -2.05 -20.63
CA ASN B 37 -4.88 -0.85 -20.32
C ASN B 37 -5.06 0.22 -21.40
N GLU B 38 -6.22 0.24 -22.05
CA GLU B 38 -6.61 1.36 -22.88
C GLU B 38 -7.86 2.01 -22.31
N VAL B 39 -7.97 3.32 -22.52
CA VAL B 39 -9.25 4.02 -22.44
C VAL B 39 -9.64 4.33 -23.89
N ASN B 40 -10.79 3.79 -24.31
CA ASN B 40 -11.29 3.98 -25.67
C ASN B 40 -12.58 4.80 -25.60
N MET B 41 -12.62 5.88 -26.39
CA MET B 41 -13.68 6.87 -26.30
C MET B 41 -14.18 7.26 -27.69
N VAL B 42 -15.48 7.55 -27.77
CA VAL B 42 -16.09 8.16 -28.94
C VAL B 42 -16.71 9.47 -28.49
N TYR B 43 -16.40 10.55 -29.22
CA TYR B 43 -17.01 11.85 -29.04
C TYR B 43 -18.05 12.06 -30.15
N SER B 44 -19.33 12.04 -29.79
CA SER B 44 -20.42 12.13 -30.75
C SER B 44 -20.96 13.56 -30.81
N MET B 45 -21.22 14.05 -32.04
CA MET B 45 -21.80 15.37 -32.21
C MET B 45 -23.30 15.34 -31.94
N TYR B 46 -23.87 14.18 -31.59
CA TYR B 46 -25.18 14.13 -30.96
C TYR B 46 -25.01 14.50 -29.49
N ASP B 47 -25.27 15.78 -29.19
CA ASP B 47 -25.27 16.33 -27.84
C ASP B 47 -23.88 16.32 -27.21
N ARG B 48 -22.83 16.16 -28.02
CA ARG B 48 -21.47 16.08 -27.49
C ARG B 48 -21.38 15.01 -26.40
N MET B 49 -22.03 13.87 -26.61
CA MET B 49 -21.86 12.77 -25.68
C MET B 49 -20.56 12.06 -25.98
N VAL B 50 -19.79 11.80 -24.91
CA VAL B 50 -18.64 10.95 -24.95
C VAL B 50 -19.05 9.59 -24.40
N VAL B 51 -18.79 8.54 -25.17
CA VAL B 51 -19.01 7.16 -24.76
C VAL B 51 -17.65 6.46 -24.75
N GLY B 52 -17.37 5.71 -23.69
CA GLY B 52 -16.05 5.11 -23.56
C GLY B 52 -16.01 3.95 -22.58
N GLY B 53 -14.86 3.27 -22.59
CA GLY B 53 -14.58 2.17 -21.71
C GLY B 53 -13.11 2.19 -21.28
N ALA B 54 -12.87 1.69 -20.06
CA ALA B 54 -11.53 1.60 -19.49
C ALA B 54 -11.36 0.22 -18.86
N LEU B 55 -10.28 -0.50 -19.23
CA LEU B 55 -10.04 -1.87 -18.79
C LEU B 55 -8.67 -1.97 -18.11
N PRO B 56 -8.56 -1.67 -16.79
CA PRO B 56 -7.28 -1.70 -16.11
C PRO B 56 -6.82 -3.11 -15.76
N VAL B 57 -5.66 -3.50 -16.29
CA VAL B 57 -5.11 -4.83 -16.09
C VAL B 57 -3.67 -4.67 -15.61
N GLY B 58 -3.50 -4.48 -14.29
CA GLY B 58 -2.20 -4.35 -13.68
C GLY B 58 -1.66 -2.92 -13.75
N GLU B 59 -2.49 -1.99 -14.26
CA GLU B 59 -2.13 -0.59 -14.33
C GLU B 59 -3.27 0.26 -13.78
N VAL B 60 -2.94 1.46 -13.32
CA VAL B 60 -3.90 2.50 -13.02
C VAL B 60 -4.06 3.36 -14.28
N LEU B 61 -5.30 3.51 -14.75
CA LEU B 61 -5.56 4.23 -15.98
C LEU B 61 -6.07 5.64 -15.67
N THR B 62 -5.53 6.64 -16.38
CA THR B 62 -5.94 8.03 -16.22
C THR B 62 -6.93 8.39 -17.33
N LEU B 63 -7.98 9.13 -16.95
CA LEU B 63 -8.93 9.68 -17.91
C LEU B 63 -8.37 11.00 -18.42
N GLU B 64 -7.90 10.99 -19.68
CA GLU B 64 -7.16 12.13 -20.22
C GLU B 64 -8.15 13.13 -20.82
N ALA B 65 -7.78 14.41 -20.75
CA ALA B 65 -8.55 15.47 -21.41
C ALA B 65 -8.21 15.49 -22.89
N ILE B 66 -8.99 14.75 -23.69
CA ILE B 66 -8.73 14.65 -25.12
C ILE B 66 -8.98 16.00 -25.78
N ASP B 67 -8.39 16.19 -26.97
CA ASP B 67 -8.32 17.48 -27.64
C ASP B 67 -9.71 18.10 -27.86
N PRO B 68 -10.73 17.36 -28.36
CA PRO B 68 -12.04 17.96 -28.58
C PRO B 68 -12.68 18.59 -27.34
N LEU B 69 -12.16 18.29 -26.14
CA LEU B 69 -12.67 18.89 -24.91
C LEU B 69 -12.15 20.32 -24.74
N LYS B 70 -10.93 20.58 -25.24
CA LYS B 70 -10.28 21.88 -25.11
C LYS B 70 -10.34 22.35 -23.66
N ALA B 71 -9.85 21.51 -22.74
CA ALA B 71 -9.87 21.82 -21.33
C ALA B 71 -8.69 21.14 -20.63
N PRO B 72 -8.24 21.66 -19.47
CA PRO B 72 -7.12 21.06 -18.75
C PRO B 72 -7.46 19.71 -18.14
N PHE B 73 -8.73 19.50 -17.79
CA PHE B 73 -9.19 18.23 -17.26
C PHE B 73 -10.47 17.80 -17.98
N PHE B 74 -10.63 16.48 -18.09
CA PHE B 74 -11.77 15.90 -18.79
C PHE B 74 -13.06 16.50 -18.22
N LEU B 75 -13.16 16.61 -16.88
CA LEU B 75 -14.37 17.05 -16.21
C LEU B 75 -14.37 18.56 -15.90
N THR B 76 -13.45 19.34 -16.47
CA THR B 76 -13.40 20.78 -16.22
C THR B 76 -14.81 21.38 -16.35
N ARG B 77 -15.49 21.07 -17.46
CA ARG B 77 -16.84 21.56 -17.73
C ARG B 77 -17.75 20.42 -18.19
N ARG B 78 -17.62 19.27 -17.53
CA ARG B 78 -18.35 18.07 -17.91
C ARG B 78 -18.77 17.29 -16.67
N GLU B 79 -19.75 16.39 -16.86
CA GLU B 79 -20.16 15.41 -15.86
C GLU B 79 -20.13 14.04 -16.51
N MET B 80 -20.05 12.98 -15.70
CA MET B 80 -20.00 11.64 -16.25
C MET B 80 -20.69 10.66 -15.32
N GLY B 81 -21.24 9.61 -15.94
CA GLY B 81 -21.74 8.44 -15.24
C GLY B 81 -20.92 7.22 -15.63
N ILE B 82 -20.43 6.50 -14.61
CA ILE B 82 -19.62 5.31 -14.81
C ILE B 82 -20.40 4.11 -14.28
N TYR B 83 -20.35 3.00 -15.03
CA TYR B 83 -20.79 1.70 -14.55
C TYR B 83 -19.59 0.75 -14.61
N ASN B 84 -19.44 -0.10 -13.58
CA ASN B 84 -18.52 -1.22 -13.63
C ASN B 84 -19.29 -2.45 -14.10
N VAL B 85 -18.84 -3.07 -15.20
CA VAL B 85 -19.49 -4.28 -15.70
C VAL B 85 -18.49 -5.43 -15.70
N GLY B 86 -17.48 -5.36 -14.83
CA GLY B 86 -16.49 -6.42 -14.66
C GLY B 86 -16.26 -6.72 -13.19
N GLY B 87 -15.04 -7.18 -12.85
CA GLY B 87 -14.69 -7.49 -11.47
C GLY B 87 -14.48 -6.24 -10.64
N PRO B 88 -14.35 -6.36 -9.29
CA PRO B 88 -14.23 -5.19 -8.41
C PRO B 88 -13.14 -4.21 -8.82
N GLY B 89 -13.44 -2.90 -8.68
CA GLY B 89 -12.49 -1.87 -9.06
C GLY B 89 -12.67 -0.62 -8.20
N ILE B 90 -11.80 0.38 -8.46
CA ILE B 90 -11.79 1.62 -7.71
C ILE B 90 -11.71 2.78 -8.71
N VAL B 91 -12.56 3.78 -8.51
CA VAL B 91 -12.48 5.04 -9.22
C VAL B 91 -12.02 6.10 -8.23
N LYS B 92 -10.99 6.87 -8.63
CA LYS B 92 -10.56 8.04 -7.88
C LYS B 92 -10.87 9.27 -8.71
N ALA B 93 -11.35 10.32 -8.03
CA ALA B 93 -11.58 11.61 -8.62
C ALA B 93 -11.14 12.69 -7.64
N GLY B 94 -10.02 13.36 -7.95
CA GLY B 94 -9.35 14.18 -6.96
C GLY B 94 -8.95 13.34 -5.76
N ASP B 95 -9.40 13.75 -4.57
CA ASP B 95 -9.11 13.02 -3.34
C ASP B 95 -10.25 12.07 -2.98
N ALA B 96 -11.36 12.12 -3.74
CA ALA B 96 -12.46 11.19 -3.54
C ALA B 96 -12.08 9.82 -4.09
N GLU B 97 -12.59 8.78 -3.44
CA GLU B 97 -12.29 7.40 -3.79
C GLU B 97 -13.57 6.57 -3.67
N PHE B 98 -13.88 5.82 -4.73
CA PHE B 98 -15.11 5.05 -4.80
C PHE B 98 -14.80 3.62 -5.23
N GLU B 99 -15.27 2.66 -4.42
CA GLU B 99 -15.25 1.26 -4.78
C GLU B 99 -16.51 0.93 -5.57
N LEU B 100 -16.32 0.32 -6.74
CA LEU B 100 -17.42 -0.13 -7.58
C LEU B 100 -17.23 -1.61 -7.87
N ASP B 101 -18.27 -2.38 -7.50
CA ASP B 101 -18.39 -3.77 -7.90
C ASP B 101 -19.30 -3.84 -9.12
N TYR B 102 -19.51 -5.07 -9.61
CA TYR B 102 -20.30 -5.34 -10.80
C TYR B 102 -21.68 -4.70 -10.66
N LYS B 103 -22.09 -3.99 -11.72
CA LYS B 103 -23.41 -3.40 -11.85
C LYS B 103 -23.63 -2.25 -10.87
N GLU B 104 -22.54 -1.67 -10.33
CA GLU B 104 -22.65 -0.46 -9.52
C GLU B 104 -22.24 0.75 -10.37
N ALA B 105 -22.87 1.91 -10.09
CA ALA B 105 -22.67 3.11 -10.88
C ALA B 105 -22.13 4.26 -10.01
N LEU B 106 -21.62 5.30 -10.69
CA LEU B 106 -21.01 6.45 -10.06
C LEU B 106 -21.21 7.68 -10.94
N TYR B 107 -21.78 8.75 -10.34
CA TYR B 107 -21.83 10.06 -10.96
C TYR B 107 -20.67 10.91 -10.43
N LEU B 108 -19.89 11.46 -11.37
CA LEU B 108 -18.90 12.49 -11.03
C LEU B 108 -19.34 13.81 -11.64
N GLY B 109 -19.33 14.86 -10.80
CA GLY B 109 -19.62 16.22 -11.22
C GLY B 109 -18.40 16.94 -11.77
N SER B 110 -18.61 18.17 -12.23
CA SER B 110 -17.60 18.95 -12.92
C SER B 110 -16.58 19.51 -11.93
N GLY B 111 -15.42 19.90 -12.47
CA GLY B 111 -14.35 20.44 -11.67
C GLY B 111 -13.00 19.94 -12.17
N ASP B 112 -11.95 20.72 -11.86
CA ASP B 112 -10.60 20.39 -12.25
C ASP B 112 -10.08 19.30 -11.31
N ARG B 113 -10.30 18.04 -11.70
CA ARG B 113 -9.89 16.89 -10.92
C ARG B 113 -9.36 15.80 -11.84
N VAL B 114 -8.32 15.10 -11.39
CA VAL B 114 -7.82 13.93 -12.09
C VAL B 114 -8.70 12.73 -11.73
N VAL B 115 -9.12 11.97 -12.75
CA VAL B 115 -9.90 10.78 -12.57
C VAL B 115 -9.08 9.58 -13.03
N THR B 116 -9.02 8.52 -12.20
CA THR B 116 -8.31 7.31 -12.56
C THR B 116 -9.20 6.10 -12.32
N PHE B 117 -8.88 5.01 -13.04
CA PHE B 117 -9.59 3.76 -12.98
C PHE B 117 -8.59 2.66 -12.60
N GLU B 118 -9.00 1.73 -11.73
CA GLU B 118 -8.14 0.61 -11.39
C GLU B 118 -8.97 -0.62 -10.99
N SER B 119 -8.36 -1.79 -11.18
CA SER B 119 -8.92 -3.07 -10.77
C SER B 119 -8.25 -3.52 -9.48
N LYS B 120 -9.01 -4.19 -8.62
CA LYS B 120 -8.47 -4.69 -7.36
C LYS B 120 -7.57 -5.90 -7.63
N ASP B 121 -7.95 -6.72 -8.61
CA ASP B 121 -7.16 -7.87 -9.02
C ASP B 121 -7.10 -7.91 -10.55
N ALA B 122 -5.88 -7.96 -11.10
CA ALA B 122 -5.65 -7.97 -12.54
C ALA B 122 -6.18 -9.25 -13.18
N ALA B 123 -6.38 -10.31 -12.38
CA ALA B 123 -6.92 -11.57 -12.86
C ALA B 123 -8.44 -11.48 -13.08
N HIS B 124 -9.11 -10.53 -12.40
CA HIS B 124 -10.54 -10.31 -12.55
C HIS B 124 -10.77 -8.81 -12.78
N PRO B 125 -10.36 -8.27 -13.94
CA PRO B 125 -10.30 -6.82 -14.14
C PRO B 125 -11.67 -6.14 -14.15
N ALA B 126 -11.69 -4.91 -13.63
CA ALA B 126 -12.85 -4.05 -13.73
C ALA B 126 -13.04 -3.61 -15.18
N LYS B 127 -14.30 -3.45 -15.58
CA LYS B 127 -14.66 -2.97 -16.92
C LYS B 127 -15.51 -1.71 -16.78
N PHE B 128 -14.87 -0.54 -16.87
CA PHE B 128 -15.54 0.72 -16.61
C PHE B 128 -16.10 1.31 -17.91
N TYR B 129 -17.45 1.32 -18.00
CA TYR B 129 -18.19 1.92 -19.09
C TYR B 129 -18.74 3.27 -18.64
N PHE B 130 -18.61 4.32 -19.47
CA PHE B 130 -19.07 5.64 -19.05
C PHE B 130 -19.68 6.44 -20.20
N ASN B 131 -20.57 7.36 -19.81
CA ASN B 131 -21.07 8.42 -20.66
C ASN B 131 -20.78 9.77 -19.99
N SER B 132 -20.51 10.78 -20.81
CA SER B 132 -20.25 12.13 -20.32
C SER B 132 -20.91 13.17 -21.22
N LEU B 133 -21.46 14.20 -20.60
CA LEU B 133 -22.03 15.36 -21.28
C LEU B 133 -21.47 16.64 -20.65
N THR B 134 -21.65 17.77 -21.33
CA THR B 134 -21.20 19.05 -20.79
C THR B 134 -22.03 19.37 -19.55
N ALA B 135 -21.44 20.20 -18.69
CA ALA B 135 -22.04 20.57 -17.40
C ALA B 135 -21.62 21.98 -17.04
N HIS B 136 -22.60 22.89 -16.92
CA HIS B 136 -22.32 24.30 -16.70
C HIS B 136 -22.24 24.61 -15.20
N ARG B 137 -22.49 23.60 -14.36
CA ARG B 137 -22.26 23.74 -12.93
C ARG B 137 -21.94 22.38 -12.31
N ASN B 138 -21.37 22.43 -11.10
CA ASN B 138 -21.03 21.23 -10.36
C ASN B 138 -22.28 20.72 -9.64
N TYR B 139 -22.37 19.38 -9.53
CA TYR B 139 -23.26 18.72 -8.59
C TYR B 139 -22.45 17.68 -7.84
N PRO B 140 -22.79 17.36 -6.58
CA PRO B 140 -22.01 16.39 -5.80
C PRO B 140 -21.91 15.03 -6.48
N ASP B 141 -20.75 14.38 -6.28
CA ASP B 141 -20.53 13.01 -6.70
C ASP B 141 -21.50 12.10 -5.94
N ARG B 142 -21.78 10.93 -6.50
CA ARG B 142 -22.53 9.92 -5.77
C ARG B 142 -22.40 8.56 -6.44
N LYS B 143 -22.14 7.55 -5.60
CA LYS B 143 -22.24 6.15 -5.96
C LYS B 143 -23.69 5.72 -5.82
N VAL B 144 -24.21 4.99 -6.82
CA VAL B 144 -25.59 4.53 -6.83
C VAL B 144 -25.58 3.05 -7.22
N THR B 145 -26.22 2.22 -6.39
CA THR B 145 -26.39 0.80 -6.66
C THR B 145 -27.86 0.53 -6.95
N LYS B 146 -28.16 -0.72 -7.34
CA LYS B 146 -29.53 -1.14 -7.59
C LYS B 146 -30.41 -0.91 -6.37
N ALA B 147 -29.82 -1.05 -5.17
CA ALA B 147 -30.54 -0.85 -3.91
C ALA B 147 -30.97 0.61 -3.76
N ASP B 148 -30.28 1.54 -4.43
CA ASP B 148 -30.62 2.95 -4.38
C ASP B 148 -31.54 3.33 -5.53
N ALA B 149 -31.78 2.41 -6.48
CA ALA B 149 -32.43 2.75 -7.74
C ALA B 149 -33.94 2.84 -7.58
N VAL B 150 -34.57 3.70 -8.40
CA VAL B 150 -36.01 3.63 -8.59
C VAL B 150 -36.26 2.51 -9.61
N VAL B 151 -36.78 1.39 -9.11
CA VAL B 151 -36.94 0.19 -9.91
C VAL B 151 -38.38 0.12 -10.42
N ALA B 152 -38.54 -0.24 -11.70
CA ALA B 152 -39.83 -0.47 -12.31
C ALA B 152 -39.80 -1.78 -13.09
N GLU B 153 -40.66 -2.73 -12.69
CA GLU B 153 -40.82 -3.99 -13.40
C GLU B 153 -41.77 -3.78 -14.58
N MET B 154 -41.38 -4.29 -15.75
CA MET B 154 -42.07 -4.01 -16.99
C MET B 154 -42.15 -5.27 -17.85
N GLY B 155 -43.12 -5.28 -18.77
CA GLY B 155 -43.23 -6.28 -19.81
C GLY B 155 -43.84 -7.58 -19.28
N SER B 156 -43.65 -8.65 -20.06
CA SER B 156 -44.17 -9.97 -19.72
C SER B 156 -43.44 -11.06 -20.51
N LEU B 157 -43.60 -12.30 -20.02
CA LEU B 157 -43.20 -13.52 -20.71
C LEU B 157 -43.69 -13.50 -22.16
N GLU B 158 -44.95 -13.11 -22.36
CA GLU B 158 -45.63 -13.27 -23.64
C GLU B 158 -45.03 -12.33 -24.70
N GLY B 159 -44.66 -11.11 -24.29
CA GLY B 159 -44.05 -10.14 -25.17
C GLY B 159 -42.53 -10.26 -25.24
N SER B 160 -41.98 -11.34 -24.66
CA SER B 160 -40.54 -11.57 -24.58
C SER B 160 -39.81 -10.27 -24.24
N ASN B 161 -40.33 -9.52 -23.26
CA ASN B 161 -39.78 -8.24 -22.87
C ASN B 161 -39.92 -8.01 -21.37
N HIS B 162 -39.98 -9.09 -20.60
CA HIS B 162 -40.06 -9.00 -19.15
C HIS B 162 -38.72 -8.48 -18.62
N ARG B 163 -38.75 -7.35 -17.91
CA ARG B 163 -37.52 -6.66 -17.56
C ARG B 163 -37.71 -5.80 -16.31
N ASN B 164 -36.60 -5.57 -15.60
CA ASN B 164 -36.51 -4.58 -14.55
C ASN B 164 -35.69 -3.40 -15.03
N ILE B 165 -36.30 -2.20 -15.00
CA ILE B 165 -35.61 -0.96 -15.30
C ILE B 165 -35.09 -0.37 -13.99
N ASN B 166 -33.75 -0.33 -13.86
CA ASN B 166 -33.10 0.28 -12.72
C ASN B 166 -32.71 1.71 -13.06
N LYS B 167 -33.55 2.68 -12.68
CA LYS B 167 -33.30 4.09 -12.89
C LYS B 167 -32.36 4.59 -11.79
N MET B 168 -31.10 4.85 -12.14
CA MET B 168 -30.05 4.96 -11.14
C MET B 168 -29.49 6.39 -11.10
N LEU B 169 -28.88 6.84 -12.21
CA LEU B 169 -28.40 8.20 -12.29
C LEU B 169 -29.46 9.05 -12.97
N VAL B 170 -30.54 9.33 -12.22
CA VAL B 170 -31.71 10.03 -12.75
C VAL B 170 -32.15 11.11 -11.76
N ASN B 171 -32.99 12.02 -12.25
CA ASN B 171 -33.40 13.20 -11.50
C ASN B 171 -34.08 12.82 -10.19
N GLN B 172 -34.70 11.64 -10.12
CA GLN B 172 -35.40 11.20 -8.92
C GLN B 172 -34.41 10.77 -7.83
N VAL B 173 -33.19 10.41 -8.22
CA VAL B 173 -32.20 9.91 -7.29
C VAL B 173 -31.23 11.04 -6.91
N LEU B 174 -30.71 11.76 -7.91
CA LEU B 174 -29.72 12.80 -7.64
C LEU B 174 -29.83 13.89 -8.70
N PRO B 175 -29.41 15.14 -8.38
CA PRO B 175 -29.30 16.20 -9.37
C PRO B 175 -28.09 16.04 -10.29
N THR B 176 -28.32 16.28 -11.58
CA THR B 176 -27.29 16.37 -12.60
C THR B 176 -27.65 17.54 -13.49
N CYS B 177 -26.69 17.98 -14.34
CA CYS B 177 -26.98 19.03 -15.29
C CYS B 177 -27.94 18.51 -16.36
N GLN B 178 -27.59 17.37 -17.00
CA GLN B 178 -28.39 16.84 -18.09
C GLN B 178 -28.25 15.33 -18.23
N LEU B 179 -27.13 14.75 -17.79
CA LEU B 179 -26.89 13.32 -17.97
C LEU B 179 -27.87 12.53 -17.11
N GLN B 180 -28.50 11.52 -17.73
CA GLN B 180 -29.25 10.52 -17.03
C GLN B 180 -28.89 9.14 -17.58
N MET B 181 -28.74 8.17 -16.67
CA MET B 181 -28.34 6.81 -17.01
C MET B 181 -29.05 5.81 -16.11
N GLY B 182 -29.27 4.62 -16.66
CA GLY B 182 -29.90 3.52 -15.95
C GLY B 182 -29.52 2.19 -16.59
N MET B 183 -30.06 1.10 -16.02
CA MET B 183 -29.66 -0.23 -16.40
C MET B 183 -30.90 -1.12 -16.40
N THR B 184 -31.15 -1.78 -17.53
CA THR B 184 -32.34 -2.60 -17.70
C THR B 184 -31.93 -4.06 -17.89
N GLU B 185 -32.51 -4.93 -17.05
CA GLU B 185 -32.12 -6.33 -17.00
C GLU B 185 -33.29 -7.19 -17.48
N LEU B 186 -33.08 -7.92 -18.59
CA LEU B 186 -34.11 -8.76 -19.20
C LEU B 186 -34.16 -10.11 -18.49
N ALA B 187 -35.37 -10.64 -18.32
CA ALA B 187 -35.59 -11.94 -17.71
C ALA B 187 -35.14 -13.03 -18.68
N PRO B 188 -34.78 -14.24 -18.20
CA PRO B 188 -34.54 -15.36 -19.10
C PRO B 188 -35.70 -15.54 -20.09
N GLY B 189 -35.37 -15.67 -21.38
CA GLY B 189 -36.36 -15.88 -22.42
C GLY B 189 -36.98 -14.59 -22.95
N SER B 190 -36.64 -13.44 -22.36
CA SER B 190 -37.06 -12.15 -22.89
C SER B 190 -35.90 -11.52 -23.65
N VAL B 191 -36.19 -10.92 -24.83
CA VAL B 191 -35.14 -10.43 -25.73
C VAL B 191 -35.35 -8.98 -26.18
N TRP B 192 -36.52 -8.38 -25.93
CA TRP B 192 -36.85 -7.05 -26.47
C TRP B 192 -36.59 -5.96 -25.43
N ASN B 193 -35.98 -4.85 -25.85
CA ASN B 193 -35.51 -3.83 -24.92
C ASN B 193 -36.58 -2.77 -24.66
N THR B 194 -37.64 -2.75 -25.49
CA THR B 194 -38.80 -1.90 -25.25
C THR B 194 -39.84 -2.17 -26.32
N ARG B 203 -34.93 11.84 -27.77
CA ARG B 203 -33.59 12.48 -27.74
C ARG B 203 -32.53 11.47 -28.18
N MET B 204 -31.27 11.94 -28.25
CA MET B 204 -30.12 11.08 -28.49
C MET B 204 -29.93 10.18 -27.26
N GLU B 205 -29.73 8.88 -27.49
CA GLU B 205 -29.46 7.94 -26.42
C GLU B 205 -28.30 7.03 -26.84
N ALA B 206 -27.51 6.60 -25.85
CA ALA B 206 -26.48 5.60 -26.05
C ALA B 206 -26.88 4.32 -25.32
N TYR B 207 -26.78 3.19 -26.01
CA TYR B 207 -27.10 1.88 -25.44
C TYR B 207 -25.86 0.99 -25.48
N PHE B 208 -25.57 0.37 -24.33
CA PHE B 208 -24.46 -0.57 -24.18
C PHE B 208 -25.01 -1.90 -23.68
N TYR B 209 -24.66 -2.99 -24.36
CA TYR B 209 -25.24 -4.30 -24.09
C TYR B 209 -24.19 -5.24 -23.50
N PHE B 210 -24.59 -6.02 -22.49
CA PHE B 210 -23.71 -6.96 -21.82
C PHE B 210 -24.51 -8.05 -21.09
N GLU B 211 -23.80 -8.90 -20.35
CA GLU B 211 -24.38 -10.04 -19.64
C GLU B 211 -25.14 -10.89 -20.65
N ILE B 212 -24.50 -11.18 -21.78
CA ILE B 212 -25.06 -12.02 -22.82
C ILE B 212 -23.93 -12.94 -23.31
N PRO B 213 -24.18 -14.24 -23.58
CA PRO B 213 -23.12 -15.13 -24.03
C PRO B 213 -22.46 -14.68 -25.34
N GLU B 214 -21.18 -15.04 -25.48
CA GLU B 214 -20.33 -14.64 -26.61
C GLU B 214 -20.91 -15.10 -27.94
N ASP B 215 -21.66 -16.20 -27.93
CA ASP B 215 -22.15 -16.82 -29.15
C ASP B 215 -23.52 -16.27 -29.53
N HIS B 216 -24.03 -15.28 -28.78
CA HIS B 216 -25.33 -14.68 -29.08
C HIS B 216 -25.13 -13.23 -29.53
N ALA B 217 -26.20 -12.66 -30.11
CA ALA B 217 -26.13 -11.36 -30.77
C ALA B 217 -27.35 -10.51 -30.40
N ILE B 218 -27.19 -9.18 -30.51
CA ILE B 218 -28.30 -8.24 -30.37
C ILE B 218 -28.56 -7.61 -31.75
N CYS B 219 -29.82 -7.65 -32.20
CA CYS B 219 -30.24 -6.91 -33.37
C CYS B 219 -30.82 -5.57 -32.93
N HIS B 220 -30.05 -4.50 -33.11
CA HIS B 220 -30.47 -3.17 -32.68
C HIS B 220 -31.14 -2.43 -33.84
N PHE B 221 -32.36 -1.93 -33.61
CA PHE B 221 -33.10 -1.22 -34.63
C PHE B 221 -32.77 0.27 -34.58
N MET B 222 -32.79 0.91 -35.75
CA MET B 222 -32.65 2.36 -35.84
C MET B 222 -33.40 2.88 -37.06
N GLY B 223 -33.38 4.20 -37.25
CA GLY B 223 -34.01 4.85 -38.38
C GLY B 223 -35.33 5.49 -37.97
N GLU B 224 -35.88 6.34 -38.85
CA GLU B 224 -37.20 6.89 -38.65
C GLU B 224 -38.23 5.78 -38.72
N VAL B 225 -39.40 6.03 -38.12
CA VAL B 225 -40.54 5.15 -38.25
C VAL B 225 -40.93 5.11 -39.73
N GLY B 226 -41.12 3.90 -40.27
CA GLY B 226 -41.43 3.71 -41.67
C GLY B 226 -40.18 3.66 -42.56
N GLU B 227 -38.98 3.72 -41.98
CA GLU B 227 -37.74 3.65 -42.75
C GLU B 227 -36.63 3.06 -41.87
N THR B 228 -36.93 1.91 -41.24
CA THR B 228 -36.06 1.39 -40.21
C THR B 228 -34.97 0.53 -40.81
N ARG B 229 -33.86 0.45 -40.06
CA ARG B 229 -32.70 -0.35 -40.40
C ARG B 229 -32.29 -1.08 -39.12
N HIS B 230 -31.25 -1.91 -39.20
CA HIS B 230 -30.80 -2.61 -38.02
C HIS B 230 -29.28 -2.76 -38.07
N VAL B 231 -28.67 -3.01 -36.92
CA VAL B 231 -27.25 -3.31 -36.81
C VAL B 231 -27.07 -4.46 -35.83
N TRP B 232 -26.33 -5.50 -36.25
CA TRP B 232 -26.05 -6.63 -35.38
C TRP B 232 -24.87 -6.33 -34.46
N MET B 233 -25.05 -6.60 -33.17
CA MET B 233 -24.10 -6.22 -32.15
C MET B 233 -23.76 -7.43 -31.29
N LYS B 234 -22.62 -7.34 -30.60
CA LYS B 234 -22.21 -8.34 -29.63
C LYS B 234 -22.16 -7.71 -28.25
N GLY B 235 -22.03 -8.55 -27.21
CA GLY B 235 -21.85 -8.10 -25.85
C GLY B 235 -20.62 -7.20 -25.74
N ASP B 236 -20.70 -6.24 -24.81
CA ASP B 236 -19.64 -5.25 -24.57
C ASP B 236 -19.46 -4.32 -25.77
N GLN B 237 -20.55 -4.02 -26.48
CA GLN B 237 -20.53 -3.03 -27.55
C GLN B 237 -21.66 -2.02 -27.29
N ALA B 238 -21.49 -0.80 -27.80
CA ALA B 238 -22.47 0.26 -27.63
C ALA B 238 -22.96 0.77 -28.98
N VAL B 239 -24.07 1.49 -28.97
CA VAL B 239 -24.63 2.07 -30.18
C VAL B 239 -25.17 3.47 -29.86
N LEU B 240 -24.99 4.38 -30.81
CA LEU B 240 -25.51 5.74 -30.70
C LEU B 240 -26.85 5.78 -31.44
N SER B 241 -27.88 6.28 -30.74
CA SER B 241 -29.23 6.38 -31.28
C SER B 241 -29.64 7.85 -31.43
N PRO B 242 -29.65 8.41 -32.65
CA PRO B 242 -30.09 9.79 -32.84
C PRO B 242 -31.49 10.06 -32.32
N GLU B 243 -31.78 11.35 -32.10
CA GLU B 243 -33.07 11.84 -31.63
C GLU B 243 -34.18 11.48 -32.62
N TRP B 244 -33.84 11.41 -33.92
CA TRP B 244 -34.81 11.08 -34.97
C TRP B 244 -34.99 9.57 -35.15
N SER B 245 -34.27 8.75 -34.38
CA SER B 245 -34.23 7.30 -34.59
C SER B 245 -35.06 6.55 -33.55
N ILE B 246 -35.66 5.43 -33.96
CA ILE B 246 -36.21 4.48 -33.00
C ILE B 246 -35.01 3.79 -32.33
N HIS B 247 -35.24 3.03 -31.26
CA HIS B 247 -34.14 2.42 -30.52
C HIS B 247 -34.47 1.05 -29.94
N SER B 248 -35.47 0.35 -30.47
CA SER B 248 -35.79 -0.98 -29.99
C SER B 248 -34.66 -1.95 -30.37
N ALA B 249 -34.63 -3.09 -29.69
CA ALA B 249 -33.64 -4.11 -29.99
C ALA B 249 -34.19 -5.49 -29.62
N ALA B 250 -33.83 -6.50 -30.42
CA ALA B 250 -34.15 -7.89 -30.15
C ALA B 250 -32.87 -8.72 -30.24
N ALA B 251 -32.48 -9.36 -29.12
CA ALA B 251 -31.33 -10.22 -29.08
C ALA B 251 -31.75 -11.69 -29.21
N THR B 252 -30.75 -12.58 -29.33
CA THR B 252 -31.01 -13.99 -29.51
C THR B 252 -31.01 -14.70 -28.16
N HIS B 253 -30.90 -13.91 -27.07
CA HIS B 253 -30.77 -14.39 -25.70
C HIS B 253 -31.06 -13.18 -24.81
N ASN B 254 -31.28 -13.39 -23.51
CA ASN B 254 -31.48 -12.28 -22.59
C ASN B 254 -30.12 -11.61 -22.35
N TYR B 255 -30.19 -10.43 -21.72
CA TYR B 255 -29.06 -9.51 -21.64
C TYR B 255 -29.40 -8.41 -20.63
N THR B 256 -28.39 -7.61 -20.28
CA THR B 256 -28.61 -6.35 -19.58
C THR B 256 -28.09 -5.24 -20.49
N PHE B 257 -28.67 -4.04 -20.36
CA PHE B 257 -28.16 -2.89 -21.09
C PHE B 257 -28.17 -1.66 -20.20
N ILE B 258 -27.16 -0.83 -20.42
CA ILE B 258 -27.11 0.49 -19.83
C ILE B 258 -27.56 1.49 -20.89
N TRP B 259 -28.34 2.48 -20.46
CA TRP B 259 -28.78 3.57 -21.30
C TRP B 259 -28.33 4.89 -20.68
N GLY B 260 -27.93 5.82 -21.55
CA GLY B 260 -27.59 7.17 -21.15
C GLY B 260 -28.16 8.18 -22.15
N MET B 261 -28.53 9.36 -21.67
CA MET B 261 -29.15 10.39 -22.49
C MET B 261 -28.92 11.77 -21.87
N GLY B 262 -29.00 12.80 -22.71
CA GLY B 262 -28.89 14.17 -22.24
C GLY B 262 -29.93 15.07 -22.91
N GLY B 263 -29.48 16.24 -23.37
CA GLY B 263 -30.25 17.10 -24.25
C GLY B 263 -31.43 17.74 -23.52
N GLU B 264 -32.57 17.78 -24.20
CA GLU B 264 -33.73 18.54 -23.79
C GLU B 264 -34.99 17.66 -23.91
N MET C 1 48.61 7.33 16.53
CA MET C 1 47.57 8.03 15.72
C MET C 1 47.18 7.13 14.55
N LYS C 2 45.91 6.70 14.53
CA LYS C 2 45.33 6.02 13.40
C LYS C 2 43.85 6.38 13.29
N THR C 3 43.41 6.69 12.06
CA THR C 3 42.02 6.98 11.76
C THR C 3 41.42 5.76 11.06
N ASN C 4 40.31 5.25 11.59
CA ASN C 4 39.47 4.31 10.85
C ASN C 4 38.12 4.96 10.59
N TYR C 5 37.57 4.69 9.41
CA TYR C 5 36.21 5.11 9.12
C TYR C 5 35.56 4.05 8.24
N GLU C 6 34.22 4.00 8.29
CA GLU C 6 33.44 3.22 7.33
C GLU C 6 32.21 4.05 6.94
N ILE C 7 31.75 3.82 5.71
CA ILE C 7 30.57 4.47 5.17
C ILE C 7 29.42 3.48 5.29
N ARG C 8 28.27 3.92 5.82
CA ARG C 8 27.11 3.06 5.91
C ARG C 8 25.93 3.68 5.18
N TYR C 9 25.28 2.86 4.34
CA TYR C 9 24.16 3.29 3.53
C TYR C 9 22.90 3.35 4.39
N ALA C 10 21.94 4.15 3.92
CA ALA C 10 20.63 4.21 4.52
C ALA C 10 19.84 2.98 4.08
N ALA C 11 18.69 2.75 4.71
CA ALA C 11 17.86 1.60 4.41
C ALA C 11 16.40 2.04 4.32
N HIS C 12 15.62 1.30 3.53
CA HIS C 12 14.19 1.51 3.41
C HIS C 12 13.51 0.64 4.47
N PRO C 13 12.45 1.12 5.16
CA PRO C 13 11.76 0.31 6.16
C PRO C 13 11.17 -0.99 5.62
N GLU C 14 10.67 -0.96 4.38
CA GLU C 14 10.13 -2.15 3.74
C GLU C 14 11.20 -3.22 3.60
N ASP C 15 12.47 -2.82 3.43
CA ASP C 15 13.57 -3.77 3.31
C ASP C 15 14.10 -4.19 4.68
N ALA C 16 14.13 -3.27 5.65
CA ALA C 16 14.74 -3.54 6.94
C ALA C 16 13.93 -4.59 7.73
N LYS C 17 12.65 -4.76 7.37
CA LYS C 17 11.77 -5.75 8.00
C LYS C 17 12.32 -7.16 7.87
N SER C 18 13.15 -7.42 6.85
CA SER C 18 13.63 -8.77 6.58
C SER C 18 15.03 -9.01 7.18
N TYR C 19 15.64 -7.98 7.76
CA TYR C 19 17.02 -8.10 8.24
C TYR C 19 17.08 -9.03 9.47
N ASP C 20 18.11 -9.87 9.50
CA ASP C 20 18.36 -10.75 10.64
C ASP C 20 19.24 -10.04 11.65
N THR C 21 19.56 -10.73 12.74
CA THR C 21 20.30 -10.15 13.85
C THR C 21 21.65 -9.63 13.34
N THR C 22 22.37 -10.48 12.59
CA THR C 22 23.69 -10.11 12.11
C THR C 22 23.63 -8.82 11.29
N ARG C 23 22.65 -8.74 10.39
CA ARG C 23 22.51 -7.60 9.49
C ARG C 23 22.22 -6.33 10.29
N ILE C 24 21.33 -6.43 11.29
CA ILE C 24 20.95 -5.29 12.10
C ILE C 24 22.19 -4.75 12.79
N ARG C 25 22.99 -5.65 13.38
CA ARG C 25 24.18 -5.25 14.11
C ARG C 25 25.17 -4.55 13.18
N ARG C 26 25.38 -5.13 11.99
CA ARG C 26 26.33 -4.61 11.02
C ARG C 26 25.97 -3.17 10.65
N ASP C 27 24.68 -2.91 10.40
CA ASP C 27 24.28 -1.66 9.76
C ASP C 27 23.99 -0.55 10.77
N PHE C 28 23.41 -0.88 11.94
CA PHE C 28 22.89 0.13 12.84
C PHE C 28 23.77 0.30 14.09
N LEU C 29 24.53 -0.73 14.47
CA LEU C 29 25.29 -0.67 15.70
C LEU C 29 26.73 -0.23 15.43
N ILE C 30 27.24 0.63 16.32
CA ILE C 30 28.61 1.11 16.27
C ILE C 30 29.33 0.66 17.54
N GLU C 31 30.07 -0.44 17.40
CA GLU C 31 30.58 -1.20 18.54
C GLU C 31 31.93 -0.68 18.99
N LYS C 32 32.70 -0.12 18.05
CA LYS C 32 34.10 0.21 18.29
C LYS C 32 34.26 1.73 18.20
N ILE C 33 34.21 2.41 19.35
CA ILE C 33 34.24 3.86 19.39
C ILE C 33 35.57 4.34 19.96
N PHE C 34 35.98 3.74 21.08
CA PHE C 34 37.17 4.16 21.81
C PHE C 34 38.22 3.05 21.76
N VAL C 35 39.31 3.33 21.04
CA VAL C 35 40.48 2.47 21.00
C VAL C 35 41.70 3.37 21.21
N PRO C 36 42.67 2.99 22.08
CA PRO C 36 43.80 3.86 22.39
C PRO C 36 44.50 4.43 21.16
N ASN C 37 44.54 5.77 21.09
CA ASN C 37 45.24 6.51 20.06
C ASN C 37 44.66 6.27 18.67
N GLU C 38 43.35 5.99 18.63
CA GLU C 38 42.62 5.91 17.38
C GLU C 38 41.49 6.92 17.39
N VAL C 39 41.15 7.40 16.19
CA VAL C 39 39.88 8.06 15.92
C VAL C 39 39.07 7.13 15.02
N ASN C 40 37.92 6.66 15.53
CA ASN C 40 37.07 5.72 14.84
C ASN C 40 35.74 6.40 14.50
N MET C 41 35.35 6.35 13.22
CA MET C 41 34.20 7.11 12.73
C MET C 41 33.33 6.25 11.82
N VAL C 42 32.02 6.53 11.85
CA VAL C 42 31.08 6.07 10.85
C VAL C 42 30.49 7.30 10.15
N TYR C 43 30.51 7.28 8.81
CA TYR C 43 29.79 8.22 7.98
C TYR C 43 28.48 7.58 7.54
N SER C 44 27.36 8.10 8.04
CA SER C 44 26.05 7.53 7.78
C SER C 44 25.35 8.31 6.67
N MET C 45 24.70 7.60 5.74
CA MET C 45 23.98 8.25 4.67
C MET C 45 22.64 8.79 5.17
N TYR C 46 22.27 8.51 6.43
CA TYR C 46 21.20 9.24 7.08
C TYR C 46 21.72 10.63 7.47
N ASP C 47 21.41 11.62 6.61
CA ASP C 47 21.73 13.01 6.83
C ASP C 47 23.25 13.27 6.84
N ARG C 48 24.06 12.31 6.37
CA ARG C 48 25.50 12.46 6.35
C ARG C 48 26.03 12.75 7.76
N MET C 49 25.45 12.09 8.76
CA MET C 49 25.96 12.24 10.12
C MET C 49 27.25 11.43 10.26
N VAL C 50 28.26 12.06 10.86
CA VAL C 50 29.46 11.35 11.26
C VAL C 50 29.37 11.14 12.78
N VAL C 51 29.53 9.89 13.20
CA VAL C 51 29.51 9.47 14.59
C VAL C 51 30.89 8.88 14.87
N GLY C 52 31.55 9.34 15.94
CA GLY C 52 32.88 8.83 16.21
C GLY C 52 33.34 9.04 17.65
N GLY C 53 34.52 8.48 17.93
CA GLY C 53 35.17 8.61 19.22
C GLY C 53 36.68 8.79 19.06
N ALA C 54 37.28 9.49 20.02
CA ALA C 54 38.73 9.65 20.09
C ALA C 54 39.21 9.36 21.51
N LEU C 55 40.27 8.55 21.64
CA LEU C 55 40.81 8.15 22.93
C LEU C 55 42.32 8.45 22.96
N PRO C 56 42.75 9.68 23.29
CA PRO C 56 44.17 10.00 23.36
C PRO C 56 44.86 9.41 24.59
N VAL C 57 45.89 8.59 24.35
CA VAL C 57 46.69 8.01 25.41
C VAL C 57 48.17 8.25 25.10
N GLY C 58 48.70 9.38 25.59
CA GLY C 58 50.10 9.73 25.40
C GLY C 58 50.36 10.43 24.07
N GLU C 59 49.31 10.62 23.26
CA GLU C 59 49.44 11.31 21.99
C GLU C 59 48.33 12.35 21.84
N VAL C 60 48.60 13.38 21.04
CA VAL C 60 47.60 14.32 20.57
C VAL C 60 47.02 13.76 19.28
N LEU C 61 45.70 13.59 19.23
CA LEU C 61 45.05 12.98 18.07
C LEU C 61 44.46 14.06 17.17
N THR C 62 44.71 13.93 15.86
CA THR C 62 44.17 14.84 14.85
C THR C 62 42.87 14.25 14.30
N LEU C 63 41.85 15.11 14.17
CA LEU C 63 40.61 14.76 13.51
C LEU C 63 40.81 14.96 12.01
N GLU C 64 40.94 13.85 11.27
CA GLU C 64 41.35 13.91 9.88
C GLU C 64 40.14 14.13 8.99
N ALA C 65 40.36 14.89 7.91
CA ALA C 65 39.37 15.09 6.86
C ALA C 65 39.29 13.85 5.98
N ILE C 66 38.45 12.89 6.38
CA ILE C 66 38.33 11.63 5.67
C ILE C 66 37.76 11.88 4.27
N ASP C 67 38.07 10.96 3.36
CA ASP C 67 37.79 11.08 1.94
C ASP C 67 36.35 11.53 1.65
N PRO C 68 35.30 10.85 2.17
CA PRO C 68 33.92 11.25 1.86
C PRO C 68 33.57 12.71 2.18
N LEU C 69 34.40 13.38 2.98
CA LEU C 69 34.18 14.80 3.25
C LEU C 69 34.60 15.64 2.05
N LYS C 70 35.55 15.14 1.25
CA LYS C 70 36.03 15.83 0.06
C LYS C 70 36.46 17.25 0.43
N ALA C 71 37.33 17.38 1.43
CA ALA C 71 37.74 18.67 1.96
C ALA C 71 39.09 18.56 2.66
N PRO C 72 39.86 19.67 2.76
CA PRO C 72 41.16 19.64 3.44
C PRO C 72 41.07 19.60 4.96
N PHE C 73 39.99 20.16 5.53
CA PHE C 73 39.73 20.09 6.96
C PHE C 73 38.35 19.49 7.22
N PHE C 74 38.25 18.71 8.29
CA PHE C 74 37.02 18.05 8.68
C PHE C 74 35.89 19.06 8.76
N LEU C 75 36.13 20.25 9.33
CA LEU C 75 35.08 21.22 9.57
C LEU C 75 34.99 22.30 8.48
N THR C 76 35.63 22.09 7.31
CA THR C 76 35.58 23.07 6.25
C THR C 76 34.15 23.58 6.06
N ARG C 77 33.21 22.64 5.88
CA ARG C 77 31.79 22.96 5.77
C ARG C 77 31.01 21.99 6.66
N ARG C 78 31.47 21.86 7.91
CA ARG C 78 30.83 20.98 8.87
C ARG C 78 30.84 21.64 10.24
N GLU C 79 29.92 21.18 11.10
CA GLU C 79 29.87 21.53 12.52
C GLU C 79 29.87 20.21 13.30
N MET C 80 30.29 20.27 14.56
CA MET C 80 30.34 19.08 15.39
C MET C 80 30.05 19.43 16.85
N GLY C 81 29.54 18.41 17.54
CA GLY C 81 29.37 18.44 18.98
C GLY C 81 30.17 17.31 19.62
N ILE C 82 30.93 17.65 20.67
CA ILE C 82 31.84 16.74 21.34
C ILE C 82 31.42 16.62 22.81
N TYR C 83 31.34 15.39 23.32
CA TYR C 83 31.20 15.13 24.74
C TYR C 83 32.44 14.37 25.20
N ASN C 84 32.95 14.73 26.39
CA ASN C 84 33.94 13.95 27.08
C ASN C 84 33.23 13.01 28.05
N VAL C 85 33.38 11.70 27.84
CA VAL C 85 32.81 10.71 28.73
C VAL C 85 33.93 9.93 29.43
N GLY C 86 35.09 10.57 29.58
CA GLY C 86 36.25 9.98 30.23
C GLY C 86 36.94 10.99 31.17
N GLY C 87 38.27 10.90 31.28
CA GLY C 87 39.03 11.76 32.17
C GLY C 87 39.27 13.14 31.55
N PRO C 88 39.85 14.10 32.31
CA PRO C 88 40.02 15.46 31.82
C PRO C 88 40.80 15.53 30.50
N GLY C 89 40.30 16.34 29.57
CA GLY C 89 40.93 16.46 28.26
C GLY C 89 40.91 17.89 27.74
N ILE C 90 41.57 18.08 26.59
CA ILE C 90 41.61 19.36 25.92
C ILE C 90 41.32 19.15 24.43
N VAL C 91 40.42 19.97 23.90
CA VAL C 91 40.12 20.04 22.48
C VAL C 91 40.65 21.36 21.95
N LYS C 92 41.38 21.31 20.84
CA LYS C 92 41.77 22.51 20.14
C LYS C 92 41.13 22.54 18.76
N ALA C 93 40.84 23.75 18.28
CA ALA C 93 40.31 23.99 16.95
C ALA C 93 40.92 25.28 16.42
N GLY C 94 41.86 25.16 15.50
CA GLY C 94 42.69 26.30 15.13
C GLY C 94 43.48 26.77 16.35
N ASP C 95 43.32 28.04 16.72
CA ASP C 95 43.96 28.58 17.90
C ASP C 95 43.06 28.44 19.13
N ALA C 96 41.77 28.12 18.94
CA ALA C 96 40.86 27.96 20.06
C ALA C 96 41.25 26.71 20.87
N GLU C 97 41.05 26.80 22.19
CA GLU C 97 41.42 25.73 23.10
C GLU C 97 40.36 25.63 24.20
N PHE C 98 39.91 24.40 24.47
CA PHE C 98 38.84 24.14 25.42
C PHE C 98 39.19 22.94 26.28
N GLU C 99 39.18 23.14 27.61
CA GLU C 99 39.28 22.05 28.57
C GLU C 99 37.89 21.43 28.74
N LEU C 100 37.81 20.10 28.61
CA LEU C 100 36.55 19.38 28.79
C LEU C 100 36.79 18.26 29.80
N ASP C 101 36.03 18.29 30.91
CA ASP C 101 35.98 17.20 31.85
C ASP C 101 34.72 16.36 31.59
N TYR C 102 34.55 15.32 32.42
CA TYR C 102 33.49 14.34 32.28
C TYR C 102 32.14 15.01 32.14
N LYS C 103 31.38 14.59 31.12
CA LYS C 103 30.00 15.00 30.90
C LYS C 103 29.89 16.44 30.44
N GLU C 104 31.01 17.07 30.05
CA GLU C 104 30.95 18.42 29.49
C GLU C 104 30.97 18.33 27.96
N ALA C 105 30.34 19.32 27.32
CA ALA C 105 30.15 19.29 25.88
C ALA C 105 30.74 20.53 25.21
N LEU C 106 30.96 20.44 23.90
CA LEU C 106 31.55 21.50 23.11
C LEU C 106 31.00 21.46 21.69
N TYR C 107 30.45 22.60 21.25
CA TYR C 107 30.10 22.80 19.86
C TYR C 107 31.26 23.53 19.16
N LEU C 108 31.74 22.95 18.05
CA LEU C 108 32.69 23.59 17.16
C LEU C 108 32.00 23.90 15.83
N GLY C 109 32.16 25.15 15.38
CA GLY C 109 31.57 25.65 14.15
C GLY C 109 32.47 25.42 12.95
N SER C 110 31.91 25.69 11.76
CA SER C 110 32.60 25.42 10.51
C SER C 110 33.76 26.39 10.30
N GLY C 111 34.70 25.98 9.44
CA GLY C 111 35.86 26.78 9.11
C GLY C 111 37.05 25.88 8.81
N ASP C 112 38.06 26.46 8.17
CA ASP C 112 39.27 25.74 7.82
C ASP C 112 40.19 25.68 9.04
N ARG C 113 39.80 24.84 10.02
CA ARG C 113 40.54 24.71 11.26
C ARG C 113 40.81 23.24 11.55
N VAL C 114 42.03 22.96 12.02
CA VAL C 114 42.39 21.62 12.45
C VAL C 114 41.91 21.43 13.88
N VAL C 115 41.27 20.28 14.11
CA VAL C 115 40.78 19.88 15.42
C VAL C 115 41.68 18.79 15.95
N THR C 116 42.10 18.93 17.23
CA THR C 116 42.91 17.92 17.89
C THR C 116 42.30 17.56 19.23
N PHE C 117 42.55 16.32 19.67
CA PHE C 117 42.08 15.82 20.95
C PHE C 117 43.28 15.35 21.77
N GLU C 118 43.31 15.68 23.06
CA GLU C 118 44.39 15.22 23.93
C GLU C 118 43.86 15.03 25.34
N SER C 119 44.56 14.16 26.09
CA SER C 119 44.28 13.89 27.49
C SER C 119 45.31 14.64 28.34
N LYS C 120 44.88 15.15 29.51
CA LYS C 120 45.78 15.76 30.46
C LYS C 120 46.64 14.70 31.16
N ASP C 121 46.12 13.46 31.23
CA ASP C 121 46.75 12.39 31.99
C ASP C 121 46.43 11.05 31.34
N ALA C 122 47.44 10.44 30.70
CA ALA C 122 47.27 9.23 29.91
C ALA C 122 46.86 8.03 30.78
N ALA C 123 46.97 8.15 32.10
CA ALA C 123 46.45 7.15 33.03
C ALA C 123 44.93 7.27 33.16
N HIS C 124 44.40 8.49 32.97
CA HIS C 124 42.97 8.74 33.05
C HIS C 124 42.53 9.42 31.74
N PRO C 125 42.59 8.71 30.60
CA PRO C 125 42.43 9.36 29.30
C PRO C 125 41.03 9.91 29.05
N ALA C 126 40.97 10.95 28.22
CA ALA C 126 39.70 11.50 27.78
C ALA C 126 39.07 10.53 26.79
N LYS C 127 37.73 10.46 26.82
CA LYS C 127 36.99 9.70 25.83
C LYS C 127 36.03 10.67 25.11
N PHE C 128 36.48 11.14 23.94
CA PHE C 128 35.72 12.14 23.21
C PHE C 128 34.76 11.45 22.24
N TYR C 129 33.46 11.62 22.47
CA TYR C 129 32.44 11.16 21.54
C TYR C 129 31.90 12.36 20.77
N PHE C 130 31.69 12.22 19.46
CA PHE C 130 31.23 13.35 18.68
C PHE C 130 30.22 12.94 17.62
N ASN C 131 29.33 13.90 17.30
CA ASN C 131 28.49 13.85 16.12
C ASN C 131 28.81 15.08 15.28
N SER C 132 28.75 14.93 13.94
CA SER C 132 28.98 16.02 13.02
C SER C 132 27.97 16.00 11.89
N LEU C 133 27.55 17.20 11.46
CA LEU C 133 26.68 17.37 10.32
C LEU C 133 27.22 18.50 9.46
N THR C 134 26.71 18.60 8.22
CA THR C 134 27.14 19.64 7.31
C THR C 134 26.68 20.98 7.86
N ALA C 135 27.38 22.03 7.45
CA ALA C 135 27.13 23.38 7.92
C ALA C 135 27.50 24.37 6.83
N HIS C 136 26.53 25.18 6.38
CA HIS C 136 26.76 26.10 5.28
C HIS C 136 27.16 27.47 5.83
N ARG C 137 27.06 27.68 7.15
CA ARG C 137 27.58 28.90 7.73
C ARG C 137 28.23 28.67 9.09
N ASN C 138 29.12 29.61 9.41
CA ASN C 138 29.90 29.63 10.65
C ASN C 138 29.04 30.10 11.81
N TYR C 139 29.04 29.35 12.90
CA TYR C 139 28.57 29.85 14.18
C TYR C 139 29.70 29.73 15.19
N PRO C 140 29.68 30.56 16.26
CA PRO C 140 30.69 30.53 17.30
C PRO C 140 30.78 29.21 18.06
N ASP C 141 32.01 28.83 18.43
CA ASP C 141 32.25 27.72 19.34
C ASP C 141 31.63 28.00 20.71
N ARG C 142 31.22 26.94 21.43
CA ARG C 142 30.78 27.11 22.82
C ARG C 142 30.91 25.81 23.60
N LYS C 143 31.50 25.92 24.80
CA LYS C 143 31.49 24.86 25.79
C LYS C 143 30.17 24.95 26.56
N VAL C 144 29.53 23.81 26.80
CA VAL C 144 28.24 23.77 27.45
C VAL C 144 28.27 22.63 28.48
N THR C 145 28.05 22.97 29.75
CA THR C 145 27.96 22.01 30.84
C THR C 145 26.49 21.89 31.24
N LYS C 146 26.21 20.91 32.11
CA LYS C 146 24.86 20.67 32.60
C LYS C 146 24.30 21.90 33.31
N ALA C 147 25.19 22.69 33.94
CA ALA C 147 24.80 23.93 34.59
C ALA C 147 24.21 24.93 33.59
N ASP C 148 24.61 24.81 32.32
CA ASP C 148 24.18 25.74 31.27
C ASP C 148 22.96 25.20 30.53
N ALA C 149 22.53 23.97 30.84
CA ALA C 149 21.57 23.25 30.02
C ALA C 149 20.14 23.67 30.40
N VAL C 150 19.22 23.56 29.43
CA VAL C 150 17.81 23.50 29.73
C VAL C 150 17.51 22.06 30.19
N VAL C 151 17.08 21.90 31.44
CA VAL C 151 16.92 20.58 32.05
C VAL C 151 15.44 20.28 32.21
N ALA C 152 15.06 19.02 31.96
CA ALA C 152 13.70 18.57 32.17
C ALA C 152 13.68 17.23 32.90
N GLU C 153 13.06 17.21 34.08
CA GLU C 153 12.80 15.98 34.81
C GLU C 153 11.57 15.32 34.21
N MET C 154 11.70 14.03 33.86
CA MET C 154 10.63 13.27 33.24
C MET C 154 10.48 11.92 33.93
N GLY C 155 9.33 11.28 33.71
CA GLY C 155 9.11 9.90 34.12
C GLY C 155 8.83 9.74 35.61
N SER C 156 8.89 8.49 36.07
CA SER C 156 8.62 8.12 37.45
C SER C 156 9.26 6.76 37.76
N LEU C 157 9.42 6.50 39.05
CA LEU C 157 9.91 5.22 39.55
C LEU C 157 9.05 4.08 39.02
N GLU C 158 7.72 4.28 39.01
CA GLU C 158 6.76 3.25 38.67
C GLU C 158 6.95 2.81 37.21
N GLY C 159 7.23 3.79 36.32
CA GLY C 159 7.42 3.53 34.90
C GLY C 159 8.86 3.18 34.56
N SER C 160 9.71 3.01 35.57
CA SER C 160 11.13 2.76 35.41
C SER C 160 11.70 3.65 34.30
N ASN C 161 11.36 4.94 34.32
CA ASN C 161 11.80 5.89 33.31
C ASN C 161 12.04 7.28 33.91
N HIS C 162 12.37 7.33 35.21
CA HIS C 162 12.70 8.58 35.88
C HIS C 162 14.06 9.06 35.40
N ARG C 163 14.12 10.29 34.87
CA ARG C 163 15.33 10.74 34.18
C ARG C 163 15.38 12.26 34.09
N ASN C 164 16.60 12.80 33.95
CA ASN C 164 16.81 14.20 33.66
C ASN C 164 17.35 14.34 32.23
N ILE C 165 16.62 15.08 31.39
CA ILE C 165 17.03 15.39 30.05
C ILE C 165 17.80 16.71 30.09
N ASN C 166 19.12 16.64 29.84
CA ASN C 166 19.97 17.81 29.76
C ASN C 166 20.09 18.26 28.30
N LYS C 167 19.30 19.27 27.92
CA LYS C 167 19.35 19.83 26.57
C LYS C 167 20.48 20.86 26.54
N MET C 168 21.56 20.53 25.80
CA MET C 168 22.83 21.23 25.93
C MET C 168 23.18 21.96 24.63
N LEU C 169 23.50 21.19 23.57
CA LEU C 169 23.79 21.78 22.28
C LEU C 169 22.48 21.88 21.49
N VAL C 170 21.60 22.77 21.94
CA VAL C 170 20.24 22.90 21.43
C VAL C 170 19.98 24.37 21.14
N ASN C 171 18.95 24.63 20.32
CA ASN C 171 18.70 25.95 19.79
C ASN C 171 18.31 26.92 20.92
N GLN C 172 17.79 26.40 22.04
CA GLN C 172 17.44 27.23 23.17
C GLN C 172 18.69 27.73 23.91
N VAL C 173 19.85 27.10 23.64
CA VAL C 173 21.09 27.42 24.32
C VAL C 173 22.03 28.18 23.38
N LEU C 174 22.20 27.69 22.14
CA LEU C 174 23.13 28.30 21.20
C LEU C 174 22.64 28.10 19.77
N PRO C 175 23.05 28.97 18.83
CA PRO C 175 22.77 28.74 17.41
C PRO C 175 23.70 27.69 16.81
N THR C 176 23.12 26.81 16.00
CA THR C 176 23.85 25.85 15.19
C THR C 176 23.13 25.78 13.84
N CYS C 177 23.79 25.19 12.83
CA CYS C 177 23.20 25.06 11.51
C CYS C 177 22.07 24.03 11.53
N GLN C 178 22.34 22.85 12.11
CA GLN C 178 21.33 21.81 12.14
C GLN C 178 21.55 20.84 13.31
N LEU C 179 22.81 20.69 13.76
CA LEU C 179 23.11 19.74 14.83
C LEU C 179 22.46 20.20 16.13
N GLN C 180 21.84 19.23 16.81
CA GLN C 180 21.38 19.40 18.18
C GLN C 180 21.75 18.14 18.96
N MET C 181 22.26 18.32 20.18
CA MET C 181 22.67 17.20 21.02
C MET C 181 22.36 17.49 22.49
N GLY C 182 22.16 16.41 23.24
CA GLY C 182 21.93 16.49 24.66
C GLY C 182 22.27 15.17 25.35
N MET C 183 21.93 15.10 26.65
CA MET C 183 22.39 14.02 27.50
C MET C 183 21.31 13.74 28.55
N THR C 184 20.86 12.48 28.58
CA THR C 184 19.79 12.08 29.47
C THR C 184 20.33 11.07 30.47
N GLU C 185 20.01 11.30 31.75
CA GLU C 185 20.55 10.54 32.87
C GLU C 185 19.40 9.85 33.58
N LEU C 186 19.44 8.51 33.60
CA LEU C 186 18.37 7.74 34.21
C LEU C 186 18.65 7.63 35.71
N ALA C 187 17.61 7.81 36.52
CA ALA C 187 17.74 7.65 37.96
C ALA C 187 17.99 6.19 38.30
N PRO C 188 18.66 5.86 39.42
CA PRO C 188 18.76 4.48 39.88
C PRO C 188 17.42 3.75 39.80
N GLY C 189 17.43 2.54 39.24
CA GLY C 189 16.24 1.71 39.14
C GLY C 189 15.35 2.03 37.92
N SER C 190 15.70 3.06 37.13
CA SER C 190 15.00 3.38 35.90
C SER C 190 15.84 2.96 34.70
N VAL C 191 15.20 2.32 33.69
CA VAL C 191 15.96 1.68 32.62
C VAL C 191 15.43 2.06 31.23
N TRP C 192 14.25 2.68 31.14
CA TRP C 192 13.64 3.03 29.86
C TRP C 192 14.05 4.44 29.44
N ASN C 193 14.55 4.60 28.21
CA ASN C 193 15.03 5.89 27.72
C ASN C 193 13.87 6.73 27.16
N THR C 194 12.69 6.10 27.02
CA THR C 194 11.47 6.76 26.57
C THR C 194 11.84 7.92 25.67
N ARG C 203 13.15 12.19 12.77
CA ARG C 203 14.40 12.28 11.96
C ARG C 203 15.38 11.23 12.48
N MET C 204 16.52 11.07 11.79
CA MET C 204 17.51 10.11 12.23
C MET C 204 18.19 10.67 13.47
N GLU C 205 18.35 9.81 14.47
CA GLU C 205 19.02 10.18 15.71
C GLU C 205 20.12 9.15 15.97
N ALA C 206 21.25 9.62 16.52
CA ALA C 206 22.29 8.75 17.01
C ALA C 206 22.24 8.71 18.54
N TYR C 207 22.30 7.51 19.10
CA TYR C 207 22.27 7.32 20.54
C TYR C 207 23.55 6.63 21.00
N PHE C 208 24.21 7.20 22.02
CA PHE C 208 25.42 6.65 22.61
C PHE C 208 25.20 6.43 24.10
N TYR C 209 25.41 5.17 24.56
CA TYR C 209 25.11 4.77 25.92
C TYR C 209 26.41 4.67 26.72
N PHE C 210 26.40 5.18 27.97
CA PHE C 210 27.56 5.10 28.85
C PHE C 210 27.12 5.15 30.32
N GLU C 211 28.12 5.21 31.21
CA GLU C 211 27.91 5.19 32.65
C GLU C 211 26.98 4.04 33.01
N ILE C 212 27.33 2.86 32.53
CA ILE C 212 26.63 1.63 32.86
C ILE C 212 27.69 0.56 33.10
N PRO C 213 27.55 -0.30 34.14
CA PRO C 213 28.56 -1.32 34.40
C PRO C 213 28.74 -2.28 33.23
N GLU C 214 29.98 -2.80 33.10
CA GLU C 214 30.42 -3.58 31.95
C GLU C 214 29.58 -4.85 31.78
N ASP C 215 29.14 -5.44 32.89
CA ASP C 215 28.41 -6.70 32.85
C ASP C 215 26.92 -6.47 32.55
N HIS C 216 26.50 -5.21 32.36
CA HIS C 216 25.11 -4.91 32.02
C HIS C 216 25.00 -4.64 30.52
N ALA C 217 23.76 -4.51 30.03
CA ALA C 217 23.52 -4.32 28.61
C ALA C 217 22.26 -3.46 28.38
N ILE C 218 22.18 -2.91 27.16
CA ILE C 218 21.05 -2.11 26.72
C ILE C 218 20.35 -2.84 25.58
N CYS C 219 19.05 -3.02 25.71
CA CYS C 219 18.23 -3.52 24.62
C CYS C 219 17.63 -2.33 23.87
N HIS C 220 18.19 -2.01 22.70
CA HIS C 220 17.74 -0.85 21.95
C HIS C 220 16.77 -1.31 20.86
N PHE C 221 15.57 -0.72 20.88
CA PHE C 221 14.51 -1.08 19.95
C PHE C 221 14.66 -0.25 18.68
N MET C 222 14.19 -0.82 17.57
CA MET C 222 14.09 -0.10 16.31
C MET C 222 12.97 -0.72 15.50
N GLY C 223 12.75 -0.17 14.30
CA GLY C 223 11.75 -0.65 13.37
C GLY C 223 10.54 0.28 13.37
N GLU C 224 9.62 0.03 12.43
CA GLU C 224 8.34 0.71 12.39
C GLU C 224 7.44 0.14 13.49
N VAL C 225 6.48 0.96 13.95
CA VAL C 225 5.46 0.51 14.88
C VAL C 225 4.75 -0.71 14.27
N GLY C 226 4.60 -1.76 15.08
CA GLY C 226 3.94 -2.98 14.62
C GLY C 226 4.90 -3.96 13.95
N GLU C 227 6.17 -3.58 13.77
CA GLU C 227 7.17 -4.46 13.18
C GLU C 227 8.52 -4.18 13.82
N THR C 228 8.56 -4.19 15.16
CA THR C 228 9.72 -3.74 15.90
C THR C 228 10.75 -4.86 15.99
N ARG C 229 12.01 -4.44 16.10
CA ARG C 229 13.16 -5.31 16.27
C ARG C 229 14.00 -4.73 17.41
N HIS C 230 15.11 -5.38 17.75
CA HIS C 230 15.95 -4.88 18.82
C HIS C 230 17.40 -5.30 18.56
N VAL C 231 18.32 -4.62 19.24
CA VAL C 231 19.74 -4.95 19.21
C VAL C 231 20.31 -4.79 20.63
N TRP C 232 21.17 -5.74 21.02
CA TRP C 232 21.80 -5.74 22.33
C TRP C 232 23.13 -4.99 22.28
N MET C 233 23.27 -4.01 23.18
CA MET C 233 24.42 -3.10 23.17
C MET C 233 25.13 -3.12 24.52
N LYS C 234 26.37 -2.64 24.53
CA LYS C 234 27.13 -2.41 25.76
C LYS C 234 27.39 -0.92 25.93
N GLY C 235 27.86 -0.53 27.12
CA GLY C 235 28.33 0.84 27.35
C GLY C 235 29.44 1.22 26.38
N ASP C 236 29.49 2.51 26.03
CA ASP C 236 30.46 3.05 25.09
C ASP C 236 30.20 2.53 23.67
N GLN C 237 28.94 2.18 23.38
CA GLN C 237 28.54 1.86 22.02
C GLN C 237 27.43 2.81 21.60
N ALA C 238 27.33 3.05 20.28
CA ALA C 238 26.28 3.90 19.73
C ALA C 238 25.43 3.13 18.73
N VAL C 239 24.26 3.69 18.42
CA VAL C 239 23.32 3.12 17.47
C VAL C 239 22.73 4.24 16.61
N LEU C 240 22.53 3.93 15.33
CA LEU C 240 21.90 4.84 14.39
C LEU C 240 20.42 4.46 14.32
N SER C 241 19.54 5.45 14.54
CA SER C 241 18.11 5.23 14.55
C SER C 241 17.47 6.03 13.42
N PRO C 242 17.06 5.38 12.30
CA PRO C 242 16.45 6.07 11.17
C PRO C 242 15.18 6.86 11.51
N GLU C 243 14.87 7.83 10.65
CA GLU C 243 13.67 8.66 10.78
C GLU C 243 12.39 7.83 10.81
N TRP C 244 12.41 6.63 10.22
CA TRP C 244 11.21 5.78 10.16
C TRP C 244 11.16 4.79 11.32
N SER C 245 12.16 4.81 12.20
CA SER C 245 12.31 3.83 13.27
C SER C 245 11.86 4.41 14.60
N ILE C 246 11.32 3.57 15.48
CA ILE C 246 11.20 3.90 16.90
C ILE C 246 12.61 3.90 17.48
N HIS C 247 12.77 4.41 18.71
CA HIS C 247 14.12 4.56 19.27
C HIS C 247 14.15 4.37 20.79
N SER C 248 13.16 3.68 21.37
CA SER C 248 13.19 3.40 22.80
C SER C 248 14.26 2.36 23.11
N ALA C 249 14.57 2.24 24.41
CA ALA C 249 15.58 1.29 24.88
C ALA C 249 15.31 0.95 26.35
N ALA C 250 15.53 -0.32 26.70
CA ALA C 250 15.48 -0.78 28.07
C ALA C 250 16.80 -1.45 28.40
N ALA C 251 17.48 -0.96 29.45
CA ALA C 251 18.71 -1.56 29.93
C ALA C 251 18.42 -2.44 31.14
N THR C 252 19.43 -3.20 31.58
CA THR C 252 19.34 -4.05 32.75
C THR C 252 19.85 -3.30 33.99
N HIS C 253 20.16 -2.01 33.82
CA HIS C 253 20.71 -1.15 34.86
C HIS C 253 20.55 0.29 34.36
N ASN C 254 20.61 1.28 35.26
CA ASN C 254 20.52 2.67 34.84
C ASN C 254 21.79 3.06 34.08
N TYR C 255 21.70 4.19 33.36
CA TYR C 255 22.73 4.62 32.43
C TYR C 255 22.52 6.09 32.11
N THR C 256 23.49 6.66 31.38
CA THR C 256 23.33 7.95 30.74
C THR C 256 23.46 7.73 29.24
N PHE C 257 22.76 8.53 28.45
CA PHE C 257 22.96 8.45 27.01
C PHE C 257 23.04 9.85 26.43
N ILE C 258 23.85 9.96 25.38
CA ILE C 258 23.94 11.15 24.57
C ILE C 258 23.11 10.92 23.30
N TRP C 259 22.32 11.93 22.93
CA TRP C 259 21.53 11.91 21.71
C TRP C 259 21.96 13.07 20.81
N GLY C 260 21.86 12.82 19.49
CA GLY C 260 22.28 13.78 18.48
C GLY C 260 21.42 13.63 17.22
N MET C 261 21.13 14.75 16.57
CA MET C 261 20.22 14.77 15.43
C MET C 261 20.45 16.01 14.58
N GLY C 262 20.01 15.93 13.33
CA GLY C 262 19.99 17.05 12.40
C GLY C 262 18.71 17.07 11.58
N GLY C 263 18.85 17.24 10.26
CA GLY C 263 17.72 17.26 9.35
C GLY C 263 16.96 18.58 9.42
N GLU C 264 15.63 18.49 9.37
CA GLU C 264 14.76 19.65 9.36
C GLU C 264 13.81 19.59 10.57
N MET D 1 -22.54 -20.31 28.16
CA MET D 1 -21.39 -21.25 28.12
C MET D 1 -20.93 -21.43 26.68
N LYS D 2 -19.63 -21.25 26.44
CA LYS D 2 -19.04 -21.55 25.14
C LYS D 2 -17.57 -21.92 25.34
N THR D 3 -17.13 -22.97 24.63
CA THR D 3 -15.72 -23.37 24.63
C THR D 3 -15.14 -23.07 23.24
N ASN D 4 -13.99 -22.37 23.22
CA ASN D 4 -13.21 -22.21 22.00
C ASN D 4 -11.83 -22.81 22.22
N TYR D 5 -11.30 -23.48 21.18
CA TYR D 5 -9.93 -23.96 21.24
C TYR D 5 -9.31 -23.87 19.85
N GLU D 6 -7.99 -23.76 19.82
CA GLU D 6 -7.23 -23.89 18.58
C GLU D 6 -5.99 -24.73 18.88
N ILE D 7 -5.57 -25.50 17.85
CA ILE D 7 -4.34 -26.26 17.91
C ILE D 7 -3.24 -25.41 17.29
N ARG D 8 -2.06 -25.38 17.92
CA ARG D 8 -0.91 -24.67 17.36
C ARG D 8 0.27 -25.63 17.28
N TYR D 9 0.90 -25.67 16.11
CA TYR D 9 1.94 -26.63 15.83
C TYR D 9 3.24 -26.12 16.42
N ALA D 10 4.16 -27.06 16.65
CA ALA D 10 5.50 -26.76 17.07
C ALA D 10 6.30 -26.33 15.84
N ALA D 11 7.48 -25.74 16.09
CA ALA D 11 8.29 -25.17 15.02
C ALA D 11 9.76 -25.48 15.28
N HIS D 12 10.52 -25.37 14.19
CA HIS D 12 11.96 -25.58 14.18
C HIS D 12 12.63 -24.21 14.36
N PRO D 13 13.65 -24.06 15.22
CA PRO D 13 14.31 -22.79 15.42
C PRO D 13 14.91 -22.19 14.15
N GLU D 14 15.41 -23.07 13.28
CA GLU D 14 15.96 -22.69 11.97
C GLU D 14 14.89 -21.99 11.14
N ASP D 15 13.65 -22.48 11.18
CA ASP D 15 12.55 -21.85 10.47
C ASP D 15 12.10 -20.56 11.19
N ALA D 16 12.12 -20.59 12.52
CA ALA D 16 11.54 -19.51 13.33
C ALA D 16 12.28 -18.19 13.13
N LYS D 17 13.56 -18.24 12.77
CA LYS D 17 14.37 -17.03 12.68
C LYS D 17 13.92 -16.14 11.53
N SER D 18 13.12 -16.66 10.60
CA SER D 18 12.66 -15.87 9.47
C SER D 18 11.26 -15.32 9.71
N TYR D 19 10.67 -15.59 10.88
CA TYR D 19 9.31 -15.14 11.18
C TYR D 19 9.28 -13.63 11.39
N ASP D 20 8.28 -12.96 10.78
CA ASP D 20 8.03 -11.54 10.99
C ASP D 20 7.14 -11.38 12.23
N THR D 21 6.75 -10.14 12.54
CA THR D 21 6.02 -9.83 13.77
C THR D 21 4.65 -10.52 13.77
N THR D 22 3.93 -10.42 12.64
CA THR D 22 2.59 -10.98 12.53
C THR D 22 2.62 -12.48 12.80
N ARG D 23 3.64 -13.17 12.27
CA ARG D 23 3.75 -14.61 12.39
C ARG D 23 4.07 -15.00 13.84
N ILE D 24 5.01 -14.28 14.46
CA ILE D 24 5.37 -14.53 15.84
C ILE D 24 4.15 -14.38 16.74
N ARG D 25 3.37 -13.31 16.51
CA ARG D 25 2.17 -13.05 17.28
C ARG D 25 1.15 -14.19 17.10
N ARG D 26 0.94 -14.63 15.84
CA ARG D 26 -0.07 -15.63 15.54
C ARG D 26 0.26 -16.96 16.21
N ASP D 27 1.55 -17.34 16.27
CA ASP D 27 1.91 -18.68 16.69
C ASP D 27 2.25 -18.77 18.19
N PHE D 28 2.80 -17.71 18.78
CA PHE D 28 3.33 -17.79 20.14
C PHE D 28 2.49 -17.02 21.16
N LEU D 29 1.79 -15.97 20.71
CA LEU D 29 1.04 -15.10 21.61
C LEU D 29 -0.39 -15.63 21.75
N ILE D 30 -0.90 -15.61 22.98
CA ILE D 30 -2.27 -15.99 23.27
C ILE D 30 -2.98 -14.76 23.85
N GLU D 31 -3.78 -14.10 23.01
CA GLU D 31 -4.34 -12.80 23.32
C GLU D 31 -5.67 -12.92 24.06
N LYS D 32 -6.46 -13.96 23.74
CA LYS D 32 -7.81 -14.10 24.27
C LYS D 32 -7.84 -15.21 25.32
N ILE D 33 -7.67 -14.81 26.58
CA ILE D 33 -7.70 -15.74 27.70
C ILE D 33 -9.04 -15.64 28.45
N PHE D 34 -9.53 -14.42 28.70
CA PHE D 34 -10.75 -14.20 29.47
C PHE D 34 -11.79 -13.45 28.64
N VAL D 35 -12.89 -14.15 28.35
CA VAL D 35 -14.08 -13.56 27.75
C VAL D 35 -15.29 -14.06 28.54
N PRO D 36 -16.25 -13.19 28.92
CA PRO D 36 -17.35 -13.58 29.79
C PRO D 36 -18.05 -14.87 29.36
N ASN D 37 -18.10 -15.84 30.30
CA ASN D 37 -18.80 -17.10 30.10
C ASN D 37 -18.22 -17.90 28.94
N GLU D 38 -16.90 -17.78 28.75
CA GLU D 38 -16.19 -18.59 27.78
C GLU D 38 -15.04 -19.30 28.47
N VAL D 39 -14.72 -20.50 27.98
CA VAL D 39 -13.44 -21.15 28.26
C VAL D 39 -12.64 -21.11 26.97
N ASN D 40 -11.52 -20.38 26.98
CA ASN D 40 -10.69 -20.19 25.81
C ASN D 40 -9.38 -20.96 26.01
N MET D 41 -9.06 -21.84 25.05
CA MET D 41 -7.93 -22.74 25.21
C MET D 41 -7.09 -22.81 23.95
N VAL D 42 -5.78 -22.93 24.15
CA VAL D 42 -4.83 -23.30 23.12
C VAL D 42 -4.27 -24.68 23.45
N TYR D 43 -4.35 -25.61 22.49
CA TYR D 43 -3.68 -26.89 22.54
C TYR D 43 -2.37 -26.79 21.77
N SER D 44 -1.25 -26.78 22.50
CA SER D 44 0.05 -26.56 21.90
C SER D 44 0.76 -27.91 21.67
N MET D 45 1.38 -28.06 20.51
CA MET D 45 2.05 -29.30 20.16
C MET D 45 3.45 -29.35 20.77
N TYR D 46 3.87 -28.32 21.49
CA TYR D 46 5.01 -28.44 22.40
C TYR D 46 4.51 -29.15 23.67
N ASP D 47 4.77 -30.45 23.75
CA ASP D 47 4.44 -31.28 24.92
C ASP D 47 2.95 -31.35 25.21
N ARG D 48 2.09 -31.01 24.24
CA ARG D 48 0.64 -31.08 24.41
C ARG D 48 0.19 -30.25 25.62
N MET D 49 0.81 -29.09 25.82
CA MET D 49 0.35 -28.23 26.90
C MET D 49 -0.92 -27.52 26.45
N VAL D 50 -1.92 -27.51 27.32
CA VAL D 50 -3.10 -26.69 27.13
C VAL D 50 -2.94 -25.48 28.03
N VAL D 51 -3.07 -24.28 27.44
CA VAL D 51 -3.15 -23.01 28.15
C VAL D 51 -4.56 -22.46 27.93
N GLY D 52 -5.22 -21.99 29.01
CA GLY D 52 -6.58 -21.51 28.85
C GLY D 52 -7.02 -20.56 29.96
N GLY D 53 -8.19 -19.97 29.75
CA GLY D 53 -8.81 -19.12 30.74
C GLY D 53 -10.31 -19.34 30.78
N ALA D 54 -10.89 -19.20 31.98
CA ALA D 54 -12.34 -19.26 32.15
C ALA D 54 -12.81 -18.07 32.99
N LEU D 55 -13.86 -17.37 32.52
CA LEU D 55 -14.37 -16.18 33.16
C LEU D 55 -15.86 -16.34 33.43
N PRO D 56 -16.25 -16.90 34.61
CA PRO D 56 -17.65 -17.12 34.94
C PRO D 56 -18.34 -15.85 35.44
N VAL D 57 -19.41 -15.44 34.75
CA VAL D 57 -20.17 -14.26 35.09
C VAL D 57 -21.66 -14.61 35.03
N GLY D 58 -22.20 -15.09 36.15
CA GLY D 58 -23.61 -15.45 36.25
C GLY D 58 -23.90 -16.86 35.73
N GLU D 59 -22.86 -17.59 35.32
CA GLU D 59 -23.00 -18.97 34.90
C GLU D 59 -21.94 -19.82 35.60
N VAL D 60 -22.21 -21.12 35.67
CA VAL D 60 -21.21 -22.11 36.02
C VAL D 60 -20.64 -22.63 34.69
N LEU D 61 -19.30 -22.64 34.59
CA LEU D 61 -18.64 -23.04 33.36
C LEU D 61 -18.01 -24.41 33.56
N THR D 62 -18.24 -25.32 32.60
CA THR D 62 -17.66 -26.65 32.62
C THR D 62 -16.42 -26.68 31.73
N LEU D 63 -15.37 -27.35 32.22
CA LEU D 63 -14.18 -27.63 31.42
C LEU D 63 -14.45 -28.82 30.50
N GLU D 64 -14.58 -28.56 29.19
CA GLU D 64 -15.02 -29.58 28.24
C GLU D 64 -13.82 -30.36 27.68
N ALA D 65 -14.04 -31.64 27.37
CA ALA D 65 -13.01 -32.51 26.79
C ALA D 65 -12.96 -32.28 25.29
N ILE D 66 -12.29 -31.21 24.89
CA ILE D 66 -12.20 -30.82 23.49
C ILE D 66 -11.62 -31.99 22.69
N ASP D 67 -11.92 -32.00 21.39
CA ASP D 67 -11.65 -33.11 20.50
C ASP D 67 -10.20 -33.61 20.59
N PRO D 68 -9.18 -32.73 20.58
CA PRO D 68 -7.79 -33.20 20.63
C PRO D 68 -7.41 -34.08 21.83
N LEU D 69 -8.24 -34.10 22.88
CA LEU D 69 -7.96 -34.92 24.06
C LEU D 69 -8.38 -36.38 23.83
N LYS D 70 -9.33 -36.60 22.92
CA LYS D 70 -9.80 -37.94 22.62
C LYS D 70 -10.05 -38.71 23.91
N ALA D 71 -10.85 -38.12 24.80
CA ALA D 71 -11.12 -38.68 26.12
C ALA D 71 -12.49 -38.20 26.58
N PRO D 72 -13.20 -38.95 27.45
CA PRO D 72 -14.53 -38.56 27.89
C PRO D 72 -14.55 -37.38 28.87
N PHE D 73 -13.46 -37.22 29.64
CA PHE D 73 -13.32 -36.09 30.56
C PHE D 73 -11.98 -35.41 30.32
N PHE D 74 -11.96 -34.09 30.48
CA PHE D 74 -10.74 -33.31 30.29
C PHE D 74 -9.59 -33.93 31.06
N LEU D 75 -9.83 -34.32 32.32
CA LEU D 75 -8.77 -34.81 33.19
C LEU D 75 -8.67 -36.34 33.19
N THR D 76 -9.37 -37.04 32.29
CA THR D 76 -9.29 -38.49 32.23
C THR D 76 -7.84 -38.94 32.44
N ARG D 77 -6.93 -38.42 31.61
CA ARG D 77 -5.51 -38.76 31.68
C ARG D 77 -4.66 -37.49 31.60
N ARG D 78 -5.07 -36.48 32.36
CA ARG D 78 -4.40 -35.19 32.40
C ARG D 78 -4.37 -34.69 33.84
N GLU D 79 -3.44 -33.77 34.10
CA GLU D 79 -3.40 -33.00 35.33
C GLU D 79 -3.46 -31.52 34.95
N MET D 80 -3.94 -30.68 35.86
CA MET D 80 -3.97 -29.25 35.58
C MET D 80 -3.67 -28.45 36.84
N GLY D 81 -3.17 -27.23 36.60
CA GLY D 81 -2.91 -26.25 37.64
C GLY D 81 -3.64 -24.96 37.31
N ILE D 82 -4.34 -24.40 38.30
CA ILE D 82 -5.27 -23.31 38.10
C ILE D 82 -4.88 -22.18 39.04
N TYR D 83 -4.80 -20.95 38.51
CA TYR D 83 -4.68 -19.76 39.34
C TYR D 83 -5.92 -18.92 39.15
N ASN D 84 -6.41 -18.31 40.24
CA ASN D 84 -7.44 -17.28 40.16
C ASN D 84 -6.72 -15.94 40.18
N VAL D 85 -6.95 -15.13 39.14
CA VAL D 85 -6.35 -13.81 39.07
C VAL D 85 -7.47 -12.78 38.99
N GLY D 86 -8.64 -13.13 39.56
CA GLY D 86 -9.81 -12.27 39.59
C GLY D 86 -10.47 -12.27 40.97
N GLY D 87 -11.80 -12.11 41.00
CA GLY D 87 -12.54 -12.09 42.25
C GLY D 87 -12.70 -13.50 42.82
N PRO D 88 -13.23 -13.64 44.07
CA PRO D 88 -13.38 -14.96 44.70
C PRO D 88 -14.19 -15.94 43.87
N GLY D 89 -13.70 -17.18 43.75
CA GLY D 89 -14.36 -18.18 42.93
C GLY D 89 -14.32 -19.58 43.57
N ILE D 90 -15.01 -20.51 42.92
CA ILE D 90 -15.10 -21.89 43.36
C ILE D 90 -14.81 -22.82 42.18
N VAL D 91 -13.88 -23.76 42.39
CA VAL D 91 -13.60 -24.82 41.43
C VAL D 91 -14.13 -26.13 41.99
N LYS D 92 -14.97 -26.82 41.22
CA LYS D 92 -15.49 -28.11 41.61
C LYS D 92 -14.88 -29.19 40.72
N ALA D 93 -14.43 -30.27 41.36
CA ALA D 93 -13.86 -31.42 40.67
C ALA D 93 -14.54 -32.67 41.22
N GLY D 94 -15.46 -33.23 40.43
CA GLY D 94 -16.33 -34.28 40.92
C GLY D 94 -17.13 -33.74 42.10
N ASP D 95 -17.02 -34.43 43.25
CA ASP D 95 -17.68 -34.02 44.48
C ASP D 95 -16.83 -33.03 45.27
N ALA D 96 -15.53 -32.90 44.93
CA ALA D 96 -14.62 -32.05 45.71
C ALA D 96 -14.78 -30.58 45.31
N GLU D 97 -14.58 -29.70 46.29
CA GLU D 97 -14.86 -28.27 46.15
C GLU D 97 -13.71 -27.47 46.73
N PHE D 98 -13.25 -26.47 45.97
CA PHE D 98 -12.11 -25.64 46.36
C PHE D 98 -12.48 -24.17 46.17
N GLU D 99 -12.31 -23.39 47.24
CA GLU D 99 -12.48 -21.95 47.16
C GLU D 99 -11.12 -21.35 46.78
N LEU D 100 -11.11 -20.55 45.71
CA LEU D 100 -9.90 -19.85 45.28
C LEU D 100 -10.17 -18.35 45.27
N ASP D 101 -9.34 -17.62 46.01
CA ASP D 101 -9.31 -16.17 45.95
C ASP D 101 -8.12 -15.74 45.09
N TYR D 102 -7.99 -14.44 44.88
CA TYR D 102 -6.97 -13.84 44.04
C TYR D 102 -5.59 -14.38 44.41
N LYS D 103 -4.87 -14.89 43.41
CA LYS D 103 -3.49 -15.32 43.52
C LYS D 103 -3.37 -16.66 44.26
N GLU D 104 -4.47 -17.40 44.39
CA GLU D 104 -4.41 -18.75 44.93
C GLU D 104 -4.43 -19.74 43.77
N ALA D 105 -3.71 -20.86 43.96
CA ALA D 105 -3.57 -21.91 42.97
C ALA D 105 -4.21 -23.22 43.45
N LEU D 106 -4.46 -24.11 42.47
CA LEU D 106 -5.07 -25.40 42.68
C LEU D 106 -4.53 -26.40 41.64
N TYR D 107 -3.93 -27.49 42.15
CA TYR D 107 -3.58 -28.65 41.34
C TYR D 107 -4.70 -29.67 41.40
N LEU D 108 -5.15 -30.12 40.23
CA LEU D 108 -6.13 -31.18 40.09
C LEU D 108 -5.51 -32.33 39.30
N GLY D 109 -5.66 -33.55 39.84
CA GLY D 109 -5.10 -34.75 39.24
C GLY D 109 -6.12 -35.47 38.35
N SER D 110 -5.65 -36.56 37.74
CA SER D 110 -6.43 -37.28 36.74
C SER D 110 -7.56 -38.06 37.40
N GLY D 111 -8.58 -38.36 36.59
CA GLY D 111 -9.83 -38.95 37.04
C GLY D 111 -10.95 -38.56 36.08
N ASP D 112 -11.92 -39.46 35.92
CA ASP D 112 -13.15 -39.16 35.18
C ASP D 112 -14.05 -38.30 36.06
N ARG D 113 -13.69 -37.01 36.17
CA ARG D 113 -14.40 -36.08 37.02
C ARG D 113 -14.77 -34.84 36.21
N VAL D 114 -16.00 -34.35 36.43
CA VAL D 114 -16.47 -33.09 35.84
C VAL D 114 -15.81 -31.95 36.60
N VAL D 115 -15.22 -31.00 35.87
CA VAL D 115 -14.58 -29.84 36.46
C VAL D 115 -15.39 -28.61 36.08
N THR D 116 -15.76 -27.79 37.07
CA THR D 116 -16.55 -26.59 36.83
C THR D 116 -15.89 -25.38 37.47
N PHE D 117 -16.15 -24.21 36.88
CA PHE D 117 -15.62 -22.93 37.33
C PHE D 117 -16.82 -22.00 37.58
N GLU D 118 -16.81 -21.29 38.70
CA GLU D 118 -17.87 -20.33 38.99
C GLU D 118 -17.33 -19.21 39.86
N SER D 119 -18.00 -18.05 39.76
CA SER D 119 -17.68 -16.89 40.58
C SER D 119 -18.71 -16.78 41.71
N LYS D 120 -18.24 -16.44 42.92
CA LYS D 120 -19.12 -16.21 44.05
C LYS D 120 -20.07 -15.04 43.76
N ASP D 121 -19.56 -14.01 43.07
CA ASP D 121 -20.32 -12.79 42.79
C ASP D 121 -20.01 -12.30 41.37
N ALA D 122 -21.05 -12.23 40.54
CA ALA D 122 -20.93 -11.91 39.12
C ALA D 122 -20.37 -10.50 38.90
N ALA D 123 -20.54 -9.62 39.89
CA ALA D 123 -20.07 -8.25 39.82
C ALA D 123 -18.57 -8.18 40.08
N HIS D 124 -17.99 -9.24 40.68
CA HIS D 124 -16.55 -9.34 40.85
C HIS D 124 -16.09 -10.73 40.40
N PRO D 125 -16.08 -11.02 39.08
CA PRO D 125 -15.94 -12.39 38.60
C PRO D 125 -14.55 -12.98 38.80
N ALA D 126 -14.51 -14.30 38.99
CA ALA D 126 -13.26 -15.03 39.03
C ALA D 126 -12.66 -15.06 37.63
N LYS D 127 -11.33 -15.11 37.55
CA LYS D 127 -10.61 -15.22 36.29
C LYS D 127 -9.65 -16.40 36.40
N PHE D 128 -10.07 -17.58 35.93
CA PHE D 128 -9.29 -18.79 36.14
C PHE D 128 -8.34 -19.03 34.97
N TYR D 129 -7.04 -18.88 35.22
CA TYR D 129 -6.01 -19.22 34.26
C TYR D 129 -5.46 -20.61 34.58
N PHE D 130 -5.27 -21.46 33.56
CA PHE D 130 -4.79 -22.81 33.81
C PHE D 130 -3.80 -23.29 32.75
N ASN D 131 -2.87 -24.16 33.19
CA ASN D 131 -2.05 -25.02 32.34
C ASN D 131 -2.36 -26.49 32.62
N SER D 132 -2.34 -27.30 31.55
CA SER D 132 -2.60 -28.73 31.65
C SER D 132 -1.64 -29.52 30.78
N LEU D 133 -1.19 -30.67 31.32
CA LEU D 133 -0.35 -31.63 30.62
C LEU D 133 -0.91 -33.04 30.85
N THR D 134 -0.50 -33.99 30.01
CA THR D 134 -0.92 -35.37 30.14
C THR D 134 -0.39 -35.92 31.46
N ALA D 135 -1.10 -36.91 32.02
CA ALA D 135 -0.80 -37.50 33.31
C ALA D 135 -1.16 -38.98 33.26
N HIS D 136 -0.16 -39.85 33.40
CA HIS D 136 -0.35 -41.29 33.25
C HIS D 136 -0.77 -41.91 34.58
N ARG D 137 -0.76 -41.14 35.67
CA ARG D 137 -1.25 -41.61 36.95
C ARG D 137 -1.83 -40.44 37.74
N ASN D 138 -2.67 -40.77 38.72
CA ASN D 138 -3.25 -39.80 39.62
C ASN D 138 -2.25 -39.39 40.70
N TYR D 139 -2.24 -38.09 41.02
CA TYR D 139 -1.77 -37.59 42.29
C TYR D 139 -2.90 -36.79 42.93
N PRO D 140 -2.93 -36.66 44.27
CA PRO D 140 -4.04 -35.97 44.92
C PRO D 140 -4.09 -34.48 44.61
N ASP D 141 -5.30 -33.93 44.67
CA ASP D 141 -5.53 -32.50 44.52
C ASP D 141 -4.85 -31.75 45.67
N ARG D 142 -4.51 -30.48 45.42
CA ARG D 142 -4.01 -29.63 46.48
C ARG D 142 -4.17 -28.16 46.10
N LYS D 143 -4.91 -27.42 46.94
CA LYS D 143 -4.95 -25.96 46.89
C LYS D 143 -3.65 -25.45 47.51
N VAL D 144 -3.02 -24.47 46.85
CA VAL D 144 -1.73 -23.94 47.28
C VAL D 144 -1.79 -22.42 47.23
N THR D 145 -1.30 -21.78 48.29
CA THR D 145 -1.26 -20.32 48.39
C THR D 145 0.19 -19.90 48.60
N LYS D 146 0.41 -18.58 48.48
CA LYS D 146 1.71 -17.99 48.74
C LYS D 146 2.25 -18.41 50.11
N ALA D 147 1.36 -18.54 51.10
CA ALA D 147 1.75 -18.98 52.44
C ALA D 147 2.37 -20.37 52.40
N ASP D 148 1.93 -21.21 51.45
CA ASP D 148 2.39 -22.58 51.36
C ASP D 148 3.59 -22.72 50.41
N ALA D 149 4.00 -21.63 49.77
CA ALA D 149 4.98 -21.68 48.69
C ALA D 149 6.40 -21.68 49.24
N VAL D 150 7.33 -22.20 48.44
CA VAL D 150 8.74 -21.92 48.63
C VAL D 150 9.03 -20.59 47.93
N VAL D 151 9.49 -19.59 48.70
CA VAL D 151 9.62 -18.23 48.20
C VAL D 151 11.10 -17.85 48.16
N ALA D 152 11.56 -17.39 46.99
CA ALA D 152 12.87 -16.79 46.84
C ALA D 152 12.71 -15.32 46.41
N GLU D 153 13.32 -14.42 47.18
CA GLU D 153 13.44 -13.02 46.81
C GLU D 153 14.70 -12.85 45.96
N MET D 154 14.58 -12.17 44.82
CA MET D 154 15.63 -12.07 43.83
C MET D 154 15.72 -10.65 43.29
N GLY D 155 16.91 -10.29 42.79
CA GLY D 155 17.13 -9.03 42.08
C GLY D 155 17.30 -7.86 43.03
N SER D 156 17.24 -6.64 42.48
CA SER D 156 17.37 -5.43 43.26
C SER D 156 16.73 -4.26 42.52
N LEU D 157 16.59 -3.13 43.24
CA LEU D 157 16.08 -1.90 42.67
C LEU D 157 16.96 -1.45 41.50
N GLU D 158 18.29 -1.59 41.67
CA GLU D 158 19.27 -1.08 40.73
C GLU D 158 19.20 -1.85 39.41
N GLY D 159 18.94 -3.16 39.51
CA GLY D 159 18.80 -4.05 38.36
C GLY D 159 17.37 -4.10 37.82
N SER D 160 16.48 -3.29 38.40
CA SER D 160 15.07 -3.20 37.99
C SER D 160 14.49 -4.60 37.82
N ASN D 161 14.92 -5.52 38.70
CA ASN D 161 14.51 -6.91 38.62
C ASN D 161 14.19 -7.46 40.01
N HIS D 162 13.81 -6.59 40.94
CA HIS D 162 13.49 -6.98 42.29
C HIS D 162 12.17 -7.74 42.26
N ARG D 163 12.18 -8.99 42.71
CA ARG D 163 11.02 -9.87 42.52
C ARG D 163 10.99 -11.00 43.54
N ASN D 164 9.78 -11.48 43.84
CA ASN D 164 9.58 -12.68 44.62
C ASN D 164 9.13 -13.83 43.72
N ILE D 165 9.88 -14.93 43.71
CA ILE D 165 9.51 -16.13 42.98
C ILE D 165 8.76 -17.04 43.95
N ASN D 166 7.46 -17.23 43.73
CA ASN D 166 6.64 -18.10 44.56
C ASN D 166 6.49 -19.45 43.87
N LYS D 167 7.26 -20.43 44.35
CA LYS D 167 7.22 -21.78 43.81
C LYS D 167 6.11 -22.56 44.51
N MET D 168 5.01 -22.79 43.78
CA MET D 168 3.75 -23.18 44.39
C MET D 168 3.36 -24.60 43.97
N LEU D 169 3.06 -24.83 42.69
CA LEU D 169 2.79 -26.18 42.21
C LEU D 169 4.09 -26.80 41.70
N VAL D 170 5.02 -27.06 42.62
CA VAL D 170 6.34 -27.59 42.33
C VAL D 170 6.58 -28.83 43.19
N ASN D 171 7.59 -29.62 42.81
CA ASN D 171 7.80 -30.95 43.38
C ASN D 171 8.21 -30.86 44.85
N GLN D 172 8.75 -29.70 45.28
CA GLN D 172 9.11 -29.49 46.66
C GLN D 172 7.88 -29.26 47.54
N VAL D 173 6.72 -29.03 46.91
CA VAL D 173 5.48 -28.75 47.61
C VAL D 173 4.51 -29.94 47.46
N LEU D 174 4.39 -30.49 46.24
CA LEU D 174 3.49 -31.61 46.01
C LEU D 174 4.02 -32.44 44.83
N PRO D 175 3.66 -33.74 44.77
CA PRO D 175 3.92 -34.55 43.58
C PRO D 175 2.96 -34.27 42.43
N THR D 176 3.51 -34.27 41.21
CA THR D 176 2.77 -34.16 39.97
C THR D 176 3.44 -35.09 38.96
N CYS D 177 2.76 -35.36 37.83
CA CYS D 177 3.34 -36.19 36.79
C CYS D 177 4.47 -35.43 36.07
N GLN D 178 4.19 -34.20 35.63
CA GLN D 178 5.18 -33.42 34.90
C GLN D 178 4.96 -31.91 35.03
N LEU D 179 3.72 -31.48 35.27
CA LEU D 179 3.41 -30.06 35.35
C LEU D 179 4.02 -29.45 36.61
N GLN D 180 4.63 -28.29 36.43
CA GLN D 180 4.98 -27.41 37.54
C GLN D 180 4.62 -25.98 37.18
N MET D 181 4.12 -25.25 38.18
CA MET D 181 3.74 -23.86 38.01
C MET D 181 4.15 -23.04 39.22
N GLY D 182 4.38 -21.75 38.97
CA GLY D 182 4.67 -20.78 40.01
C GLY D 182 4.26 -19.38 39.56
N MET D 183 4.47 -18.42 40.47
CA MET D 183 4.03 -17.06 40.27
C MET D 183 5.15 -16.15 40.78
N THR D 184 5.51 -15.15 39.96
CA THR D 184 6.62 -14.26 40.22
C THR D 184 6.10 -12.83 40.19
N GLU D 185 6.33 -12.11 41.30
CA GLU D 185 5.80 -10.76 41.50
C GLU D 185 6.95 -9.76 41.52
N LEU D 186 6.94 -8.82 40.57
CA LEU D 186 7.94 -7.77 40.48
C LEU D 186 7.57 -6.63 41.43
N ALA D 187 8.58 -6.12 42.14
CA ALA D 187 8.42 -4.95 42.99
C ALA D 187 8.14 -3.70 42.15
N PRO D 188 7.51 -2.65 42.72
CA PRO D 188 7.36 -1.38 42.01
C PRO D 188 8.69 -0.84 41.49
N GLY D 189 8.70 -0.40 40.23
CA GLY D 189 9.89 0.15 39.60
C GLY D 189 10.77 -0.92 38.95
N SER D 190 10.46 -2.20 39.18
CA SER D 190 11.19 -3.30 38.58
C SER D 190 10.40 -3.90 37.40
N VAL D 191 11.11 -4.16 36.29
CA VAL D 191 10.45 -4.54 35.05
C VAL D 191 11.07 -5.79 34.42
N TRP D 192 12.24 -6.25 34.91
CA TRP D 192 12.92 -7.37 34.27
C TRP D 192 12.62 -8.70 34.96
N ASN D 193 12.14 -9.65 34.14
CA ASN D 193 12.15 -11.07 34.51
C ASN D 193 13.50 -11.67 34.07
N THR D 194 14.23 -12.21 35.05
CA THR D 194 15.65 -12.53 34.93
C THR D 194 16.38 -11.38 34.27
N ARG D 203 13.12 -27.39 28.34
CA ARG D 203 11.69 -27.80 28.27
C ARG D 203 10.83 -26.60 27.87
N MET D 204 9.57 -26.86 27.49
CA MET D 204 8.69 -25.79 27.04
C MET D 204 8.08 -25.14 28.27
N GLU D 205 7.80 -23.83 28.14
CA GLU D 205 7.23 -23.06 29.23
C GLU D 205 6.11 -22.19 28.66
N ALA D 206 5.15 -21.84 29.53
CA ALA D 206 4.14 -20.84 29.20
C ALA D 206 4.17 -19.74 30.26
N TYR D 207 4.08 -18.49 29.80
CA TYR D 207 4.11 -17.32 30.67
C TYR D 207 2.83 -16.52 30.47
N PHE D 208 2.23 -16.11 31.60
CA PHE D 208 1.01 -15.32 31.61
C PHE D 208 1.26 -14.12 32.51
N TYR D 209 0.98 -12.91 32.00
CA TYR D 209 1.27 -11.66 32.69
C TYR D 209 -0.04 -11.01 33.11
N PHE D 210 -0.05 -10.44 34.33
CA PHE D 210 -1.21 -9.74 34.85
C PHE D 210 -0.76 -8.78 35.95
N GLU D 211 -1.72 -8.11 36.58
CA GLU D 211 -1.47 -7.12 37.62
C GLU D 211 -0.53 -6.04 37.09
N ILE D 212 -0.92 -5.51 35.93
CA ILE D 212 -0.25 -4.39 35.29
C ILE D 212 -1.35 -3.49 34.74
N PRO D 213 -1.25 -2.15 34.87
CA PRO D 213 -2.26 -1.25 34.33
C PRO D 213 -2.51 -1.45 32.83
N GLU D 214 -3.73 -1.10 32.39
CA GLU D 214 -4.18 -1.37 31.03
C GLU D 214 -3.42 -0.52 30.00
N ASP D 215 -2.78 0.58 30.44
CA ASP D 215 -2.05 1.45 29.53
C ASP D 215 -0.57 1.08 29.47
N HIS D 216 -0.17 -0.03 30.09
CA HIS D 216 1.22 -0.46 30.10
C HIS D 216 1.35 -1.75 29.29
N ALA D 217 2.60 -2.14 29.01
CA ALA D 217 2.88 -3.24 28.11
C ALA D 217 4.10 -4.04 28.56
N ILE D 218 4.17 -5.31 28.12
CA ILE D 218 5.30 -6.20 28.38
C ILE D 218 5.97 -6.53 27.04
N CYS D 219 7.31 -6.47 27.02
CA CYS D 219 8.09 -6.96 25.90
C CYS D 219 8.67 -8.33 26.25
N HIS D 220 8.05 -9.38 25.70
CA HIS D 220 8.50 -10.75 25.98
C HIS D 220 9.50 -11.15 24.91
N PHE D 221 10.68 -11.60 25.34
CA PHE D 221 11.76 -11.98 24.45
C PHE D 221 11.70 -13.48 24.16
N MET D 222 12.13 -13.84 22.94
CA MET D 222 12.20 -15.24 22.54
C MET D 222 13.28 -15.42 21.48
N GLY D 223 13.43 -16.67 21.01
CA GLY D 223 14.38 -17.01 19.98
C GLY D 223 15.63 -17.65 20.56
N GLU D 224 16.55 -18.07 19.68
CA GLU D 224 17.82 -18.61 20.12
C GLU D 224 18.72 -17.46 20.55
N VAL D 225 19.71 -17.77 21.39
CA VAL D 225 20.69 -16.79 21.80
C VAL D 225 21.42 -16.31 20.55
N GLY D 226 21.67 -15.00 20.46
CA GLY D 226 22.31 -14.41 19.29
C GLY D 226 21.37 -14.24 18.10
N GLU D 227 20.07 -14.57 18.28
CA GLU D 227 19.08 -14.39 17.23
C GLU D 227 17.71 -14.15 17.88
N THR D 228 17.69 -13.24 18.88
CA THR D 228 16.52 -13.02 19.69
C THR D 228 15.51 -12.14 18.95
N ARG D 229 14.24 -12.37 19.30
CA ARG D 229 13.11 -11.60 18.80
C ARG D 229 12.29 -11.21 20.03
N HIS D 230 11.20 -10.46 19.82
CA HIS D 230 10.33 -10.12 20.94
C HIS D 230 8.89 -10.02 20.46
N VAL D 231 7.97 -9.96 21.43
CA VAL D 231 6.58 -9.73 21.14
C VAL D 231 6.02 -8.84 22.24
N TRP D 232 5.22 -7.84 21.84
CA TRP D 232 4.62 -6.91 22.78
C TRP D 232 3.29 -7.48 23.26
N MET D 233 3.12 -7.49 24.59
CA MET D 233 1.99 -8.12 25.26
C MET D 233 1.30 -7.11 26.19
N LYS D 234 0.05 -7.42 26.54
CA LYS D 234 -0.73 -6.72 27.55
C LYS D 234 -1.00 -7.68 28.70
N GLY D 235 -1.50 -7.13 29.82
CA GLY D 235 -1.97 -7.95 30.93
C GLY D 235 -3.09 -8.88 30.50
N ASP D 236 -3.20 -10.04 31.18
CA ASP D 236 -4.20 -11.06 30.88
C ASP D 236 -3.95 -11.71 29.52
N GLN D 237 -2.68 -11.77 29.12
CA GLN D 237 -2.27 -12.48 27.92
C GLN D 237 -1.14 -13.43 28.28
N ALA D 238 -0.99 -14.49 27.47
CA ALA D 238 0.02 -15.50 27.68
C ALA D 238 0.85 -15.70 26.43
N VAL D 239 2.01 -16.34 26.61
CA VAL D 239 2.91 -16.63 25.51
C VAL D 239 3.52 -18.02 25.71
N LEU D 240 3.71 -18.73 24.59
CA LEU D 240 4.33 -20.04 24.56
C LEU D 240 5.81 -19.85 24.26
N SER D 241 6.66 -20.48 25.08
CA SER D 241 8.10 -20.39 24.96
C SER D 241 8.67 -21.78 24.71
N PRO D 242 9.04 -22.15 23.46
CA PRO D 242 9.56 -23.48 23.18
C PRO D 242 10.88 -23.78 23.89
N GLU D 243 11.19 -25.08 23.96
CA GLU D 243 12.39 -25.59 24.61
C GLU D 243 13.65 -24.96 24.01
N TRP D 244 13.63 -24.59 22.73
CA TRP D 244 14.79 -24.04 22.06
C TRP D 244 14.91 -22.52 22.22
N SER D 245 13.90 -21.88 22.82
CA SER D 245 13.84 -20.43 22.90
C SER D 245 14.24 -19.93 24.29
N ILE D 246 14.86 -18.75 24.34
CA ILE D 246 15.08 -18.05 25.59
C ILE D 246 13.74 -17.49 26.07
N HIS D 247 13.74 -17.05 27.32
CA HIS D 247 12.63 -16.31 27.89
C HIS D 247 13.22 -15.20 28.74
N SER D 248 12.72 -14.00 28.51
CA SER D 248 12.92 -12.86 29.38
C SER D 248 11.80 -11.89 29.06
N ALA D 249 11.65 -10.87 29.89
CA ALA D 249 10.63 -9.88 29.65
C ALA D 249 11.07 -8.56 30.28
N ALA D 250 10.79 -7.47 29.58
CA ALA D 250 10.89 -6.12 30.12
C ALA D 250 9.56 -5.43 29.85
N ALA D 251 8.86 -5.02 30.92
CA ALA D 251 7.61 -4.28 30.79
C ALA D 251 7.86 -2.81 31.07
N THR D 252 6.84 -1.97 30.84
CA THR D 252 6.92 -0.54 31.06
C THR D 252 6.42 -0.19 32.47
N HIS D 253 6.15 -1.22 33.27
CA HIS D 253 5.60 -1.08 34.61
C HIS D 253 5.79 -2.44 35.30
N ASN D 254 5.75 -2.47 36.64
CA ASN D 254 5.83 -3.73 37.36
C ASN D 254 4.58 -4.56 37.08
N TYR D 255 4.70 -5.86 37.39
CA TYR D 255 3.69 -6.84 37.04
C TYR D 255 3.95 -8.12 37.82
N THR D 256 2.99 -9.04 37.73
CA THR D 256 3.16 -10.41 38.18
C THR D 256 3.03 -11.33 36.97
N PHE D 257 3.72 -12.48 36.99
CA PHE D 257 3.50 -13.47 35.96
C PHE D 257 3.43 -14.87 36.57
N ILE D 258 2.61 -15.70 35.93
CA ILE D 258 2.54 -17.12 36.22
C ILE D 258 3.35 -17.86 35.16
N TRP D 259 4.20 -18.78 35.62
CA TRP D 259 4.96 -19.66 34.74
C TRP D 259 4.50 -21.10 34.93
N GLY D 260 4.48 -21.84 33.81
CA GLY D 260 4.15 -23.25 33.80
C GLY D 260 5.08 -24.01 32.85
N MET D 261 5.45 -25.23 33.26
CA MET D 261 6.44 -26.01 32.53
C MET D 261 6.05 -27.48 32.55
N GLY D 262 6.51 -28.18 31.52
CA GLY D 262 6.41 -29.62 31.39
C GLY D 262 7.41 -30.12 30.36
N GLY D 263 7.63 -31.43 30.33
CA GLY D 263 8.62 -32.03 29.45
C GLY D 263 9.36 -33.18 30.14
N GLU D 264 10.51 -33.56 29.58
CA GLU D 264 11.17 -34.82 29.88
C GLU D 264 11.24 -35.03 31.40
N ASN D 265 11.89 -34.08 32.08
CA ASN D 265 12.00 -34.04 33.53
C ASN D 265 11.67 -35.41 34.13
N MET E 1 30.58 -51.89 21.66
CA MET E 1 29.46 -51.05 22.13
C MET E 1 29.74 -49.59 21.79
N LYS E 2 28.83 -48.97 21.04
CA LYS E 2 28.83 -47.53 20.80
C LYS E 2 27.38 -47.06 20.67
N THR E 3 27.07 -45.93 21.32
CA THR E 3 25.76 -45.33 21.24
C THR E 3 25.87 -44.07 20.38
N ASN E 4 24.96 -43.92 19.41
CA ASN E 4 24.81 -42.68 18.67
C ASN E 4 23.38 -42.17 18.84
N TYR E 5 23.24 -40.86 19.03
CA TYR E 5 21.94 -40.23 19.14
C TYR E 5 22.00 -38.84 18.51
N GLU E 6 20.84 -38.37 18.05
CA GLU E 6 20.68 -36.98 17.63
C GLU E 6 19.30 -36.49 18.09
N ILE E 7 19.21 -35.19 18.37
CA ILE E 7 17.97 -34.55 18.75
C ILE E 7 17.40 -33.86 17.52
N ARG E 8 16.12 -34.07 17.23
CA ARG E 8 15.51 -33.45 16.07
C ARG E 8 14.29 -32.65 16.52
N TYR E 9 14.23 -31.39 16.07
CA TYR E 9 13.15 -30.50 16.44
C TYR E 9 11.91 -30.84 15.64
N ALA E 10 10.78 -30.33 16.11
CA ALA E 10 9.51 -30.41 15.42
C ALA E 10 9.49 -29.35 14.32
N ALA E 11 8.46 -29.39 13.48
CA ALA E 11 8.31 -28.48 12.37
C ALA E 11 6.84 -28.10 12.25
N HIS E 12 6.62 -26.87 11.78
CA HIS E 12 5.30 -26.34 11.53
C HIS E 12 4.96 -26.63 10.07
N PRO E 13 3.72 -27.08 9.75
CA PRO E 13 3.34 -27.39 8.37
C PRO E 13 3.59 -26.24 7.39
N GLU E 14 3.36 -25.01 7.84
CA GLU E 14 3.51 -23.84 7.00
C GLU E 14 4.97 -23.67 6.58
N ASP E 15 5.91 -24.11 7.42
CA ASP E 15 7.32 -24.01 7.10
C ASP E 15 7.77 -25.21 6.26
N ALA E 16 7.24 -26.40 6.57
CA ALA E 16 7.69 -27.63 5.92
C ALA E 16 7.34 -27.61 4.43
N LYS E 17 6.24 -26.94 4.08
CA LYS E 17 5.84 -26.67 2.70
C LYS E 17 7.02 -26.23 1.83
N SER E 18 8.05 -25.61 2.44
CA SER E 18 9.13 -24.99 1.68
C SER E 18 10.38 -25.87 1.66
N TYR E 19 10.34 -27.01 2.34
CA TYR E 19 11.54 -27.85 2.45
C TYR E 19 11.82 -28.55 1.12
N ASP E 20 13.10 -28.58 0.72
CA ASP E 20 13.52 -29.33 -0.45
C ASP E 20 13.76 -30.78 -0.05
N THR E 21 14.18 -31.61 -1.02
CA THR E 21 14.34 -33.03 -0.79
C THR E 21 15.36 -33.28 0.32
N THR E 22 16.50 -32.58 0.28
CA THR E 22 17.58 -32.78 1.24
C THR E 22 17.09 -32.48 2.65
N ARG E 23 16.30 -31.42 2.81
CA ARG E 23 15.80 -31.01 4.10
C ARG E 23 14.83 -32.06 4.64
N ILE E 24 13.90 -32.52 3.78
CA ILE E 24 12.93 -33.53 4.16
C ILE E 24 13.65 -34.78 4.64
N ARG E 25 14.66 -35.22 3.87
CA ARG E 25 15.43 -36.41 4.23
C ARG E 25 16.15 -36.18 5.56
N ARG E 26 16.75 -35.00 5.72
CA ARG E 26 17.49 -34.65 6.94
C ARG E 26 16.58 -34.76 8.17
N ASP E 27 15.36 -34.24 8.09
CA ASP E 27 14.53 -34.04 9.27
C ASP E 27 13.65 -35.26 9.58
N PHE E 28 13.04 -35.89 8.56
CA PHE E 28 12.00 -36.87 8.79
C PHE E 28 12.51 -38.31 8.66
N LEU E 29 13.54 -38.54 7.83
CA LEU E 29 13.99 -39.89 7.53
C LEU E 29 15.08 -40.32 8.50
N ILE E 30 14.99 -41.56 8.98
CA ILE E 30 15.99 -42.17 9.85
C ILE E 30 16.62 -43.35 9.11
N GLU E 31 17.82 -43.12 8.58
CA GLU E 31 18.45 -44.00 7.59
C GLU E 31 19.29 -45.08 8.25
N LYS E 32 20.05 -44.70 9.27
CA LYS E 32 21.01 -45.58 9.91
C LYS E 32 20.41 -46.09 11.23
N ILE E 33 19.75 -47.25 11.16
CA ILE E 33 19.08 -47.81 12.32
C ILE E 33 19.89 -48.98 12.88
N PHE E 34 20.35 -49.87 11.99
CA PHE E 34 21.14 -51.03 12.40
C PHE E 34 22.56 -50.89 11.87
N VAL E 35 23.52 -50.80 12.79
CA VAL E 35 24.94 -50.82 12.47
C VAL E 35 25.61 -51.76 13.47
N PRO E 36 26.45 -52.73 13.01
CA PRO E 36 26.99 -53.75 13.91
C PRO E 36 27.51 -53.18 15.23
N ASN E 37 26.95 -53.71 16.33
CA ASN E 37 27.38 -53.37 17.69
C ASN E 37 27.22 -51.88 17.98
N GLU E 38 26.20 -51.25 17.37
CA GLU E 38 25.82 -49.88 17.70
C GLU E 38 24.37 -49.86 18.18
N VAL E 39 24.09 -48.91 19.08
CA VAL E 39 22.72 -48.47 19.37
C VAL E 39 22.58 -47.08 18.77
N ASN E 40 21.69 -46.96 17.78
CA ASN E 40 21.51 -45.72 17.04
C ASN E 40 20.12 -45.19 17.34
N MET E 41 20.04 -43.93 17.82
CA MET E 41 18.80 -43.38 18.34
C MET E 41 18.54 -41.98 17.80
N VAL E 42 17.26 -41.68 17.55
CA VAL E 42 16.82 -40.33 17.28
C VAL E 42 15.84 -39.95 18.39
N TYR E 43 16.11 -38.80 19.02
CA TYR E 43 15.21 -38.19 19.98
C TYR E 43 14.45 -37.10 19.25
N SER E 44 13.13 -37.30 19.11
CA SER E 44 12.29 -36.39 18.35
C SER E 44 11.44 -35.56 19.30
N MET E 45 11.36 -34.24 19.06
CA MET E 45 10.53 -33.35 19.83
C MET E 45 9.06 -33.53 19.48
N TYR E 46 8.75 -34.37 18.49
CA TYR E 46 7.39 -34.88 18.35
C TYR E 46 7.14 -35.91 19.45
N ASP E 47 6.43 -35.46 20.51
CA ASP E 47 6.01 -36.30 21.62
C ASP E 47 7.20 -36.91 22.37
N ARG E 48 8.40 -36.36 22.16
CA ARG E 48 9.61 -36.84 22.81
C ARG E 48 9.78 -38.33 22.56
N MET E 49 9.45 -38.78 21.34
CA MET E 49 9.64 -40.17 20.99
C MET E 49 11.11 -40.42 20.69
N VAL E 50 11.63 -41.53 21.22
CA VAL E 50 12.94 -42.02 20.84
C VAL E 50 12.72 -43.22 19.94
N VAL E 51 13.32 -43.15 18.75
CA VAL E 51 13.32 -44.21 17.76
C VAL E 51 14.76 -44.69 17.61
N GLY E 52 14.97 -46.00 17.70
CA GLY E 52 16.33 -46.51 17.62
C GLY E 52 16.39 -47.98 17.22
N GLY E 53 17.62 -48.44 16.94
CA GLY E 53 17.88 -49.83 16.66
C GLY E 53 19.18 -50.30 17.28
N ALA E 54 19.24 -51.61 17.57
CA ALA E 54 20.40 -52.27 18.14
C ALA E 54 20.70 -53.55 17.34
N LEU E 55 21.97 -53.71 16.92
CA LEU E 55 22.41 -54.86 16.14
C LEU E 55 23.56 -55.57 16.86
N PRO E 56 23.29 -56.52 17.78
CA PRO E 56 24.36 -57.23 18.49
C PRO E 56 25.04 -58.27 17.60
N VAL E 57 26.32 -58.06 17.30
CA VAL E 57 27.10 -59.00 16.51
C VAL E 57 28.34 -59.41 17.31
N GLY E 58 28.14 -60.36 18.24
CA GLY E 58 29.22 -60.90 19.04
C GLY E 58 29.39 -60.16 20.38
N GLU E 59 28.65 -59.06 20.58
CA GLU E 59 28.66 -58.34 21.84
C GLU E 59 27.25 -58.30 22.44
N VAL E 60 27.19 -58.00 23.74
CA VAL E 60 25.96 -57.67 24.43
C VAL E 60 25.91 -56.14 24.50
N LEU E 61 24.78 -55.55 24.07
CA LEU E 61 24.67 -54.11 23.92
C LEU E 61 23.81 -53.54 25.04
N THR E 62 24.25 -52.43 25.62
CA THR E 62 23.55 -51.76 26.71
C THR E 62 22.78 -50.57 26.15
N LEU E 63 21.53 -50.41 26.60
CA LEU E 63 20.74 -49.24 26.29
C LEU E 63 21.14 -48.12 27.25
N GLU E 64 21.90 -47.15 26.76
CA GLU E 64 22.49 -46.14 27.63
C GLU E 64 21.52 -44.98 27.88
N ALA E 65 21.69 -44.33 29.03
CA ALA E 65 20.91 -43.16 29.41
C ALA E 65 21.54 -41.90 28.83
N ILE E 66 21.15 -41.55 27.61
CA ILE E 66 21.68 -40.40 26.90
C ILE E 66 21.29 -39.10 27.61
N ASP E 67 22.08 -38.05 27.36
CA ASP E 67 22.01 -36.78 28.06
C ASP E 67 20.60 -36.18 28.01
N PRO E 68 19.95 -36.04 26.83
CA PRO E 68 18.61 -35.47 26.76
C PRO E 68 17.60 -36.04 27.77
N LEU E 69 17.86 -37.24 28.31
CA LEU E 69 16.96 -37.88 29.26
C LEU E 69 17.24 -37.42 30.69
N LYS E 70 18.49 -37.00 30.96
CA LYS E 70 18.89 -36.50 32.27
C LYS E 70 18.41 -37.46 33.36
N ALA E 71 18.86 -38.72 33.29
CA ALA E 71 18.44 -39.75 34.22
C ALA E 71 19.53 -40.81 34.34
N PRO E 72 19.60 -41.58 35.45
CA PRO E 72 20.59 -42.63 35.60
C PRO E 72 20.34 -43.88 34.75
N PHE E 73 19.08 -44.09 34.34
CA PHE E 73 18.76 -45.17 33.41
C PHE E 73 17.86 -44.64 32.30
N PHE E 74 17.93 -45.29 31.14
CA PHE E 74 17.08 -44.95 30.01
C PHE E 74 15.62 -44.96 30.44
N LEU E 75 15.22 -46.01 31.17
CA LEU E 75 13.82 -46.21 31.51
C LEU E 75 13.47 -45.70 32.90
N THR E 76 14.30 -44.83 33.49
CA THR E 76 14.02 -44.25 34.81
C THR E 76 12.58 -43.76 34.87
N ARG E 77 12.17 -42.97 33.87
CA ARG E 77 10.76 -42.62 33.75
C ARG E 77 10.36 -42.64 32.27
N ARG E 78 10.62 -43.80 31.64
CA ARG E 78 10.21 -44.07 30.27
C ARG E 78 9.67 -45.48 30.17
N GLU E 79 8.94 -45.74 29.08
CA GLU E 79 8.53 -47.08 28.70
C GLU E 79 8.99 -47.28 27.26
N MET E 80 9.07 -48.54 26.81
CA MET E 80 9.53 -48.78 25.45
C MET E 80 8.92 -50.06 24.87
N GLY E 81 8.76 -50.06 23.55
CA GLY E 81 8.35 -51.24 22.80
C GLY E 81 9.48 -51.67 21.89
N ILE E 82 9.79 -52.97 21.90
CA ILE E 82 10.90 -53.54 21.15
C ILE E 82 10.37 -54.59 20.20
N TYR E 83 10.80 -54.53 18.93
CA TYR E 83 10.57 -55.58 17.96
C TYR E 83 11.92 -56.12 17.49
N ASN E 84 12.00 -57.45 17.32
CA ASN E 84 13.11 -58.10 16.67
C ASN E 84 12.73 -58.38 15.21
N VAL E 85 13.49 -57.79 14.29
CA VAL E 85 13.27 -58.02 12.86
C VAL E 85 14.51 -58.67 12.26
N GLY E 86 15.23 -59.45 13.08
CA GLY E 86 16.37 -60.24 12.64
C GLY E 86 16.32 -61.65 13.23
N GLY E 87 17.51 -62.23 13.49
CA GLY E 87 17.61 -63.59 14.00
C GLY E 87 17.35 -63.65 15.50
N PRO E 88 17.19 -64.86 16.09
CA PRO E 88 16.90 -65.00 17.51
C PRO E 88 17.80 -64.14 18.40
N GLY E 89 17.20 -63.50 19.42
CA GLY E 89 17.94 -62.64 20.33
C GLY E 89 17.32 -62.65 21.72
N ILE E 90 18.02 -62.02 22.67
CA ILE E 90 17.58 -61.95 24.06
C ILE E 90 17.64 -60.50 24.53
N VAL E 91 16.54 -60.06 25.17
CA VAL E 91 16.50 -58.76 25.85
C VAL E 91 16.53 -59.04 27.34
N LYS E 92 17.39 -58.30 28.08
CA LYS E 92 17.38 -58.35 29.53
C LYS E 92 17.03 -56.98 30.09
N ALA E 93 16.05 -56.97 31.00
CA ALA E 93 15.67 -55.79 31.76
C ALA E 93 15.80 -56.12 33.24
N GLY E 94 16.90 -55.69 33.86
CA GLY E 94 17.19 -56.05 35.24
C GLY E 94 17.46 -57.54 35.37
N ASP E 95 16.62 -58.23 36.16
CA ASP E 95 16.72 -59.67 36.37
C ASP E 95 15.76 -60.41 35.43
N ALA E 96 14.93 -59.67 34.68
CA ALA E 96 14.00 -60.27 33.73
C ALA E 96 14.72 -60.59 32.42
N GLU E 97 14.30 -61.69 31.78
CA GLU E 97 14.92 -62.17 30.55
C GLU E 97 13.82 -62.51 29.54
N PHE E 98 13.98 -62.03 28.31
CA PHE E 98 13.00 -62.23 27.26
C PHE E 98 13.68 -62.74 26.00
N GLU E 99 13.19 -63.89 25.50
CA GLU E 99 13.58 -64.41 24.20
C GLU E 99 12.65 -63.84 23.15
N LEU E 100 13.23 -63.18 22.12
CA LEU E 100 12.46 -62.62 21.02
C LEU E 100 12.99 -63.20 19.72
N ASP E 101 12.09 -63.85 18.96
CA ASP E 101 12.36 -64.27 17.58
C ASP E 101 11.83 -63.21 16.62
N TYR E 102 12.11 -63.42 15.34
CA TYR E 102 11.62 -62.57 14.25
C TYR E 102 10.15 -62.24 14.46
N LYS E 103 9.84 -60.94 14.47
CA LYS E 103 8.48 -60.41 14.45
C LYS E 103 7.79 -60.54 15.80
N GLU E 104 8.56 -60.75 16.87
CA GLU E 104 8.01 -60.76 18.21
C GLU E 104 8.38 -59.45 18.89
N ALA E 105 7.54 -59.06 19.86
CA ALA E 105 7.62 -57.75 20.49
C ALA E 105 7.67 -57.89 22.01
N LEU E 106 8.11 -56.80 22.67
CA LEU E 106 8.27 -56.72 24.11
C LEU E 106 8.00 -55.29 24.57
N TYR E 107 7.06 -55.14 25.53
CA TYR E 107 6.90 -53.90 26.27
C TYR E 107 7.73 -53.96 27.55
N LEU E 108 8.59 -52.95 27.76
CA LEU E 108 9.32 -52.78 29.01
C LEU E 108 8.84 -51.53 29.75
N GLY E 109 8.45 -51.73 31.02
CA GLY E 109 7.95 -50.65 31.87
C GLY E 109 9.09 -49.83 32.46
N SER E 110 8.72 -48.71 33.11
CA SER E 110 9.69 -47.84 33.74
C SER E 110 10.32 -48.51 34.96
N GLY E 111 11.53 -48.03 35.30
CA GLY E 111 12.28 -48.50 36.44
C GLY E 111 13.77 -48.23 36.23
N ASP E 112 14.52 -48.15 37.33
CA ASP E 112 15.96 -48.00 37.29
C ASP E 112 16.61 -49.37 37.13
N ARG E 113 16.62 -49.89 35.90
CA ARG E 113 17.22 -51.19 35.65
C ARG E 113 17.93 -51.21 34.30
N VAL E 114 19.02 -51.98 34.24
CA VAL E 114 19.84 -52.11 33.06
C VAL E 114 19.08 -52.92 32.02
N VAL E 115 19.03 -52.40 30.78
CA VAL E 115 18.44 -53.08 29.64
C VAL E 115 19.57 -53.45 28.68
N THR E 116 19.63 -54.72 28.27
CA THR E 116 20.65 -55.19 27.33
C THR E 116 20.00 -55.92 26.17
N PHE E 117 20.71 -55.93 25.04
CA PHE E 117 20.29 -56.62 23.84
C PHE E 117 21.42 -57.54 23.37
N GLU E 118 21.08 -58.78 23.00
CA GLU E 118 22.08 -59.71 22.51
C GLU E 118 21.49 -60.66 21.46
N SER E 119 22.39 -61.22 20.65
CA SER E 119 22.05 -62.24 19.65
C SER E 119 22.47 -63.62 20.16
N LYS E 120 21.64 -64.62 19.89
CA LYS E 120 21.97 -66.01 20.18
C LYS E 120 23.10 -66.49 19.28
N ASP E 121 23.16 -65.98 18.04
CA ASP E 121 24.18 -66.34 17.09
C ASP E 121 24.61 -65.10 16.32
N ALA E 122 25.91 -64.78 16.38
CA ALA E 122 26.47 -63.63 15.69
C ALA E 122 26.29 -63.75 14.18
N ALA E 123 26.14 -65.00 13.70
CA ALA E 123 25.97 -65.28 12.28
C ALA E 123 24.58 -64.86 11.81
N HIS E 124 23.57 -64.97 12.69
CA HIS E 124 22.20 -64.59 12.36
C HIS E 124 21.73 -63.50 13.33
N PRO E 125 22.32 -62.29 13.28
CA PRO E 125 22.13 -61.32 14.35
C PRO E 125 20.67 -60.91 14.55
N ALA E 126 20.33 -60.56 15.80
CA ALA E 126 19.05 -59.95 16.11
C ALA E 126 19.09 -58.49 15.66
N LYS E 127 17.94 -57.98 15.21
CA LYS E 127 17.80 -56.57 14.83
C LYS E 127 16.66 -55.96 15.64
N PHE E 128 17.03 -55.29 16.74
CA PHE E 128 16.06 -54.81 17.71
C PHE E 128 15.68 -53.38 17.37
N TYR E 129 14.43 -53.19 16.91
CA TYR E 129 13.88 -51.87 16.66
C TYR E 129 13.02 -51.47 17.86
N PHE E 130 13.13 -50.20 18.29
CA PHE E 130 12.37 -49.79 19.47
C PHE E 130 11.86 -48.36 19.32
N ASN E 131 10.74 -48.10 20.01
CA ASN E 131 10.21 -46.77 20.26
C ASN E 131 10.03 -46.61 21.76
N SER E 132 10.34 -45.41 22.30
CA SER E 132 10.20 -45.12 23.72
C SER E 132 9.51 -43.78 23.93
N LEU E 133 8.67 -43.72 24.96
CA LEU E 133 8.00 -42.48 25.37
C LEU E 133 8.09 -42.35 26.89
N THR E 134 7.82 -41.14 27.40
CA THR E 134 7.83 -40.91 28.83
C THR E 134 6.74 -41.77 29.48
N ALA E 135 6.96 -42.11 30.75
CA ALA E 135 6.06 -42.94 31.55
C ALA E 135 6.05 -42.43 32.99
N HIS E 136 4.90 -41.90 33.42
CA HIS E 136 4.75 -41.30 34.73
C HIS E 136 4.54 -42.40 35.78
N ARG E 137 4.21 -43.62 35.31
CA ARG E 137 4.09 -44.77 36.20
C ARG E 137 4.65 -46.02 35.53
N ASN E 138 4.83 -47.06 36.35
CA ASN E 138 5.21 -48.37 35.91
C ASN E 138 3.97 -49.16 35.47
N TYR E 139 4.12 -49.94 34.40
CA TYR E 139 3.23 -51.05 34.10
C TYR E 139 4.12 -52.28 33.87
N PRO E 140 3.64 -53.51 34.16
CA PRO E 140 4.45 -54.70 33.98
C PRO E 140 4.93 -54.94 32.55
N ASP E 141 6.10 -55.58 32.43
CA ASP E 141 6.61 -55.97 31.13
C ASP E 141 5.68 -57.01 30.52
N ARG E 142 5.71 -57.13 29.18
CA ARG E 142 4.99 -58.21 28.53
C ARG E 142 5.52 -58.45 27.11
N LYS E 143 5.88 -59.71 26.86
CA LYS E 143 6.20 -60.19 25.52
C LYS E 143 4.88 -60.44 24.79
N VAL E 144 4.80 -59.97 23.55
CA VAL E 144 3.61 -60.09 22.73
C VAL E 144 4.05 -60.59 21.35
N THR E 145 3.31 -61.58 20.82
CA THR E 145 3.55 -62.15 19.50
C THR E 145 2.30 -61.94 18.65
N LYS E 146 2.37 -62.33 17.37
CA LYS E 146 1.24 -62.24 16.47
C LYS E 146 0.03 -63.03 16.99
N ALA E 147 0.28 -64.06 17.81
CA ALA E 147 -0.77 -64.90 18.36
C ALA E 147 -1.56 -64.16 19.45
N ASP E 148 -0.93 -63.18 20.11
CA ASP E 148 -1.58 -62.42 21.17
C ASP E 148 -2.25 -61.19 20.59
N ALA E 149 -2.12 -60.97 19.28
CA ALA E 149 -2.50 -59.73 18.64
C ALA E 149 -4.00 -59.69 18.36
N VAL E 150 -4.57 -58.50 18.42
CA VAL E 150 -5.84 -58.19 17.77
C VAL E 150 -5.51 -57.92 16.31
N VAL E 151 -6.06 -58.74 15.41
CA VAL E 151 -5.76 -58.65 13.99
C VAL E 151 -6.97 -58.06 13.27
N ALA E 152 -6.68 -57.15 12.32
CA ALA E 152 -7.66 -56.61 11.40
C ALA E 152 -7.14 -56.77 9.97
N GLU E 153 -7.91 -57.48 9.14
CA GLU E 153 -7.63 -57.58 7.72
C GLU E 153 -8.24 -56.38 7.02
N MET E 154 -7.47 -55.78 6.09
CA MET E 154 -7.90 -54.58 5.41
C MET E 154 -7.55 -54.66 3.93
N GLY E 155 -8.29 -53.89 3.12
CA GLY E 155 -7.90 -53.60 1.76
C GLY E 155 -8.35 -54.68 0.79
N SER E 156 -7.83 -54.63 -0.44
CA SER E 156 -8.18 -55.57 -1.48
C SER E 156 -7.04 -55.69 -2.47
N LEU E 157 -7.11 -56.74 -3.30
CA LEU E 157 -6.19 -56.95 -4.41
C LEU E 157 -6.28 -55.77 -5.39
N GLU E 158 -7.50 -55.33 -5.72
CA GLU E 158 -7.70 -54.32 -6.74
C GLU E 158 -7.15 -52.97 -6.25
N GLY E 159 -7.24 -52.74 -4.93
CA GLY E 159 -6.69 -51.55 -4.32
C GLY E 159 -5.19 -51.64 -4.05
N SER E 160 -4.59 -52.80 -4.36
CA SER E 160 -3.19 -53.08 -4.06
C SER E 160 -2.85 -52.65 -2.64
N ASN E 161 -3.75 -52.95 -1.69
CA ASN E 161 -3.56 -52.56 -0.31
C ASN E 161 -4.09 -53.63 0.65
N HIS E 162 -4.13 -54.89 0.20
CA HIS E 162 -4.58 -56.00 1.03
C HIS E 162 -3.52 -56.26 2.12
N ARG E 163 -3.95 -56.24 3.38
CA ARG E 163 -2.99 -56.25 4.49
C ARG E 163 -3.64 -56.74 5.78
N ASN E 164 -2.81 -57.27 6.68
CA ASN E 164 -3.21 -57.60 8.04
C ASN E 164 -2.53 -56.63 9.02
N ILE E 165 -3.35 -55.95 9.83
CA ILE E 165 -2.87 -55.05 10.88
C ILE E 165 -2.80 -55.83 12.19
N ASN E 166 -1.59 -56.09 12.68
CA ASN E 166 -1.36 -56.80 13.91
C ASN E 166 -1.18 -55.80 15.06
N LYS E 167 -2.26 -55.59 15.83
CA LYS E 167 -2.24 -54.67 16.96
C LYS E 167 -1.74 -55.41 18.19
N MET E 168 -0.50 -55.12 18.60
CA MET E 168 0.24 -55.96 19.51
C MET E 168 0.43 -55.25 20.86
N LEU E 169 1.14 -54.12 20.87
CA LEU E 169 1.35 -53.38 22.10
C LEU E 169 0.32 -52.26 22.16
N VAL E 170 -0.93 -52.65 22.42
CA VAL E 170 -2.07 -51.75 22.36
C VAL E 170 -2.92 -51.96 23.61
N ASN E 171 -3.88 -51.04 23.83
CA ASN E 171 -4.66 -51.02 25.06
C ASN E 171 -5.54 -52.26 25.17
N GLN E 172 -5.96 -52.86 24.04
CA GLN E 172 -6.77 -54.07 24.07
C GLN E 172 -5.94 -55.26 24.58
N VAL E 173 -4.61 -55.21 24.40
CA VAL E 173 -3.75 -56.30 24.78
C VAL E 173 -3.20 -56.07 26.19
N LEU E 174 -2.61 -54.89 26.45
CA LEU E 174 -1.96 -54.63 27.71
C LEU E 174 -2.06 -53.14 28.07
N PRO E 175 -1.99 -52.78 29.37
CA PRO E 175 -1.87 -51.39 29.78
C PRO E 175 -0.47 -50.82 29.51
N THR E 176 -0.44 -49.59 29.00
CA THR E 176 0.78 -48.80 28.89
C THR E 176 0.44 -47.36 29.29
N CYS E 177 1.47 -46.55 29.53
CA CYS E 177 1.27 -45.14 29.83
C CYS E 177 0.71 -44.41 28.61
N GLN E 178 1.36 -44.57 27.45
CA GLN E 178 0.92 -43.89 26.24
C GLN E 178 1.36 -44.62 24.97
N LEU E 179 2.43 -45.40 25.02
CA LEU E 179 2.95 -46.06 23.82
C LEU E 179 1.94 -47.07 23.30
N GLN E 180 1.64 -46.97 22.00
CA GLN E 180 0.96 -48.02 21.25
C GLN E 180 1.85 -48.40 20.07
N MET E 181 1.98 -49.71 19.79
CA MET E 181 2.74 -50.20 18.65
C MET E 181 2.10 -51.43 18.04
N GLY E 182 2.29 -51.59 16.73
CA GLY E 182 1.81 -52.75 16.01
C GLY E 182 2.59 -52.97 14.71
N MET E 183 2.11 -53.93 13.92
CA MET E 183 2.83 -54.42 12.75
C MET E 183 1.83 -54.79 11.67
N THR E 184 1.97 -54.17 10.49
CA THR E 184 1.06 -54.36 9.38
C THR E 184 1.81 -55.05 8.24
N GLU E 185 1.25 -56.19 7.79
CA GLU E 185 1.86 -57.03 6.76
C GLU E 185 1.05 -56.93 5.46
N LEU E 186 1.69 -56.42 4.39
CA LEU E 186 1.07 -56.33 3.08
C LEU E 186 1.11 -57.69 2.39
N ALA E 187 0.05 -58.00 1.63
CA ALA E 187 -0.01 -59.22 0.82
C ALA E 187 0.87 -59.09 -0.41
N PRO E 188 1.32 -60.20 -1.03
CA PRO E 188 2.05 -60.11 -2.29
C PRO E 188 1.26 -59.37 -3.38
N GLY E 189 1.94 -58.47 -4.10
CA GLY E 189 1.33 -57.67 -5.14
C GLY E 189 0.56 -56.46 -4.61
N SER E 190 0.55 -56.27 -3.28
CA SER E 190 0.00 -55.08 -2.63
C SER E 190 1.15 -54.21 -2.11
N VAL E 191 1.06 -52.91 -2.37
CA VAL E 191 2.18 -52.00 -2.14
C VAL E 191 1.73 -50.76 -1.37
N TRP E 192 0.43 -50.56 -1.16
CA TRP E 192 -0.08 -49.38 -0.48
C TRP E 192 -0.41 -49.70 0.97
N ASN E 193 0.01 -48.83 1.89
CA ASN E 193 -0.67 -48.69 3.17
C ASN E 193 -1.59 -47.48 3.07
N THR E 194 -2.90 -47.73 3.22
CA THR E 194 -3.92 -46.69 3.14
C THR E 194 -4.41 -46.39 4.54
N ARG E 203 -2.47 -38.11 14.28
CA ARG E 203 -1.47 -38.05 15.37
C ARG E 203 -0.07 -38.31 14.81
N MET E 204 0.94 -38.07 15.64
CA MET E 204 2.32 -38.31 15.27
C MET E 204 2.66 -39.79 15.44
N GLU E 205 3.33 -40.34 14.43
CA GLU E 205 3.67 -41.75 14.38
C GLU E 205 5.05 -41.92 13.76
N ALA E 206 5.75 -42.98 14.18
CA ALA E 206 6.98 -43.40 13.53
C ALA E 206 6.70 -44.70 12.78
N TYR E 207 7.09 -44.73 11.50
CA TYR E 207 6.91 -45.89 10.65
C TYR E 207 8.29 -46.47 10.30
N PHE E 208 8.42 -47.80 10.43
CA PHE E 208 9.65 -48.51 10.10
C PHE E 208 9.32 -49.65 9.16
N TYR E 209 10.00 -49.69 8.01
CA TYR E 209 9.67 -50.59 6.91
C TYR E 209 10.74 -51.67 6.78
N PHE E 210 10.29 -52.92 6.56
CA PHE E 210 11.22 -54.04 6.40
C PHE E 210 10.53 -55.17 5.64
N GLU E 211 11.24 -56.30 5.53
CA GLU E 211 10.79 -57.48 4.80
C GLU E 211 10.45 -57.06 3.37
N ILE E 212 11.33 -56.26 2.77
CA ILE E 212 11.24 -55.87 1.38
C ILE E 212 12.63 -56.09 0.78
N PRO E 213 12.75 -56.65 -0.45
CA PRO E 213 14.05 -56.82 -1.08
C PRO E 213 14.86 -55.53 -1.19
N GLU E 214 16.16 -55.69 -1.45
CA GLU E 214 17.13 -54.61 -1.33
C GLU E 214 17.11 -53.74 -2.59
N ASP E 215 16.67 -54.31 -3.71
CA ASP E 215 16.60 -53.59 -4.97
C ASP E 215 15.28 -52.82 -5.11
N HIS E 216 14.40 -52.90 -4.10
CA HIS E 216 13.10 -52.22 -4.15
C HIS E 216 13.11 -51.01 -3.21
N ALA E 217 12.12 -50.14 -3.39
CA ALA E 217 12.06 -48.87 -2.67
C ALA E 217 10.63 -48.57 -2.24
N ILE E 218 10.53 -47.74 -1.20
CA ILE E 218 9.26 -47.29 -0.66
C ILE E 218 9.15 -45.80 -0.88
N CYS E 219 8.05 -45.35 -1.49
CA CYS E 219 7.72 -43.95 -1.57
C CYS E 219 6.80 -43.59 -0.41
N HIS E 220 7.36 -42.94 0.62
CA HIS E 220 6.61 -42.54 1.80
C HIS E 220 6.11 -41.11 1.65
N PHE E 221 4.78 -40.94 1.74
CA PHE E 221 4.14 -39.66 1.51
C PHE E 221 4.02 -38.91 2.83
N MET E 222 4.07 -37.57 2.74
CA MET E 222 3.93 -36.72 3.90
C MET E 222 3.40 -35.37 3.46
N GLY E 223 3.19 -34.48 4.43
CA GLY E 223 2.68 -33.14 4.15
C GLY E 223 1.18 -33.08 4.42
N GLU E 224 0.64 -31.86 4.49
CA GLU E 224 -0.79 -31.65 4.63
C GLU E 224 -1.48 -32.07 3.35
N VAL E 225 -2.74 -32.51 3.48
CA VAL E 225 -3.57 -32.76 2.31
C VAL E 225 -3.56 -31.51 1.43
N GLY E 226 -3.33 -31.70 0.13
CA GLY E 226 -3.32 -30.60 -0.81
C GLY E 226 -1.94 -29.97 -0.94
N GLU E 227 -0.98 -30.40 -0.11
CA GLU E 227 0.38 -29.90 -0.20
C GLU E 227 1.35 -31.04 0.12
N THR E 228 1.17 -32.18 -0.57
CA THR E 228 1.83 -33.41 -0.19
C THR E 228 3.23 -33.47 -0.81
N ARG E 229 4.10 -34.21 -0.14
CA ARG E 229 5.47 -34.44 -0.55
C ARG E 229 5.75 -35.93 -0.38
N HIS E 230 6.97 -36.35 -0.70
CA HIS E 230 7.34 -37.73 -0.48
C HIS E 230 8.82 -37.82 -0.12
N VAL E 231 9.21 -39.00 0.35
CA VAL E 231 10.60 -39.32 0.58
C VAL E 231 10.80 -40.79 0.21
N TRP E 232 11.88 -41.07 -0.55
CA TRP E 232 12.18 -42.43 -0.96
C TRP E 232 12.96 -43.15 0.13
N MET E 233 12.45 -44.34 0.51
CA MET E 233 13.01 -45.11 1.60
C MET E 233 13.42 -46.50 1.12
N LYS E 234 14.26 -47.14 1.94
CA LYS E 234 14.66 -48.53 1.75
C LYS E 234 14.25 -49.31 2.99
N GLY E 235 14.30 -50.63 2.89
CA GLY E 235 14.10 -51.50 4.03
C GLY E 235 15.03 -51.16 5.19
N ASP E 236 14.58 -51.44 6.41
CA ASP E 236 15.30 -51.15 7.64
C ASP E 236 15.52 -49.66 7.85
N GLN E 237 14.62 -48.82 7.30
CA GLN E 237 14.64 -47.39 7.53
C GLN E 237 13.32 -46.98 8.16
N ALA E 238 13.33 -45.88 8.94
CA ALA E 238 12.16 -45.40 9.63
C ALA E 238 11.90 -43.94 9.26
N VAL E 239 10.66 -43.48 9.46
CA VAL E 239 10.29 -42.11 9.12
C VAL E 239 9.39 -41.56 10.22
N LEU E 240 9.60 -40.29 10.56
CA LEU E 240 8.76 -39.57 11.51
C LEU E 240 7.64 -38.89 10.74
N SER E 241 6.39 -39.17 11.16
CA SER E 241 5.20 -38.65 10.51
C SER E 241 4.45 -37.76 11.50
N PRO E 242 4.54 -36.42 11.38
CA PRO E 242 3.84 -35.50 12.28
C PRO E 242 2.32 -35.59 12.22
N GLU E 243 1.67 -35.10 13.28
CA GLU E 243 0.23 -35.06 13.40
C GLU E 243 -0.44 -34.31 12.25
N TRP E 244 0.27 -33.34 11.65
CA TRP E 244 -0.29 -32.56 10.57
C TRP E 244 -0.06 -33.21 9.21
N SER E 245 0.64 -34.35 9.17
CA SER E 245 1.08 -34.93 7.91
C SER E 245 0.30 -36.21 7.59
N ILE E 246 0.04 -36.43 6.30
CA ILE E 246 -0.47 -37.71 5.83
C ILE E 246 0.65 -38.73 5.99
N HIS E 247 0.32 -40.02 5.86
CA HIS E 247 1.32 -41.06 6.13
C HIS E 247 1.16 -42.28 5.22
N SER E 248 0.52 -42.12 4.06
CA SER E 248 0.42 -43.22 3.11
C SER E 248 1.81 -43.51 2.51
N ALA E 249 1.95 -44.72 1.97
CA ALA E 249 3.18 -45.13 1.30
C ALA E 249 2.87 -46.14 0.20
N ALA E 250 3.58 -46.02 -0.91
CA ALA E 250 3.53 -46.99 -1.99
C ALA E 250 4.96 -47.45 -2.28
N ALA E 251 5.19 -48.76 -2.19
CA ALA E 251 6.48 -49.32 -2.51
C ALA E 251 6.41 -50.01 -3.86
N THR E 252 7.57 -50.46 -4.37
CA THR E 252 7.65 -51.09 -5.67
C THR E 252 7.53 -52.61 -5.53
N HIS E 253 7.00 -53.05 -4.38
CA HIS E 253 6.96 -54.45 -3.95
C HIS E 253 6.26 -54.47 -2.59
N ASN E 254 5.80 -55.64 -2.12
CA ASN E 254 5.17 -55.72 -0.81
C ASN E 254 6.21 -55.66 0.30
N TYR E 255 5.75 -55.47 1.54
CA TYR E 255 6.59 -55.18 2.68
C TYR E 255 5.79 -55.33 3.98
N THR E 256 6.52 -55.28 5.10
CA THR E 256 5.92 -55.16 6.43
C THR E 256 6.38 -53.84 7.04
N PHE E 257 5.58 -53.27 7.95
CA PHE E 257 6.01 -52.06 8.65
C PHE E 257 5.52 -52.10 10.09
N ILE E 258 6.36 -51.52 10.96
CA ILE E 258 6.05 -51.32 12.36
C ILE E 258 5.62 -49.86 12.55
N TRP E 259 4.54 -49.66 13.31
CA TRP E 259 4.07 -48.33 13.64
C TRP E 259 4.06 -48.15 15.16
N GLY E 260 4.38 -46.93 15.59
CA GLY E 260 4.35 -46.59 17.00
C GLY E 260 3.92 -45.15 17.20
N MET E 261 3.21 -44.91 18.30
CA MET E 261 2.69 -43.59 18.61
C MET E 261 2.51 -43.44 20.12
N GLY E 262 2.46 -42.19 20.57
CA GLY E 262 2.10 -41.85 21.93
C GLY E 262 1.00 -40.81 21.95
N GLY E 263 1.10 -39.85 22.88
CA GLY E 263 0.17 -38.74 22.94
C GLY E 263 -1.19 -39.18 23.48
N GLU E 264 -2.25 -38.68 22.84
CA GLU E 264 -3.62 -38.85 23.33
C GLU E 264 -4.49 -39.41 22.20
N MET F 1 -50.05 38.32 -33.20
CA MET F 1 -49.13 37.48 -32.38
C MET F 1 -49.25 36.03 -32.83
N LYS F 2 -48.19 35.52 -33.47
CA LYS F 2 -48.13 34.15 -33.95
C LYS F 2 -46.69 33.67 -33.87
N THR F 3 -46.49 32.43 -33.40
CA THR F 3 -45.19 31.80 -33.37
C THR F 3 -45.12 30.70 -34.43
N ASN F 4 -44.06 30.75 -35.26
CA ASN F 4 -43.68 29.65 -36.14
C ASN F 4 -42.30 29.14 -35.75
N TYR F 5 -42.14 27.82 -35.71
CA TYR F 5 -40.82 27.23 -35.54
C TYR F 5 -40.68 26.02 -36.47
N GLU F 6 -39.43 25.68 -36.79
CA GLU F 6 -39.13 24.43 -37.45
C GLU F 6 -37.87 23.83 -36.83
N ILE F 7 -37.85 22.49 -36.76
CA ILE F 7 -36.68 21.77 -36.30
C ILE F 7 -35.82 21.45 -37.52
N ARG F 8 -34.50 21.65 -37.40
CA ARG F 8 -33.58 21.25 -38.45
C ARG F 8 -32.55 20.30 -37.87
N TYR F 9 -32.31 19.20 -38.59
CA TYR F 9 -31.42 18.16 -38.12
C TYR F 9 -30.00 18.55 -38.48
N ALA F 10 -29.05 17.96 -37.75
CA ALA F 10 -27.62 18.09 -38.02
C ALA F 10 -27.28 17.25 -39.25
N ALA F 11 -26.06 17.42 -39.76
CA ALA F 11 -25.62 16.71 -40.95
C ALA F 11 -24.17 16.28 -40.82
N HIS F 12 -23.84 15.23 -41.58
CA HIS F 12 -22.49 14.69 -41.66
C HIS F 12 -21.78 15.36 -42.83
N PRO F 13 -20.49 15.78 -42.68
CA PRO F 13 -19.77 16.41 -43.79
C PRO F 13 -19.67 15.57 -45.05
N GLU F 14 -19.52 14.24 -44.87
CA GLU F 14 -19.45 13.31 -45.99
C GLU F 14 -20.74 13.37 -46.80
N ASP F 15 -21.87 13.56 -46.13
CA ASP F 15 -23.16 13.64 -46.80
C ASP F 15 -23.33 15.01 -47.44
N ALA F 16 -22.88 16.06 -46.73
CA ALA F 16 -23.14 17.44 -47.11
C ALA F 16 -22.47 17.81 -48.42
N LYS F 17 -21.39 17.11 -48.78
CA LYS F 17 -20.63 17.43 -49.98
C LYS F 17 -21.45 17.13 -51.25
N SER F 18 -22.49 16.31 -51.12
CA SER F 18 -23.34 15.97 -52.25
C SER F 18 -24.56 16.88 -52.36
N TYR F 19 -24.73 17.83 -51.43
CA TYR F 19 -25.91 18.68 -51.41
C TYR F 19 -25.90 19.69 -52.57
N ASP F 20 -27.05 19.85 -53.23
CA ASP F 20 -27.21 20.85 -54.27
C ASP F 20 -27.63 22.18 -53.63
N THR F 21 -27.78 23.22 -54.47
CA THR F 21 -28.07 24.56 -53.99
C THR F 21 -29.37 24.56 -53.19
N THR F 22 -30.40 23.86 -53.68
CA THR F 22 -31.72 23.85 -53.06
C THR F 22 -31.62 23.24 -51.65
N ARG F 23 -30.88 22.14 -51.52
CA ARG F 23 -30.73 21.46 -50.24
C ARG F 23 -29.95 22.34 -49.25
N ILE F 24 -28.90 23.01 -49.73
CA ILE F 24 -28.09 23.87 -48.88
C ILE F 24 -28.95 25.01 -48.31
N ARG F 25 -29.80 25.61 -49.15
CA ARG F 25 -30.65 26.71 -48.75
C ARG F 25 -31.72 26.22 -47.75
N ARG F 26 -32.31 25.05 -48.01
CA ARG F 26 -33.36 24.52 -47.15
C ARG F 26 -32.83 24.28 -45.74
N ASP F 27 -31.59 23.76 -45.62
CA ASP F 27 -31.12 23.25 -44.34
C ASP F 27 -30.34 24.30 -43.55
N PHE F 28 -29.59 25.17 -44.23
CA PHE F 28 -28.64 26.04 -43.55
C PHE F 28 -29.13 27.49 -43.52
N LEU F 29 -29.94 27.88 -44.51
CA LEU F 29 -30.34 29.27 -44.68
C LEU F 29 -31.64 29.50 -43.94
N ILE F 30 -31.72 30.63 -43.22
CA ILE F 30 -32.92 31.04 -42.52
C ILE F 30 -33.38 32.36 -43.14
N GLU F 31 -34.36 32.26 -44.04
CA GLU F 31 -34.75 33.37 -44.88
C GLU F 31 -35.71 34.31 -44.14
N LYS F 32 -36.74 33.72 -43.52
CA LYS F 32 -37.84 34.47 -42.96
C LYS F 32 -37.64 34.65 -41.46
N ILE F 33 -36.99 35.75 -41.07
CA ILE F 33 -36.69 36.04 -39.68
C ILE F 33 -37.73 37.01 -39.13
N PHE F 34 -38.00 38.09 -39.88
CA PHE F 34 -38.85 39.19 -39.45
C PHE F 34 -40.10 39.27 -40.32
N VAL F 35 -41.24 38.95 -39.71
CA VAL F 35 -42.55 39.15 -40.32
C VAL F 35 -43.40 39.88 -39.29
N PRO F 36 -44.15 40.94 -39.68
CA PRO F 36 -44.88 41.74 -38.70
C PRO F 36 -45.70 40.90 -37.73
N ASN F 37 -45.47 41.14 -36.42
CA ASN F 37 -46.23 40.55 -35.34
C ASN F 37 -46.07 39.03 -35.30
N GLU F 38 -44.92 38.54 -35.79
CA GLU F 38 -44.60 37.12 -35.72
C GLU F 38 -43.29 36.96 -34.94
N VAL F 39 -43.18 35.84 -34.24
CA VAL F 39 -41.90 35.34 -33.76
C VAL F 39 -41.59 34.07 -34.55
N ASN F 40 -40.48 34.11 -35.31
CA ASN F 40 -40.09 33.02 -36.19
C ASN F 40 -38.77 32.45 -35.69
N MET F 41 -38.73 31.13 -35.50
CA MET F 41 -37.58 30.47 -34.89
C MET F 41 -37.18 29.23 -35.68
N VAL F 42 -35.90 28.88 -35.56
CA VAL F 42 -35.38 27.59 -35.99
C VAL F 42 -34.72 26.94 -34.78
N TYR F 43 -35.13 25.69 -34.51
CA TYR F 43 -34.47 24.86 -33.52
C TYR F 43 -33.49 23.94 -34.24
N SER F 44 -32.19 24.21 -34.09
CA SER F 44 -31.14 23.48 -34.79
C SER F 44 -30.54 22.39 -33.90
N MET F 45 -30.40 21.17 -34.44
CA MET F 45 -29.83 20.08 -33.68
C MET F 45 -28.30 20.21 -33.60
N TYR F 46 -27.73 21.25 -34.22
CA TYR F 46 -26.36 21.63 -33.91
C TYR F 46 -26.37 22.40 -32.59
N ASP F 47 -26.00 21.70 -31.50
CA ASP F 47 -25.89 22.26 -30.16
C ASP F 47 -27.23 22.79 -29.64
N ARG F 48 -28.34 22.37 -30.26
CA ARG F 48 -29.67 22.78 -29.86
C ARG F 48 -29.77 24.30 -29.79
N MET F 49 -29.18 24.97 -30.78
CA MET F 49 -29.30 26.43 -30.84
C MET F 49 -30.65 26.79 -31.45
N VAL F 50 -31.33 27.74 -30.81
CA VAL F 50 -32.52 28.36 -31.37
C VAL F 50 -32.11 29.70 -31.96
N VAL F 51 -32.48 29.92 -33.23
CA VAL F 51 -32.25 31.17 -33.93
C VAL F 51 -33.62 31.72 -34.30
N GLY F 52 -33.90 32.99 -33.94
CA GLY F 52 -35.23 33.55 -34.14
C GLY F 52 -35.22 35.06 -34.33
N GLY F 53 -36.36 35.57 -34.80
CA GLY F 53 -36.60 37.00 -34.94
C GLY F 53 -38.01 37.37 -34.51
N ALA F 54 -38.17 38.59 -33.97
CA ALA F 54 -39.45 39.13 -33.53
C ALA F 54 -39.61 40.56 -34.03
N LEU F 55 -40.75 40.86 -34.68
CA LEU F 55 -41.00 42.16 -35.30
C LEU F 55 -42.34 42.71 -34.80
N PRO F 56 -42.38 43.38 -33.61
CA PRO F 56 -43.62 43.93 -33.10
C PRO F 56 -44.04 45.20 -33.84
N VAL F 57 -45.20 45.13 -34.51
CA VAL F 57 -45.77 46.27 -35.20
C VAL F 57 -47.17 46.51 -34.63
N GLY F 58 -47.24 47.39 -33.63
CA GLY F 58 -48.50 47.73 -32.98
C GLY F 58 -48.99 46.62 -32.05
N GLU F 59 -48.07 45.76 -31.60
CA GLU F 59 -48.40 44.70 -30.67
C GLU F 59 -47.21 44.46 -29.74
N VAL F 60 -47.51 43.75 -28.64
CA VAL F 60 -46.51 43.18 -27.75
C VAL F 60 -46.45 41.67 -28.02
N LEU F 61 -45.29 41.19 -28.47
CA LEU F 61 -45.09 39.79 -28.79
C LEU F 61 -44.48 39.08 -27.57
N THR F 62 -44.92 37.84 -27.33
CA THR F 62 -44.39 37.03 -26.24
C THR F 62 -43.56 35.88 -26.84
N LEU F 63 -42.44 35.57 -26.17
CA LEU F 63 -41.59 34.46 -26.55
C LEU F 63 -42.17 33.17 -25.97
N GLU F 64 -42.71 32.31 -26.83
CA GLU F 64 -43.45 31.14 -26.39
C GLU F 64 -42.50 29.95 -26.22
N ALA F 65 -42.85 29.07 -25.27
CA ALA F 65 -42.11 27.84 -25.02
C ALA F 65 -42.51 26.77 -26.04
N ILE F 66 -41.95 26.86 -27.24
CA ILE F 66 -42.26 25.93 -28.33
C ILE F 66 -42.02 24.49 -27.86
N ASP F 67 -42.76 23.56 -28.48
CA ASP F 67 -42.83 22.18 -28.03
C ASP F 67 -41.44 21.56 -27.81
N PRO F 68 -40.48 21.65 -28.76
CA PRO F 68 -39.19 20.99 -28.59
C PRO F 68 -38.42 21.39 -27.32
N LEU F 69 -38.80 22.50 -26.69
CA LEU F 69 -38.17 22.92 -25.44
C LEU F 69 -38.63 22.02 -24.29
N LYS F 70 -39.90 21.57 -24.36
CA LYS F 70 -40.50 20.71 -23.35
C LYS F 70 -40.33 21.35 -21.97
N ALA F 71 -40.86 22.57 -21.83
CA ALA F 71 -40.72 23.34 -20.61
C ALA F 71 -41.84 24.37 -20.54
N PRO F 72 -42.19 24.88 -19.33
CA PRO F 72 -43.28 25.85 -19.20
C PRO F 72 -42.96 27.25 -19.73
N PHE F 73 -41.67 27.64 -19.67
CA PHE F 73 -41.24 28.91 -20.23
C PHE F 73 -40.02 28.67 -21.12
N PHE F 74 -39.84 29.56 -22.11
CA PHE F 74 -38.74 29.45 -23.05
C PHE F 74 -37.42 29.33 -22.28
N LEU F 75 -37.26 30.12 -21.21
CA LEU F 75 -35.99 30.23 -20.52
C LEU F 75 -35.90 29.37 -19.26
N THR F 76 -36.86 28.46 -19.04
CA THR F 76 -36.83 27.58 -17.88
C THR F 76 -35.41 27.04 -17.62
N ARG F 77 -34.76 26.52 -18.67
CA ARG F 77 -33.42 25.98 -18.54
C ARG F 77 -32.58 26.38 -19.76
N ARG F 78 -32.75 27.65 -20.18
CA ARG F 78 -32.06 28.18 -21.34
C ARG F 78 -31.56 29.60 -21.04
N GLU F 79 -30.59 30.05 -21.84
CA GLU F 79 -30.15 31.44 -21.85
C GLU F 79 -30.27 31.96 -23.28
N MET F 80 -30.36 33.29 -23.42
CA MET F 80 -30.48 33.85 -24.75
C MET F 80 -29.74 35.19 -24.84
N GLY F 81 -29.33 35.51 -26.07
CA GLY F 81 -28.79 36.80 -26.43
C GLY F 81 -29.68 37.44 -27.49
N ILE F 82 -29.97 38.73 -27.28
CA ILE F 82 -30.89 39.48 -28.13
C ILE F 82 -30.16 40.70 -28.69
N TYR F 83 -30.38 40.98 -29.98
CA TYR F 83 -29.95 42.22 -30.61
C TYR F 83 -31.16 42.87 -31.26
N ASN F 84 -31.27 44.19 -31.11
CA ASN F 84 -32.20 45.00 -31.88
C ASN F 84 -31.47 45.57 -33.08
N VAL F 85 -31.99 45.29 -34.28
CA VAL F 85 -31.39 45.77 -35.52
C VAL F 85 -32.43 46.59 -36.28
N GLY F 86 -33.31 47.26 -35.52
CA GLY F 86 -34.36 48.10 -36.09
C GLY F 86 -34.68 49.28 -35.16
N GLY F 87 -35.93 49.72 -35.20
CA GLY F 87 -36.38 50.87 -34.42
C GLY F 87 -36.26 50.61 -32.91
N PRO F 88 -36.36 51.66 -32.07
CA PRO F 88 -36.26 51.50 -30.62
C PRO F 88 -37.38 50.63 -30.06
N GLY F 89 -37.03 49.75 -29.12
CA GLY F 89 -37.96 48.77 -28.57
C GLY F 89 -37.67 48.48 -27.11
N ILE F 90 -38.46 47.56 -26.51
CA ILE F 90 -38.34 47.21 -25.11
C ILE F 90 -38.47 45.70 -24.96
N VAL F 91 -37.60 45.11 -24.12
CA VAL F 91 -37.66 43.69 -23.79
C VAL F 91 -37.98 43.56 -22.30
N LYS F 92 -39.08 42.86 -22.00
CA LYS F 92 -39.44 42.54 -20.63
C LYS F 92 -39.17 41.06 -20.37
N ALA F 93 -38.68 40.76 -19.15
CA ALA F 93 -38.41 39.41 -18.71
C ALA F 93 -38.82 39.30 -17.24
N GLY F 94 -40.06 38.87 -16.99
CA GLY F 94 -40.67 39.04 -15.68
C GLY F 94 -40.86 40.53 -15.39
N ASP F 95 -40.36 40.99 -14.23
CA ASP F 95 -40.49 42.38 -13.84
C ASP F 95 -39.25 43.19 -14.21
N ALA F 96 -38.31 42.59 -14.95
CA ALA F 96 -37.16 43.30 -15.49
C ALA F 96 -37.54 43.92 -16.83
N GLU F 97 -37.03 45.12 -17.09
CA GLU F 97 -37.37 45.86 -18.28
C GLU F 97 -36.10 46.43 -18.89
N PHE F 98 -35.97 46.32 -20.22
CA PHE F 98 -34.76 46.70 -20.92
C PHE F 98 -35.13 47.46 -22.18
N GLU F 99 -34.68 48.72 -22.27
CA GLU F 99 -34.77 49.50 -23.48
C GLU F 99 -33.57 49.15 -24.35
N LEU F 100 -33.84 48.74 -25.59
CA LEU F 100 -32.80 48.45 -26.55
C LEU F 100 -33.07 49.24 -27.82
N ASP F 101 -32.04 49.97 -28.26
CA ASP F 101 -32.05 50.67 -29.53
C ASP F 101 -31.15 49.93 -30.52
N TYR F 102 -31.05 50.46 -31.74
CA TYR F 102 -30.26 49.87 -32.81
C TYR F 102 -28.87 49.50 -32.31
N LYS F 103 -28.49 48.24 -32.56
CA LYS F 103 -27.14 47.71 -32.36
C LYS F 103 -26.83 47.51 -30.88
N GLU F 104 -27.87 47.51 -30.04
CA GLU F 104 -27.72 47.22 -28.62
C GLU F 104 -28.16 45.78 -28.37
N ALA F 105 -27.52 45.13 -27.39
CA ALA F 105 -27.74 43.72 -27.09
C ALA F 105 -28.11 43.51 -25.62
N LEU F 106 -28.63 42.31 -25.35
CA LEU F 106 -29.16 41.92 -24.04
C LEU F 106 -29.01 40.41 -23.84
N TYR F 107 -28.29 40.02 -22.78
CA TYR F 107 -28.29 38.65 -22.28
C TYR F 107 -29.41 38.49 -21.26
N LEU F 108 -30.21 37.42 -21.41
CA LEU F 108 -31.19 37.00 -20.42
C LEU F 108 -30.84 35.59 -19.92
N GLY F 109 -30.79 35.44 -18.59
CA GLY F 109 -30.48 34.17 -17.94
C GLY F 109 -31.72 33.30 -17.73
N SER F 110 -31.47 32.05 -17.32
CA SER F 110 -32.53 31.06 -17.14
C SER F 110 -33.43 31.43 -15.95
N GLY F 111 -34.67 30.91 -16.00
CA GLY F 111 -35.68 31.16 -14.98
C GLY F 111 -37.08 31.10 -15.60
N ASP F 112 -38.07 30.76 -14.77
CA ASP F 112 -39.46 30.71 -15.21
C ASP F 112 -40.01 32.13 -15.26
N ARG F 113 -39.69 32.84 -16.35
CA ARG F 113 -40.15 34.21 -16.54
C ARG F 113 -40.75 34.34 -17.94
N VAL F 114 -41.76 35.22 -18.05
CA VAL F 114 -42.34 35.56 -19.35
C VAL F 114 -41.43 36.59 -20.01
N VAL F 115 -41.14 36.37 -21.30
CA VAL F 115 -40.35 37.32 -22.07
C VAL F 115 -41.25 37.91 -23.15
N THR F 116 -41.19 39.24 -23.32
CA THR F 116 -41.99 39.93 -24.30
C THR F 116 -41.12 40.92 -25.06
N PHE F 117 -41.52 41.17 -26.31
CA PHE F 117 -40.86 42.13 -27.19
C PHE F 117 -41.90 43.16 -27.62
N GLU F 118 -41.51 44.44 -27.65
CA GLU F 118 -42.41 45.47 -28.12
C GLU F 118 -41.62 46.63 -28.72
N SER F 119 -42.30 47.37 -29.59
CA SER F 119 -41.75 48.56 -30.23
C SER F 119 -42.36 49.80 -29.61
N LYS F 120 -41.59 50.90 -29.57
CA LYS F 120 -42.05 52.17 -29.05
C LYS F 120 -42.93 52.88 -30.08
N ASP F 121 -42.56 52.78 -31.36
CA ASP F 121 -43.34 53.35 -32.45
C ASP F 121 -43.56 52.29 -33.52
N ALA F 122 -44.83 51.97 -33.77
CA ALA F 122 -45.20 50.94 -34.74
C ALA F 122 -44.81 51.35 -36.16
N ALA F 123 -44.67 52.65 -36.41
CA ALA F 123 -44.19 53.14 -37.69
C ALA F 123 -42.72 52.74 -37.89
N HIS F 124 -41.93 52.82 -36.82
CA HIS F 124 -40.51 52.48 -36.84
C HIS F 124 -40.24 51.29 -35.94
N PRO F 125 -40.65 50.06 -36.34
CA PRO F 125 -40.64 48.92 -35.43
C PRO F 125 -39.24 48.38 -35.12
N ALA F 126 -39.07 47.89 -33.88
CA ALA F 126 -37.87 47.19 -33.49
C ALA F 126 -37.83 45.82 -34.17
N LYS F 127 -36.61 45.32 -34.42
CA LYS F 127 -36.39 44.02 -35.05
C LYS F 127 -35.42 43.23 -34.18
N PHE F 128 -35.97 42.32 -33.36
CA PHE F 128 -35.19 41.63 -32.34
C PHE F 128 -34.72 40.28 -32.89
N TYR F 129 -33.41 40.14 -33.06
CA TYR F 129 -32.78 38.89 -33.44
C TYR F 129 -32.15 38.24 -32.21
N PHE F 130 -32.34 36.92 -32.05
CA PHE F 130 -31.81 36.23 -30.88
C PHE F 130 -31.26 34.85 -31.21
N ASN F 131 -30.28 34.44 -30.39
CA ASN F 131 -29.81 33.06 -30.29
C ASN F 131 -30.00 32.57 -28.86
N SER F 132 -30.31 31.29 -28.70
CA SER F 132 -30.49 30.70 -27.39
C SER F 132 -29.86 29.30 -27.35
N LEU F 133 -29.26 28.98 -26.19
CA LEU F 133 -28.72 27.66 -25.91
C LEU F 133 -29.18 27.20 -24.54
N THR F 134 -29.01 25.91 -24.24
CA THR F 134 -29.38 25.38 -22.94
C THR F 134 -28.45 25.99 -21.89
N ALA F 135 -28.97 26.08 -20.65
CA ALA F 135 -28.26 26.67 -19.52
C ALA F 135 -28.60 25.88 -18.26
N HIS F 136 -27.58 25.25 -17.67
CA HIS F 136 -27.76 24.39 -16.50
C HIS F 136 -27.73 25.21 -15.22
N ARG F 137 -27.50 26.53 -15.35
CA ARG F 137 -27.62 27.46 -14.23
C ARG F 137 -27.91 28.86 -14.74
N ASN F 138 -28.36 29.71 -13.82
CA ASN F 138 -28.68 31.09 -14.10
C ASN F 138 -27.42 31.93 -13.99
N TYR F 139 -27.33 32.95 -14.85
CA TYR F 139 -26.44 34.09 -14.64
C TYR F 139 -27.27 35.36 -14.77
N PRO F 140 -26.86 36.49 -14.14
CA PRO F 140 -27.64 37.71 -14.20
C PRO F 140 -27.85 38.24 -15.61
N ASP F 141 -28.99 38.91 -15.82
CA ASP F 141 -29.24 39.61 -17.06
C ASP F 141 -28.23 40.74 -17.23
N ARG F 142 -28.01 41.17 -18.47
CA ARG F 142 -27.24 42.39 -18.71
C ARG F 142 -27.48 42.92 -20.13
N LYS F 143 -27.73 44.22 -20.20
CA LYS F 143 -27.76 44.96 -21.46
C LYS F 143 -26.33 45.34 -21.81
N VAL F 144 -25.96 45.16 -23.07
CA VAL F 144 -24.61 45.42 -23.52
C VAL F 144 -24.67 46.19 -24.85
N THR F 145 -24.01 47.36 -24.88
CA THR F 145 -23.89 48.15 -26.09
C THR F 145 -22.43 48.15 -26.54
N LYS F 146 -22.17 48.83 -27.66
CA LYS F 146 -20.84 48.92 -28.25
C LYS F 146 -19.87 49.61 -27.30
N ALA F 147 -20.37 50.50 -26.43
CA ALA F 147 -19.54 51.20 -25.46
C ALA F 147 -18.99 50.23 -24.41
N ASP F 148 -19.72 49.13 -24.17
CA ASP F 148 -19.35 48.14 -23.16
C ASP F 148 -18.50 47.03 -23.77
N ALA F 149 -18.37 47.04 -25.11
CA ALA F 149 -17.78 45.92 -25.84
C ALA F 149 -16.26 45.98 -25.77
N VAL F 150 -15.64 44.80 -25.84
CA VAL F 150 -14.24 44.67 -26.22
C VAL F 150 -14.17 44.77 -27.75
N VAL F 151 -13.59 45.88 -28.24
CA VAL F 151 -13.57 46.17 -29.66
C VAL F 151 -12.20 45.78 -30.21
N ALA F 152 -12.19 45.22 -31.43
CA ALA F 152 -10.97 44.82 -32.11
C ALA F 152 -11.10 45.15 -33.59
N GLU F 153 -10.27 46.10 -34.06
CA GLU F 153 -10.21 46.46 -35.47
C GLU F 153 -9.34 45.45 -36.20
N MET F 154 -9.85 44.93 -37.33
CA MET F 154 -9.15 43.93 -38.12
C MET F 154 -9.19 44.30 -39.60
N GLY F 155 -8.23 43.74 -40.35
CA GLY F 155 -8.23 43.81 -41.80
C GLY F 155 -7.70 45.15 -42.31
N SER F 156 -7.96 45.43 -43.59
CA SER F 156 -7.45 46.62 -44.25
C SER F 156 -8.28 46.93 -45.50
N LEU F 157 -8.08 48.13 -46.05
CA LEU F 157 -8.72 48.53 -47.29
C LEU F 157 -8.28 47.60 -48.42
N GLU F 158 -6.99 47.25 -48.44
CA GLU F 158 -6.39 46.49 -49.52
C GLU F 158 -6.94 45.06 -49.56
N GLY F 159 -7.32 44.53 -48.38
CA GLY F 159 -7.90 43.20 -48.25
C GLY F 159 -9.42 43.21 -48.42
N SER F 160 -10.01 44.40 -48.60
CA SER F 160 -11.46 44.58 -48.63
C SER F 160 -12.10 43.85 -47.46
N ASN F 161 -11.42 43.84 -46.31
CA ASN F 161 -11.90 43.16 -45.12
C ASN F 161 -11.71 44.04 -43.89
N HIS F 162 -11.73 45.37 -44.08
CA HIS F 162 -11.53 46.29 -42.97
C HIS F 162 -12.79 46.29 -42.12
N ARG F 163 -12.65 45.99 -40.83
CA ARG F 163 -13.83 45.71 -40.00
C ARG F 163 -13.52 45.86 -38.51
N ASN F 164 -14.58 46.11 -37.74
CA ASN F 164 -14.52 46.16 -36.28
C ASN F 164 -15.31 45.00 -35.69
N ILE F 165 -14.66 44.21 -34.83
CA ILE F 165 -15.25 43.08 -34.11
C ILE F 165 -15.67 43.53 -32.70
N ASN F 166 -16.96 43.84 -32.53
CA ASN F 166 -17.49 44.20 -31.22
C ASN F 166 -17.85 42.94 -30.45
N LYS F 167 -16.95 42.49 -29.57
CA LYS F 167 -17.19 41.35 -28.71
C LYS F 167 -18.04 41.79 -27.51
N MET F 168 -19.32 41.41 -27.52
CA MET F 168 -20.30 42.01 -26.63
C MET F 168 -20.75 41.00 -25.57
N LEU F 169 -21.61 40.05 -25.94
CA LEU F 169 -22.02 39.00 -25.01
C LEU F 169 -20.97 37.89 -25.03
N VAL F 170 -19.81 38.20 -24.45
CA VAL F 170 -18.67 37.30 -24.43
C VAL F 170 -18.13 37.22 -23.00
N ASN F 171 -17.30 36.21 -22.74
CA ASN F 171 -16.94 35.84 -21.38
C ASN F 171 -16.04 36.92 -20.75
N GLN F 172 -15.38 37.75 -21.57
CA GLN F 172 -14.60 38.87 -21.07
C GLN F 172 -15.50 39.92 -20.44
N VAL F 173 -16.73 40.06 -20.96
CA VAL F 173 -17.64 41.10 -20.54
C VAL F 173 -18.55 40.59 -19.42
N LEU F 174 -19.16 39.40 -19.60
CA LEU F 174 -20.12 38.87 -18.64
C LEU F 174 -20.10 37.36 -18.66
N PRO F 175 -20.49 36.69 -17.54
CA PRO F 175 -20.55 35.24 -17.51
C PRO F 175 -21.81 34.69 -18.16
N THR F 176 -21.64 33.63 -18.96
CA THR F 176 -22.74 32.86 -19.52
C THR F 176 -22.40 31.38 -19.39
N CYS F 177 -23.40 30.50 -19.55
CA CYS F 177 -23.19 29.07 -19.49
C CYS F 177 -22.38 28.59 -20.70
N GLN F 178 -22.84 28.95 -21.91
CA GLN F 178 -22.14 28.54 -23.12
C GLN F 178 -22.28 29.54 -24.27
N LEU F 179 -23.33 30.37 -24.27
CA LEU F 179 -23.57 31.29 -25.36
C LEU F 179 -22.55 32.43 -25.36
N GLN F 180 -22.03 32.75 -26.55
CA GLN F 180 -21.32 33.98 -26.79
C GLN F 180 -21.78 34.60 -28.11
N MET F 181 -21.97 35.92 -28.11
CA MET F 181 -22.39 36.64 -29.30
C MET F 181 -21.60 37.94 -29.42
N GLY F 182 -21.52 38.43 -30.67
CA GLY F 182 -20.88 39.70 -30.98
C GLY F 182 -21.37 40.23 -32.32
N MET F 183 -20.76 41.34 -32.77
CA MET F 183 -21.23 42.07 -33.93
C MET F 183 -20.03 42.69 -34.64
N THR F 184 -19.88 42.35 -35.93
CA THR F 184 -18.75 42.81 -36.73
C THR F 184 -19.26 43.71 -37.85
N GLU F 185 -18.65 44.91 -37.96
CA GLU F 185 -19.05 45.92 -38.92
C GLU F 185 -17.92 46.10 -39.95
N LEU F 186 -18.26 45.91 -41.24
CA LEU F 186 -17.31 46.09 -42.34
C LEU F 186 -17.27 47.56 -42.72
N ALA F 187 -16.06 48.11 -42.88
CA ALA F 187 -15.87 49.47 -43.37
C ALA F 187 -16.44 49.61 -44.78
N PRO F 188 -16.83 50.83 -45.23
CA PRO F 188 -17.17 51.06 -46.63
C PRO F 188 -16.11 50.50 -47.59
N GLY F 189 -16.57 49.76 -48.59
CA GLY F 189 -15.70 49.22 -49.63
C GLY F 189 -15.02 47.92 -49.21
N SER F 190 -15.31 47.43 -47.99
CA SER F 190 -14.86 46.13 -47.53
C SER F 190 -16.02 45.13 -47.58
N VAL F 191 -15.74 43.91 -48.06
CA VAL F 191 -16.77 42.92 -48.30
C VAL F 191 -16.46 41.59 -47.61
N TRP F 192 -15.20 41.36 -47.20
CA TRP F 192 -14.76 40.06 -46.72
C TRP F 192 -14.81 39.99 -45.19
N ASN F 193 -15.37 38.89 -44.68
CA ASN F 193 -15.09 38.45 -43.32
C ASN F 193 -14.18 37.23 -43.40
N THR F 194 -13.01 37.33 -42.76
CA THR F 194 -11.91 36.39 -42.89
C THR F 194 -11.47 36.33 -44.34
N MET F 204 -19.97 25.19 -33.41
CA MET F 204 -21.07 25.61 -34.32
C MET F 204 -21.37 27.08 -34.09
N GLU F 205 -21.68 27.79 -35.17
CA GLU F 205 -21.94 29.22 -35.13
C GLU F 205 -23.16 29.56 -35.99
N ALA F 206 -23.82 30.67 -35.66
CA ALA F 206 -24.88 31.25 -36.48
C ALA F 206 -24.47 32.67 -36.86
N TYR F 207 -24.68 33.02 -38.13
CA TYR F 207 -24.36 34.34 -38.66
C TYR F 207 -25.63 35.00 -39.20
N PHE F 208 -25.84 36.26 -38.85
CA PHE F 208 -26.98 37.03 -39.32
C PHE F 208 -26.46 38.33 -39.93
N TYR F 209 -26.91 38.64 -41.15
CA TYR F 209 -26.39 39.78 -41.90
C TYR F 209 -27.46 40.87 -42.00
N PHE F 210 -27.01 42.11 -41.87
CA PHE F 210 -27.91 43.26 -41.97
C PHE F 210 -27.09 44.52 -42.28
N GLU F 211 -27.80 45.65 -42.40
CA GLU F 211 -27.18 46.93 -42.73
C GLU F 211 -26.50 46.81 -44.08
N ILE F 212 -27.26 46.31 -45.06
CA ILE F 212 -26.80 46.16 -46.43
C ILE F 212 -27.99 46.45 -47.33
N PRO F 213 -27.84 47.27 -48.41
CA PRO F 213 -28.98 47.61 -49.25
C PRO F 213 -29.66 46.38 -49.85
N GLU F 214 -30.98 46.48 -50.06
CA GLU F 214 -31.81 45.35 -50.45
C GLU F 214 -31.49 44.88 -51.87
N ASP F 215 -30.72 45.68 -52.63
CA ASP F 215 -30.34 45.32 -53.98
C ASP F 215 -28.99 44.60 -54.01
N HIS F 216 -28.40 44.33 -52.83
CA HIS F 216 -27.10 43.66 -52.73
C HIS F 216 -27.24 42.29 -52.08
N ALA F 217 -26.15 41.51 -52.06
CA ALA F 217 -26.18 40.14 -51.58
C ALA F 217 -24.86 39.77 -50.90
N ILE F 218 -24.93 38.71 -50.07
CA ILE F 218 -23.79 38.18 -49.36
C ILE F 218 -23.56 36.76 -49.85
N CYS F 219 -22.32 36.43 -50.19
CA CYS F 219 -21.95 35.04 -50.47
C CYS F 219 -21.33 34.46 -49.21
N HIS F 220 -22.08 33.59 -48.53
CA HIS F 220 -21.60 32.94 -47.32
C HIS F 220 -21.02 31.58 -47.70
N PHE F 221 -19.74 31.36 -47.36
CA PHE F 221 -19.05 30.12 -47.67
C PHE F 221 -19.26 29.11 -46.54
N MET F 222 -19.30 27.82 -46.91
CA MET F 222 -19.39 26.74 -45.95
C MET F 222 -18.64 25.53 -46.50
N GLY F 223 -18.71 24.42 -45.78
CA GLY F 223 -18.10 23.17 -46.19
C GLY F 223 -16.75 22.96 -45.51
N GLU F 224 -16.18 21.77 -45.68
CA GLU F 224 -14.83 21.49 -45.23
C GLU F 224 -13.85 22.19 -46.15
N VAL F 225 -12.62 22.40 -45.66
CA VAL F 225 -11.53 22.89 -46.47
C VAL F 225 -11.31 21.90 -47.61
N GLY F 226 -11.14 22.42 -48.84
CA GLY F 226 -10.89 21.58 -50.01
C GLY F 226 -12.18 21.10 -50.67
N GLU F 227 -13.33 21.38 -50.04
CA GLU F 227 -14.63 21.00 -50.58
C GLU F 227 -15.65 22.07 -50.21
N THR F 228 -15.30 23.35 -50.46
CA THR F 228 -16.12 24.47 -50.03
C THR F 228 -17.31 24.65 -50.97
N ARG F 229 -18.39 25.20 -50.40
CA ARG F 229 -19.62 25.50 -51.10
C ARG F 229 -20.02 26.91 -50.68
N HIS F 230 -21.16 27.41 -51.17
CA HIS F 230 -21.61 28.72 -50.71
C HIS F 230 -23.13 28.83 -50.78
N VAL F 231 -23.66 29.89 -50.19
CA VAL F 231 -25.07 30.23 -50.28
C VAL F 231 -25.20 31.74 -50.38
N TRP F 232 -26.06 32.20 -51.30
CA TRP F 232 -26.29 33.63 -51.49
C TRP F 232 -27.39 34.08 -50.53
N MET F 233 -27.12 35.18 -49.81
CA MET F 233 -27.99 35.66 -48.75
C MET F 233 -28.33 37.13 -48.99
N LYS F 234 -29.45 37.57 -48.36
CA LYS F 234 -29.89 38.95 -48.38
C LYS F 234 -29.84 39.49 -46.97
N GLY F 235 -29.97 40.81 -46.82
CA GLY F 235 -30.06 41.44 -45.52
C GLY F 235 -31.21 40.85 -44.70
N ASP F 236 -31.02 40.77 -43.38
CA ASP F 236 -32.03 40.29 -42.45
C ASP F 236 -32.24 38.78 -42.59
N GLN F 237 -31.19 38.07 -43.03
CA GLN F 237 -31.21 36.62 -43.11
C GLN F 237 -30.07 36.04 -42.27
N ALA F 238 -30.24 34.79 -41.83
CA ALA F 238 -29.22 34.13 -41.03
C ALA F 238 -28.84 32.79 -41.66
N VAL F 239 -27.69 32.25 -41.24
CA VAL F 239 -27.23 30.97 -41.73
C VAL F 239 -26.60 30.21 -40.57
N LEU F 240 -26.82 28.88 -40.56
CA LEU F 240 -26.25 27.96 -39.60
C LEU F 240 -24.95 27.41 -40.17
N SER F 241 -23.88 27.51 -39.39
CA SER F 241 -22.54 27.10 -39.77
C SER F 241 -22.09 25.94 -38.87
N PRO F 242 -22.11 24.67 -39.35
CA PRO F 242 -21.70 23.53 -38.53
C PRO F 242 -20.26 23.60 -38.04
N GLU F 243 -19.99 22.84 -36.97
CA GLU F 243 -18.66 22.76 -36.34
C GLU F 243 -17.61 22.31 -37.36
N TRP F 244 -18.01 21.45 -38.30
CA TRP F 244 -17.11 20.90 -39.31
C TRP F 244 -16.95 21.86 -40.50
N SER F 245 -17.63 23.01 -40.50
CA SER F 245 -17.66 23.88 -41.67
C SER F 245 -16.84 25.16 -41.46
N ILE F 246 -16.31 25.72 -42.55
CA ILE F 246 -15.75 27.07 -42.57
C ILE F 246 -16.91 28.06 -42.58
N HIS F 247 -16.62 29.37 -42.46
CA HIS F 247 -17.69 30.35 -42.25
C HIS F 247 -17.42 31.74 -42.82
N SER F 248 -16.47 31.90 -43.76
CA SER F 248 -16.16 33.22 -44.28
C SER F 248 -17.30 33.70 -45.19
N ALA F 249 -17.23 34.98 -45.59
CA ALA F 249 -18.25 35.53 -46.46
C ALA F 249 -17.71 36.71 -47.25
N ALA F 250 -18.23 36.88 -48.47
CA ALA F 250 -17.94 38.04 -49.32
C ALA F 250 -19.25 38.56 -49.90
N ALA F 251 -19.56 39.82 -49.65
CA ALA F 251 -20.81 40.41 -50.13
C ALA F 251 -20.50 41.37 -51.28
N THR F 252 -21.56 41.85 -51.96
CA THR F 252 -21.42 42.77 -53.08
C THR F 252 -21.43 44.23 -52.59
N HIS F 253 -21.50 44.41 -51.26
CA HIS F 253 -21.53 45.72 -50.61
C HIS F 253 -21.12 45.50 -49.15
N ASN F 254 -20.75 46.57 -48.43
CA ASN F 254 -20.41 46.42 -47.03
C ASN F 254 -21.68 46.13 -46.22
N TYR F 255 -21.49 45.63 -45.00
CA TYR F 255 -22.56 45.09 -44.18
C TYR F 255 -22.11 45.01 -42.72
N THR F 256 -23.07 44.72 -41.83
CA THR F 256 -22.76 44.30 -40.47
C THR F 256 -23.31 42.89 -40.26
N PHE F 257 -22.67 42.11 -39.38
CA PHE F 257 -23.22 40.82 -39.01
C PHE F 257 -23.07 40.55 -37.52
N ILE F 258 -24.05 39.79 -37.00
CA ILE F 258 -24.04 39.27 -35.64
C ILE F 258 -23.62 37.80 -35.70
N TRP F 259 -22.69 37.43 -34.84
CA TRP F 259 -22.26 36.05 -34.69
C TRP F 259 -22.66 35.53 -33.32
N GLY F 260 -22.94 34.23 -33.25
CA GLY F 260 -23.30 33.56 -32.01
C GLY F 260 -22.81 32.12 -32.05
N MET F 261 -22.40 31.58 -30.89
CA MET F 261 -21.80 30.27 -30.84
C MET F 261 -22.01 29.64 -29.47
N GLY F 262 -21.95 28.30 -29.46
CA GLY F 262 -21.99 27.49 -28.25
C GLY F 262 -21.33 26.13 -28.48
N GLY F 263 -21.44 25.23 -27.50
CA GLY F 263 -20.76 23.95 -27.54
C GLY F 263 -19.56 23.94 -26.59
N GLU F 264 -18.46 23.33 -27.03
CA GLU F 264 -17.22 23.34 -26.27
C GLU F 264 -16.03 23.32 -27.25
#